data_2VB8
#
_entry.id   2VB8
#
_cell.length_a   59.139
_cell.length_b   138.345
_cell.length_c   211.968
_cell.angle_alpha   90.00
_cell.angle_beta   90.00
_cell.angle_gamma   90.00
#
_symmetry.space_group_name_H-M   'P 21 21 21'
#
loop_
_entity.id
_entity.type
_entity.pdbx_description
1 polymer '3-OXOACYL-[ACYL-CARRIER-PROTEIN] SYNTHASE 1'
2 non-polymer THIOLACTOMYCIN
3 non-polymer 'CHLORIDE ION'
4 water water
#
_entity_poly.entity_id   1
_entity_poly.type   'polypeptide(L)'
_entity_poly.pdbx_seq_one_letter_code
;MKRAVITGLGIVSSIGNNQQEVLASLREGRSGITFSQELKDSGMRSHVWGNVKLDTTGLIDRKVVRFMSDASIYAFLSME
QAIADAGLSPEAYQNNPRVGLIAGSGGGSPRFQVFGADAMRGPRGLKAVGPYVVTKAMASGVSACLATPFKIHGVNYSIS
SACATSAHCIGNAVEQIQLGKQDIVFAGGGEELCWEMACEFDAMGALSTKYNDTPEKASRTYDAHRDGFVIAGGGGMVVV
EELEHALARGAHIYAEIVGYGATSDGADMVAPSGEGAVRCMKMAMHGVDTPIDYLNSHGTSTPVGDVKELAAIREVFGDK
SPAISATKAMTGHSLGAAGVQEAIYSLLMLEHGFIAPSINIEELDEQAAGLNIVTETTDRELTTVMSNSFGFGGTNATLV
MRKLKD
;
_entity_poly.pdbx_strand_id   A,B,C,D
#
loop_
_chem_comp.id
_chem_comp.type
_chem_comp.name
_chem_comp.formula
CL non-polymer 'CHLORIDE ION' 'Cl -1'
TLM non-polymer THIOLACTOMYCIN 'C11 H14 O2 S'
#
# COMPACT_ATOMS: atom_id res chain seq x y z
C MET A 1 -50.64 15.40 9.73
N LYS A 2 -49.44 15.87 10.04
CA LYS A 2 -48.73 16.80 9.13
C LYS A 2 -48.28 16.04 7.88
N ARG A 3 -48.24 16.76 6.76
CA ARG A 3 -47.83 16.23 5.47
C ARG A 3 -46.41 16.65 5.18
N ALA A 4 -45.68 15.78 4.48
CA ALA A 4 -44.28 15.98 4.20
C ALA A 4 -44.08 16.07 2.70
N VAL A 5 -43.29 17.06 2.28
CA VAL A 5 -42.96 17.24 0.86
C VAL A 5 -41.48 17.35 0.65
N ILE A 6 -41.04 17.14 -0.58
CA ILE A 6 -39.61 17.24 -0.93
C ILE A 6 -39.42 18.58 -1.66
N THR A 7 -38.56 19.42 -1.11
CA THR A 7 -38.39 20.78 -1.64
C THR A 7 -37.00 21.05 -2.20
N GLY A 8 -36.14 20.04 -2.24
CA GLY A 8 -34.81 20.19 -2.77
C GLY A 8 -34.15 18.85 -2.89
N LEU A 9 -33.29 18.71 -3.88
CA LEU A 9 -32.54 17.46 -4.01
C LEU A 9 -31.09 17.72 -4.46
N GLY A 10 -30.21 16.78 -4.14
CA GLY A 10 -28.81 16.87 -4.54
C GLY A 10 -28.33 15.45 -4.76
N ILE A 11 -27.39 15.26 -5.68
CA ILE A 11 -26.94 13.90 -6.00
C ILE A 11 -25.53 13.87 -6.60
N VAL A 12 -24.73 12.87 -6.19
CA VAL A 12 -23.43 12.61 -6.81
C VAL A 12 -23.48 11.13 -7.13
N SER A 13 -23.55 10.78 -8.41
CA SER A 13 -23.85 9.41 -8.82
C SER A 13 -22.95 8.99 -9.98
N SER A 14 -22.93 7.70 -10.23
CA SER A 14 -22.18 7.15 -11.37
C SER A 14 -22.68 7.72 -12.71
N ILE A 15 -23.91 8.23 -12.72
CA ILE A 15 -24.50 8.76 -13.97
C ILE A 15 -24.65 10.29 -13.95
N GLY A 16 -24.04 10.95 -12.95
CA GLY A 16 -24.03 12.39 -12.97
C GLY A 16 -23.68 13.00 -11.64
N ASN A 17 -23.02 14.16 -11.70
CA ASN A 17 -22.53 14.79 -10.49
C ASN A 17 -23.48 15.85 -9.97
N ASN A 18 -24.65 15.94 -10.62
CA ASN A 18 -25.68 16.91 -10.24
C ASN A 18 -26.99 16.52 -10.95
N GLN A 19 -28.08 17.19 -10.64
CA GLN A 19 -29.38 16.72 -11.16
C GLN A 19 -29.51 16.92 -12.68
N GLN A 20 -28.78 17.90 -13.25
CA GLN A 20 -28.84 18.12 -14.70
C GLN A 20 -28.19 16.96 -15.44
N GLU A 21 -26.99 16.56 -14.99
CA GLU A 21 -26.30 15.43 -15.61
C GLU A 21 -27.10 14.15 -15.40
N VAL A 22 -27.68 13.98 -14.21
CA VAL A 22 -28.43 12.75 -13.92
C VAL A 22 -29.66 12.65 -14.83
N LEU A 23 -30.35 13.78 -14.96
CA LEU A 23 -31.53 13.86 -15.85
C LEU A 23 -31.19 13.47 -17.28
N ALA A 24 -30.06 13.98 -17.76
CA ALA A 24 -29.64 13.71 -19.14
C ALA A 24 -29.32 12.24 -19.28
N SER A 25 -28.62 11.66 -18.28
CA SER A 25 -28.24 10.24 -18.36
C SER A 25 -29.48 9.34 -18.37
N LEU A 26 -30.46 9.70 -17.54
CA LEU A 26 -31.67 8.88 -17.38
C LEU A 26 -32.42 8.90 -18.70
N ARG A 27 -32.52 10.08 -19.32
CA ARG A 27 -33.20 10.16 -20.63
C ARG A 27 -32.46 9.43 -21.76
N GLU A 28 -31.13 9.38 -21.68
CA GLU A 28 -30.34 8.74 -22.73
C GLU A 28 -30.12 7.26 -22.49
N GLY A 29 -30.52 6.73 -21.33
CA GLY A 29 -30.21 5.37 -21.01
C GLY A 29 -28.72 5.13 -20.87
N ARG A 30 -28.00 6.15 -20.38
CA ARG A 30 -26.53 6.13 -20.35
C ARG A 30 -26.01 5.34 -19.15
N SER A 31 -25.13 4.38 -19.42
CA SER A 31 -24.43 3.61 -18.38
C SER A 31 -23.44 4.47 -17.60
N GLY A 32 -23.40 4.26 -16.29
CA GLY A 32 -22.35 4.86 -15.45
C GLY A 32 -21.27 3.86 -15.06
N ILE A 33 -21.27 2.68 -15.68
CA ILE A 33 -20.41 1.58 -15.27
C ILE A 33 -19.12 1.60 -16.08
N THR A 34 -18.01 1.45 -15.38
CA THR A 34 -16.69 1.37 -16.02
C THR A 34 -15.87 0.18 -15.51
N PHE A 35 -14.81 -0.17 -16.24
CA PHE A 35 -13.83 -1.12 -15.78
C PHE A 35 -13.04 -0.56 -14.57
N SER A 36 -12.77 -1.40 -13.57
CA SER A 36 -11.96 -0.97 -12.43
C SER A 36 -10.69 -1.77 -12.28
N GLN A 37 -9.55 -1.11 -12.54
CA GLN A 37 -8.25 -1.73 -12.26
C GLN A 37 -8.04 -2.01 -10.77
N GLU A 38 -8.60 -1.13 -9.91
CA GLU A 38 -8.56 -1.33 -8.47
C GLU A 38 -9.17 -2.68 -8.08
N LEU A 39 -10.39 -2.94 -8.56
CA LEU A 39 -11.03 -4.22 -8.24
C LEU A 39 -10.28 -5.43 -8.79
N LYS A 40 -9.81 -5.29 -10.04
CA LYS A 40 -9.03 -6.36 -10.65
C LYS A 40 -7.75 -6.61 -9.82
N ASP A 41 -7.03 -5.53 -9.50
CA ASP A 41 -5.76 -5.65 -8.76
C ASP A 41 -5.95 -6.31 -7.40
N SER A 42 -7.15 -6.12 -6.81
CA SER A 42 -7.40 -6.67 -5.48
C SER A 42 -7.57 -8.18 -5.49
N GLY A 43 -7.71 -8.78 -6.69
CA GLY A 43 -7.93 -10.24 -6.78
C GLY A 43 -9.39 -10.66 -6.95
N MET A 44 -10.25 -9.67 -7.15
CA MET A 44 -11.68 -9.95 -7.31
C MET A 44 -11.96 -10.58 -8.66
N ARG A 45 -13.15 -11.19 -8.78
CA ARG A 45 -13.64 -11.72 -10.06
C ARG A 45 -14.48 -10.69 -10.78
N SER A 46 -15.13 -9.81 -10.03
CA SER A 46 -15.85 -8.69 -10.59
C SER A 46 -14.90 -7.51 -10.80
N HIS A 47 -14.79 -7.02 -12.04
CA HIS A 47 -13.87 -5.91 -12.31
C HIS A 47 -14.58 -4.69 -12.81
N VAL A 48 -15.87 -4.52 -12.44
CA VAL A 48 -16.63 -3.38 -12.94
C VAL A 48 -17.31 -2.66 -11.81
N TRP A 49 -17.51 -1.36 -11.99
CA TRP A 49 -18.15 -0.54 -10.94
C TRP A 49 -18.80 0.70 -11.45
N GLY A 50 -19.73 1.20 -10.66
CA GLY A 50 -20.37 2.49 -10.89
C GLY A 50 -19.68 3.56 -10.06
N ASN A 51 -18.64 4.14 -10.63
CA ASN A 51 -17.79 5.10 -9.94
C ASN A 51 -18.27 6.54 -10.06
N VAL A 52 -17.97 7.34 -9.04
CA VAL A 52 -18.18 8.76 -9.11
C VAL A 52 -17.02 9.36 -9.92
N LYS A 53 -17.37 10.05 -11.00
CA LYS A 53 -16.40 10.67 -11.91
C LYS A 53 -16.31 12.14 -11.55
N LEU A 54 -15.64 12.43 -10.45
CA LEU A 54 -15.57 13.80 -9.94
C LEU A 54 -14.32 13.93 -9.10
N ASP A 55 -13.50 14.94 -9.41
CA ASP A 55 -12.39 15.28 -8.54
C ASP A 55 -12.91 16.10 -7.39
N THR A 56 -12.90 15.50 -6.20
CA THR A 56 -13.42 16.20 -5.02
C THR A 56 -12.38 17.06 -4.31
N THR A 57 -11.16 17.09 -4.85
CA THR A 57 -10.09 17.91 -4.23
C THR A 57 -10.53 19.34 -4.00
N GLY A 58 -10.40 19.79 -2.76
CA GLY A 58 -10.67 21.18 -2.43
C GLY A 58 -12.12 21.60 -2.39
N LEU A 59 -13.06 20.66 -2.62
CA LEU A 59 -14.47 21.04 -2.60
C LEU A 59 -15.03 21.26 -1.20
N ILE A 60 -14.31 20.72 -0.21
CA ILE A 60 -14.76 20.80 1.18
C ILE A 60 -13.60 21.35 2.02
N ASP A 61 -13.94 22.29 2.89
CA ASP A 61 -12.96 22.98 3.75
C ASP A 61 -12.06 21.93 4.42
N ARG A 62 -10.75 22.21 4.46
CA ARG A 62 -9.76 21.29 5.03
C ARG A 62 -10.12 20.81 6.43
N LYS A 63 -10.61 21.70 7.27
CA LYS A 63 -10.90 21.36 8.67
C LYS A 63 -12.19 20.55 8.85
N VAL A 64 -13.02 20.57 7.81
CA VAL A 64 -14.25 19.78 7.80
C VAL A 64 -13.99 18.41 7.17
N VAL A 65 -13.28 18.37 6.03
CA VAL A 65 -13.09 17.11 5.32
C VAL A 65 -12.14 16.15 6.04
N ARG A 66 -11.31 16.68 6.93
CA ARG A 66 -10.33 15.83 7.63
C ARG A 66 -11.03 14.72 8.44
N PHE A 67 -12.30 14.95 8.80
CA PHE A 67 -13.05 13.93 9.57
C PHE A 67 -13.79 12.91 8.71
N MET A 68 -13.77 13.11 7.38
CA MET A 68 -14.72 12.40 6.49
C MET A 68 -14.16 11.25 5.68
N SER A 69 -14.92 10.18 5.59
CA SER A 69 -14.68 9.15 4.58
C SER A 69 -15.41 9.54 3.28
N ASP A 70 -15.24 8.77 2.21
CA ASP A 70 -15.86 9.15 0.92
C ASP A 70 -17.40 9.16 0.99
N ALA A 71 -18.00 8.25 1.77
CA ALA A 71 -19.48 8.28 1.88
C ALA A 71 -19.91 9.65 2.38
N SER A 72 -19.23 10.16 3.41
CA SER A 72 -19.56 11.48 3.90
C SER A 72 -19.26 12.60 2.90
N ILE A 73 -18.19 12.46 2.13
CA ILE A 73 -17.92 13.49 1.11
C ILE A 73 -19.08 13.56 0.09
N TYR A 74 -19.49 12.40 -0.42
CA TYR A 74 -20.55 12.37 -1.44
C TYR A 74 -21.86 12.90 -0.84
N ALA A 75 -22.15 12.51 0.41
CA ALA A 75 -23.40 13.02 1.03
C ALA A 75 -23.35 14.51 1.28
N PHE A 76 -22.17 15.01 1.66
CA PHE A 76 -21.99 16.44 1.94
C PHE A 76 -22.19 17.28 0.68
N LEU A 77 -21.58 16.82 -0.42
CA LEU A 77 -21.72 17.55 -1.68
C LEU A 77 -23.20 17.51 -2.12
N SER A 78 -23.84 16.35 -1.94
CA SER A 78 -25.27 16.21 -2.27
C SER A 78 -26.11 17.15 -1.43
N MET A 79 -25.74 17.31 -0.15
CA MET A 79 -26.47 18.23 0.74
C MET A 79 -26.31 19.70 0.34
N GLU A 80 -25.09 20.07 -0.06
CA GLU A 80 -24.84 21.39 -0.61
C GLU A 80 -25.80 21.64 -1.77
N GLN A 81 -25.86 20.68 -2.71
CA GLN A 81 -26.76 20.84 -3.87
C GLN A 81 -28.21 20.98 -3.43
N ALA A 82 -28.62 20.15 -2.46
CA ALA A 82 -30.01 20.12 -2.02
C ALA A 82 -30.38 21.45 -1.35
N ILE A 83 -29.48 21.99 -0.52
CA ILE A 83 -29.72 23.30 0.13
C ILE A 83 -29.93 24.42 -0.90
N ALA A 84 -29.07 24.44 -1.91
CA ALA A 84 -29.14 25.48 -2.97
C ALA A 84 -30.46 25.29 -3.73
N ASP A 85 -30.79 24.02 -3.99
CA ASP A 85 -31.98 23.69 -4.77
C ASP A 85 -33.24 24.12 -3.99
N ALA A 86 -33.21 23.94 -2.67
CA ALA A 86 -34.34 24.30 -1.80
C ALA A 86 -34.47 25.81 -1.55
N GLY A 87 -33.43 26.55 -1.93
CA GLY A 87 -33.46 28.01 -1.75
C GLY A 87 -33.32 28.36 -0.28
N LEU A 88 -32.56 27.55 0.45
CA LEU A 88 -32.40 27.76 1.87
C LEU A 88 -31.10 28.50 2.18
N SER A 89 -31.24 29.66 2.81
CA SER A 89 -30.09 30.45 3.25
C SER A 89 -29.50 29.84 4.52
N PRO A 90 -28.24 30.15 4.85
CA PRO A 90 -27.72 29.64 6.12
C PRO A 90 -28.66 30.00 7.28
N GLU A 91 -29.22 31.21 7.29
CA GLU A 91 -30.12 31.65 8.36
C GLU A 91 -31.40 30.81 8.44
N ALA A 92 -31.84 30.26 7.31
CA ALA A 92 -33.06 29.49 7.29
C ALA A 92 -32.88 28.13 7.98
N TYR A 93 -31.72 27.50 7.84
CA TYR A 93 -31.58 26.10 8.28
C TYR A 93 -30.56 25.86 9.38
N GLN A 94 -29.64 26.79 9.59
CA GLN A 94 -28.58 26.60 10.57
C GLN A 94 -29.03 26.99 11.97
N ASN A 95 -28.45 26.33 12.97
CA ASN A 95 -28.71 26.68 14.36
C ASN A 95 -30.20 26.75 14.71
N ASN A 96 -30.96 25.78 14.17
CA ASN A 96 -32.40 25.80 14.22
C ASN A 96 -32.89 24.46 14.77
N PRO A 97 -33.43 24.44 15.99
CA PRO A 97 -33.87 23.15 16.58
C PRO A 97 -34.95 22.39 15.77
N ARG A 98 -35.61 23.07 14.83
CA ARG A 98 -36.68 22.43 14.03
C ARG A 98 -36.12 21.87 12.72
N VAL A 99 -34.79 21.91 12.57
CA VAL A 99 -34.15 21.46 11.33
C VAL A 99 -33.20 20.33 11.70
N GLY A 100 -33.37 19.18 11.06
CA GLY A 100 -32.59 18.00 11.40
C GLY A 100 -31.95 17.31 10.22
N LEU A 101 -31.29 16.18 10.50
CA LEU A 101 -30.55 15.44 9.48
C LEU A 101 -30.59 13.95 9.83
N ILE A 102 -31.04 13.17 8.87
CA ILE A 102 -31.05 11.70 9.03
C ILE A 102 -30.46 11.11 7.75
N ALA A 103 -29.23 10.59 7.85
CA ALA A 103 -28.52 10.12 6.65
C ALA A 103 -27.53 9.07 7.04
N GLY A 104 -27.38 8.06 6.19
CA GLY A 104 -26.55 6.94 6.55
C GLY A 104 -25.80 6.30 5.41
N SER A 105 -25.13 5.20 5.72
CA SER A 105 -24.39 4.44 4.74
C SER A 105 -24.70 2.97 5.01
N GLY A 106 -24.58 2.14 3.98
CA GLY A 106 -24.71 0.70 4.20
C GLY A 106 -23.48 0.12 4.88
N GLY A 107 -22.31 0.61 4.46
CA GLY A 107 -21.02 0.03 4.86
C GLY A 107 -20.23 0.86 5.85
N GLY A 108 -20.55 2.16 5.93
CA GLY A 108 -19.75 3.10 6.74
C GLY A 108 -18.50 3.38 5.93
N SER A 109 -17.35 3.02 6.50
CA SER A 109 -16.10 3.06 5.73
C SER A 109 -15.26 1.84 6.01
N PRO A 110 -15.51 0.74 5.30
CA PRO A 110 -14.59 -0.37 5.36
C PRO A 110 -13.14 0.08 5.09
N ARG A 111 -12.93 1.00 4.14
CA ARG A 111 -11.57 1.44 3.83
C ARG A 111 -10.90 2.02 5.09
N PHE A 112 -11.61 2.87 5.82
CA PHE A 112 -10.99 3.45 7.04
C PHE A 112 -10.90 2.50 8.23
N GLN A 113 -11.84 1.55 8.33
CA GLN A 113 -11.75 0.47 9.33
C GLN A 113 -10.44 -0.29 9.09
N VAL A 114 -10.21 -0.65 7.82
CA VAL A 114 -9.00 -1.36 7.43
C VAL A 114 -7.74 -0.51 7.62
N PHE A 115 -7.80 0.75 7.22
CA PHE A 115 -6.67 1.68 7.33
C PHE A 115 -6.21 1.74 8.81
N GLY A 116 -7.16 1.86 9.73
CA GLY A 116 -6.81 1.98 11.15
C GLY A 116 -6.02 0.78 11.60
N ALA A 117 -6.50 -0.43 11.22
CA ALA A 117 -5.84 -1.64 11.68
C ALA A 117 -4.46 -1.83 10.97
N ASP A 118 -4.41 -1.51 9.67
CA ASP A 118 -3.14 -1.55 8.96
C ASP A 118 -2.08 -0.62 9.60
N ALA A 119 -2.50 0.62 9.87
CA ALA A 119 -1.61 1.64 10.43
C ALA A 119 -1.15 1.20 11.81
N MET A 120 -2.10 0.68 12.59
CA MET A 120 -1.77 0.28 13.94
C MET A 120 -0.66 -0.79 13.95
N ARG A 121 -0.69 -1.67 12.95
CA ARG A 121 0.24 -2.78 12.87
C ARG A 121 1.63 -2.44 12.27
N GLY A 122 1.77 -1.18 11.87
CA GLY A 122 2.98 -0.70 11.22
C GLY A 122 3.87 0.03 12.22
N PRO A 123 4.96 0.60 11.71
CA PRO A 123 6.02 1.13 12.53
C PRO A 123 5.69 2.40 13.31
N ARG A 124 4.60 3.08 12.96
CA ARG A 124 4.23 4.30 13.70
C ARG A 124 3.02 4.07 14.62
N GLY A 125 2.42 2.88 14.58
CA GLY A 125 1.25 2.56 15.47
C GLY A 125 0.23 3.68 15.52
N LEU A 126 -0.05 4.17 16.73
CA LEU A 126 -1.11 5.16 16.92
C LEU A 126 -0.89 6.44 16.11
N LYS A 127 0.38 6.79 15.85
CA LYS A 127 0.65 8.03 15.12
C LYS A 127 0.26 7.94 13.66
N ALA A 128 0.33 6.72 13.09
CA ALA A 128 -0.12 6.48 11.71
C ALA A 128 -1.64 6.44 11.64
N VAL A 129 -2.25 5.90 12.70
CA VAL A 129 -3.71 5.87 12.74
C VAL A 129 -4.21 7.31 12.71
N GLY A 130 -3.66 8.16 13.57
CA GLY A 130 -4.08 9.55 13.64
C GLY A 130 -5.44 9.69 14.31
N PRO A 131 -5.90 10.94 14.48
CA PRO A 131 -7.06 11.21 15.34
C PRO A 131 -8.41 11.28 14.60
N TYR A 132 -8.42 10.88 13.33
CA TYR A 132 -9.64 11.06 12.51
C TYR A 132 -10.29 9.76 12.08
N VAL A 133 -9.82 8.62 12.57
CA VAL A 133 -10.37 7.39 12.02
C VAL A 133 -11.74 7.03 12.61
N VAL A 134 -12.03 7.41 13.87
CA VAL A 134 -13.35 7.04 14.39
C VAL A 134 -14.47 7.72 13.57
N THR A 135 -14.31 9.02 13.29
CA THR A 135 -15.37 9.70 12.57
C THR A 135 -15.50 9.20 11.11
N LYS A 136 -14.42 8.65 10.59
CA LYS A 136 -14.49 8.06 9.23
C LYS A 136 -15.15 6.70 9.23
N ALA A 137 -14.75 5.89 10.20
CA ALA A 137 -15.13 4.47 10.25
C ALA A 137 -16.46 4.15 10.95
N MET A 138 -16.89 5.03 11.87
CA MET A 138 -18.07 4.68 12.70
C MET A 138 -19.31 4.65 11.80
N ALA A 139 -20.28 3.83 12.20
CA ALA A 139 -21.45 3.58 11.36
C ALA A 139 -22.27 4.86 11.04
N SER A 140 -22.23 5.82 11.95
CA SER A 140 -22.92 7.10 11.81
C SER A 140 -22.09 8.24 11.18
N GLY A 141 -20.96 7.92 10.57
CA GLY A 141 -20.07 8.92 9.98
C GLY A 141 -20.82 9.92 9.11
N VAL A 142 -21.74 9.44 8.27
CA VAL A 142 -22.38 10.32 7.30
C VAL A 142 -23.23 11.35 8.03
N SER A 143 -23.97 10.95 9.08
CA SER A 143 -24.78 11.97 9.75
C SER A 143 -23.87 12.87 10.60
N ALA A 144 -22.94 12.27 11.35
CA ALA A 144 -22.04 13.08 12.21
C ALA A 144 -21.29 14.15 11.41
N CYS A 145 -20.73 13.72 10.28
CA CYS A 145 -19.87 14.58 9.46
C CYS A 145 -20.63 15.67 8.70
N LEU A 146 -21.96 15.56 8.63
CA LEU A 146 -22.76 16.59 7.94
C LEU A 146 -23.43 17.49 8.96
N ALA A 147 -24.06 16.89 9.99
CA ALA A 147 -24.80 17.66 10.97
C ALA A 147 -23.89 18.69 11.64
N THR A 148 -22.62 18.33 11.81
CA THR A 148 -21.71 19.24 12.50
C THR A 148 -21.40 20.51 11.67
N PRO A 149 -20.79 20.37 10.45
CA PRO A 149 -20.45 21.59 9.66
C PRO A 149 -21.69 22.36 9.18
N PHE A 150 -22.83 21.68 8.98
CA PHE A 150 -24.02 22.41 8.53
C PHE A 150 -24.83 23.01 9.68
N LYS A 151 -24.26 22.94 10.88
CA LYS A 151 -24.82 23.58 12.07
C LYS A 151 -26.23 23.13 12.38
N ILE A 152 -26.48 21.83 12.19
CA ILE A 152 -27.81 21.25 12.45
C ILE A 152 -28.08 21.14 13.95
N HIS A 153 -29.26 21.60 14.37
CA HIS A 153 -29.65 21.56 15.78
C HIS A 153 -30.76 20.57 16.15
N GLY A 154 -31.47 20.04 15.15
CA GLY A 154 -32.59 19.16 15.45
C GLY A 154 -32.07 17.71 15.51
N VAL A 155 -32.83 16.78 14.94
CA VAL A 155 -32.39 15.37 15.00
C VAL A 155 -31.08 15.19 14.21
N ASN A 156 -30.26 14.24 14.64
CA ASN A 156 -28.97 13.96 14.02
C ASN A 156 -28.68 12.50 14.34
N TYR A 157 -28.88 11.63 13.36
CA TYR A 157 -28.49 10.22 13.49
C TYR A 157 -28.56 9.58 12.09
N SER A 158 -28.08 8.34 11.98
CA SER A 158 -28.16 7.60 10.73
C SER A 158 -29.12 6.45 10.92
N ILE A 159 -29.86 6.09 9.88
CA ILE A 159 -30.49 4.78 9.87
C ILE A 159 -29.51 3.92 9.09
N SER A 160 -29.41 2.63 9.48
CA SER A 160 -28.54 1.72 8.81
C SER A 160 -29.35 0.45 8.53
N SER A 161 -29.54 0.10 7.26
CA SER A 161 -30.36 -1.04 6.94
C SER A 161 -29.84 -1.59 5.61
N ALA A 162 -28.50 -1.62 5.52
CA ALA A 162 -27.87 -2.25 4.35
C ALA A 162 -28.38 -1.56 3.08
N CYS A 163 -28.80 -2.32 2.09
CA CYS A 163 -29.19 -1.71 0.82
C CYS A 163 -30.53 -0.96 0.83
N ALA A 164 -31.21 -0.91 2.01
CA ALA A 164 -32.41 -0.04 2.15
C ALA A 164 -32.13 1.28 2.93
N THR A 165 -30.88 1.45 3.35
CA THR A 165 -30.53 2.50 4.32
C THR A 165 -31.15 3.87 4.05
N SER A 166 -30.85 4.42 2.87
CA SER A 166 -31.24 5.81 2.67
C SER A 166 -32.75 5.97 2.41
N ALA A 167 -33.43 4.86 2.02
CA ALA A 167 -34.90 4.88 1.90
C ALA A 167 -35.51 5.00 3.30
N HIS A 168 -35.01 4.17 4.25
CA HIS A 168 -35.51 4.32 5.63
C HIS A 168 -35.14 5.70 6.19
N CYS A 169 -33.99 6.27 5.78
CA CYS A 169 -33.65 7.63 6.28
C CYS A 169 -34.74 8.62 5.86
N ILE A 170 -35.15 8.50 4.58
CA ILE A 170 -36.21 9.41 4.09
C ILE A 170 -37.54 9.16 4.82
N GLY A 171 -37.90 7.89 4.99
CA GLY A 171 -39.15 7.57 5.71
C GLY A 171 -39.13 8.08 7.15
N ASN A 172 -37.98 7.94 7.82
CA ASN A 172 -37.88 8.38 9.21
C ASN A 172 -37.97 9.92 9.27
N ALA A 173 -37.39 10.61 8.28
CA ALA A 173 -37.54 12.07 8.16
C ALA A 173 -39.01 12.44 8.05
N VAL A 174 -39.75 11.73 7.20
CA VAL A 174 -41.21 11.91 7.10
C VAL A 174 -41.90 11.74 8.46
N GLU A 175 -41.52 10.70 9.20
CA GLU A 175 -42.09 10.50 10.54
C GLU A 175 -41.84 11.68 11.48
N GLN A 176 -40.65 12.29 11.39
CA GLN A 176 -40.35 13.43 12.25
C GLN A 176 -41.29 14.58 11.91
N ILE A 177 -41.56 14.74 10.62
CA ILE A 177 -42.52 15.81 10.19
C ILE A 177 -43.93 15.45 10.70
N GLN A 178 -44.34 14.19 10.49
CA GLN A 178 -45.67 13.72 10.94
C GLN A 178 -45.90 13.89 12.44
N LEU A 179 -44.85 13.69 13.24
CA LEU A 179 -44.96 13.80 14.71
C LEU A 179 -44.91 15.27 15.16
N GLY A 180 -44.67 16.18 14.20
CA GLY A 180 -44.60 17.63 14.44
C GLY A 180 -43.31 18.03 15.12
N LYS A 181 -42.32 17.14 15.09
CA LYS A 181 -41.05 17.38 15.80
C LYS A 181 -40.08 18.26 15.03
N GLN A 182 -40.12 18.22 13.70
CA GLN A 182 -39.21 18.96 12.85
C GLN A 182 -40.00 19.59 11.72
N ASP A 183 -39.50 20.72 11.23
CA ASP A 183 -40.06 21.36 10.03
C ASP A 183 -39.30 20.97 8.76
N ILE A 184 -37.99 20.72 8.91
CA ILE A 184 -37.17 20.28 7.79
C ILE A 184 -36.29 19.18 8.31
N VAL A 185 -36.13 18.12 7.51
CA VAL A 185 -35.10 17.12 7.80
C VAL A 185 -34.39 16.82 6.52
N PHE A 186 -33.06 16.97 6.50
CA PHE A 186 -32.29 16.58 5.34
C PHE A 186 -32.11 15.07 5.43
N ALA A 187 -32.46 14.34 4.36
CA ALA A 187 -32.45 12.88 4.43
C ALA A 187 -31.74 12.30 3.23
N GLY A 188 -30.94 11.28 3.47
CA GLY A 188 -30.24 10.64 2.36
C GLY A 188 -29.14 9.71 2.83
N GLY A 189 -28.04 9.74 2.11
CA GLY A 189 -26.95 8.85 2.47
C GLY A 189 -25.80 8.91 1.48
N GLY A 190 -24.77 8.12 1.78
CA GLY A 190 -23.58 8.07 0.92
C GLY A 190 -22.96 6.69 1.05
N GLU A 191 -22.13 6.34 0.08
CA GLU A 191 -21.46 5.03 0.07
C GLU A 191 -20.13 5.19 -0.66
N GLU A 192 -19.06 4.75 -0.01
CA GLU A 192 -17.75 4.76 -0.69
C GLU A 192 -17.66 3.58 -1.67
N LEU A 193 -16.71 3.70 -2.59
CA LEU A 193 -16.46 2.63 -3.53
C LEU A 193 -15.05 2.14 -3.32
N CYS A 194 -14.87 0.85 -3.03
CA CYS A 194 -13.57 0.37 -2.58
C CYS A 194 -13.53 -1.14 -2.63
N TRP A 195 -12.35 -1.68 -2.96
CA TRP A 195 -12.21 -3.12 -2.99
C TRP A 195 -12.44 -3.75 -1.59
N GLU A 196 -12.10 -2.98 -0.55
CA GLU A 196 -12.22 -3.47 0.84
C GLU A 196 -13.63 -4.00 1.11
N MET A 197 -14.62 -3.26 0.64
CA MET A 197 -16.02 -3.65 0.79
C MET A 197 -16.48 -4.53 -0.36
N ALA A 198 -16.13 -4.14 -1.59
CA ALA A 198 -16.60 -4.89 -2.77
C ALA A 198 -16.20 -6.36 -2.72
N CYS A 199 -14.99 -6.65 -2.23
CA CYS A 199 -14.53 -8.05 -2.21
C CYS A 199 -15.40 -8.97 -1.33
N GLU A 200 -16.06 -8.42 -0.31
CA GLU A 200 -16.90 -9.24 0.58
C GLU A 200 -18.17 -9.70 -0.19
N PHE A 201 -18.69 -8.81 -1.03
CA PHE A 201 -19.83 -9.15 -1.91
C PHE A 201 -19.43 -10.16 -2.99
N ASP A 202 -18.24 -9.98 -3.56
CA ASP A 202 -17.74 -10.90 -4.56
C ASP A 202 -17.54 -12.27 -3.92
N ALA A 203 -17.04 -12.29 -2.69
CA ALA A 203 -16.78 -13.54 -1.98
C ALA A 203 -18.06 -14.37 -1.70
N MET A 204 -19.22 -13.69 -1.67
CA MET A 204 -20.50 -14.42 -1.53
C MET A 204 -21.17 -14.65 -2.90
N GLY A 205 -20.51 -14.28 -3.99
CA GLY A 205 -21.01 -14.53 -5.34
C GLY A 205 -22.08 -13.53 -5.78
N ALA A 206 -22.17 -12.40 -5.09
CA ALA A 206 -23.23 -11.44 -5.35
C ALA A 206 -23.02 -10.52 -6.55
N LEU A 207 -21.76 -10.40 -6.98
CA LEU A 207 -21.43 -9.41 -8.00
C LEU A 207 -21.29 -10.05 -9.37
N SER A 208 -21.55 -9.24 -10.36
CA SER A 208 -21.39 -9.66 -11.77
C SER A 208 -19.90 -9.95 -12.09
N THR A 209 -19.65 -11.04 -12.81
CA THR A 209 -18.25 -11.40 -13.11
C THR A 209 -18.04 -11.79 -14.57
N LYS A 210 -19.13 -11.92 -15.33
CA LYS A 210 -19.03 -12.48 -16.69
C LYS A 210 -18.89 -11.47 -17.81
N TYR A 211 -18.99 -10.19 -17.48
CA TYR A 211 -19.11 -9.10 -18.41
C TYR A 211 -18.04 -8.02 -18.23
N ASN A 212 -16.92 -8.40 -17.62
CA ASN A 212 -15.82 -7.42 -17.36
C ASN A 212 -15.30 -6.73 -18.63
N ASP A 213 -15.37 -7.46 -19.76
CA ASP A 213 -14.87 -6.96 -21.04
C ASP A 213 -15.82 -5.94 -21.67
N THR A 214 -17.07 -5.92 -21.19
CA THR A 214 -18.09 -5.00 -21.69
C THR A 214 -18.81 -4.42 -20.48
N PRO A 215 -18.12 -3.54 -19.75
CA PRO A 215 -18.63 -3.11 -18.43
C PRO A 215 -20.05 -2.53 -18.49
N GLU A 216 -20.39 -1.86 -19.59
CA GLU A 216 -21.69 -1.20 -19.70
C GLU A 216 -22.86 -2.19 -19.84
N LYS A 217 -22.54 -3.45 -20.11
CA LYS A 217 -23.54 -4.52 -20.25
C LYS A 217 -23.64 -5.43 -19.03
N ALA A 218 -22.83 -5.18 -17.99
CA ALA A 218 -22.76 -6.12 -16.85
C ALA A 218 -24.03 -6.06 -15.96
N SER A 219 -24.53 -4.85 -15.74
CA SER A 219 -25.73 -4.64 -14.92
C SER A 219 -26.95 -4.68 -15.86
N ARG A 220 -27.83 -5.65 -15.66
CA ARG A 220 -28.79 -6.02 -16.72
C ARG A 220 -30.01 -6.65 -16.06
N THR A 221 -30.60 -5.86 -15.16
CA THR A 221 -31.75 -6.30 -14.39
C THR A 221 -32.84 -6.90 -15.32
N TYR A 222 -33.34 -8.07 -14.92
CA TYR A 222 -34.39 -8.83 -15.67
C TYR A 222 -33.89 -9.53 -16.92
N ASP A 223 -32.62 -9.34 -17.30
CA ASP A 223 -32.10 -10.11 -18.43
C ASP A 223 -31.86 -11.56 -18.01
N ALA A 224 -32.15 -12.53 -18.90
CA ALA A 224 -32.02 -13.94 -18.55
C ALA A 224 -30.59 -14.37 -18.24
N HIS A 225 -29.63 -13.57 -18.67
CA HIS A 225 -28.23 -13.86 -18.46
C HIS A 225 -27.56 -12.96 -17.41
N ARG A 226 -28.38 -12.33 -16.58
CA ARG A 226 -27.84 -11.54 -15.46
C ARG A 226 -27.07 -12.45 -14.54
N ASP A 227 -26.04 -11.90 -13.87
CA ASP A 227 -25.20 -12.73 -13.03
C ASP A 227 -24.71 -12.01 -11.78
N GLY A 228 -25.56 -11.14 -11.24
CA GLY A 228 -25.22 -10.42 -10.00
C GLY A 228 -25.11 -8.93 -10.20
N PHE A 229 -25.06 -8.19 -9.08
CA PHE A 229 -25.06 -6.73 -9.21
C PHE A 229 -23.68 -6.12 -9.51
N VAL A 230 -23.69 -4.86 -9.90
CA VAL A 230 -22.47 -4.11 -10.19
C VAL A 230 -22.42 -3.07 -9.08
N ILE A 231 -21.38 -3.16 -8.26
CA ILE A 231 -21.26 -2.26 -7.11
C ILE A 231 -21.01 -0.84 -7.55
N ALA A 232 -21.53 0.11 -6.79
CA ALA A 232 -21.37 1.52 -7.12
C ALA A 232 -21.21 2.33 -5.83
N GLY A 233 -20.81 3.58 -5.98
CA GLY A 233 -20.72 4.49 -4.82
C GLY A 233 -21.36 5.81 -5.17
N GLY A 234 -21.47 6.69 -4.20
CA GLY A 234 -22.01 8.03 -4.44
C GLY A 234 -22.86 8.50 -3.28
N GLY A 235 -23.64 9.55 -3.48
CA GLY A 235 -24.42 10.10 -2.40
C GLY A 235 -25.70 10.70 -2.96
N GLY A 236 -26.61 11.01 -2.05
CA GLY A 236 -27.80 11.76 -2.44
C GLY A 236 -28.41 12.35 -1.20
N MET A 237 -29.15 13.45 -1.36
CA MET A 237 -29.82 14.05 -0.23
C MET A 237 -31.11 14.70 -0.72
N VAL A 238 -32.18 14.55 0.04
CA VAL A 238 -33.37 15.33 -0.23
C VAL A 238 -33.78 16.21 0.95
N VAL A 239 -34.49 17.30 0.67
CA VAL A 239 -34.97 18.16 1.72
C VAL A 239 -36.41 17.77 2.01
N VAL A 240 -36.64 17.14 3.15
CA VAL A 240 -37.99 16.72 3.53
C VAL A 240 -38.56 17.83 4.44
N GLU A 241 -39.74 18.34 4.12
CA GLU A 241 -40.22 19.57 4.74
C GLU A 241 -41.71 19.48 5.00
N GLU A 242 -42.15 20.04 6.13
CA GLU A 242 -43.57 20.04 6.46
C GLU A 242 -44.29 20.96 5.47
N LEU A 243 -45.46 20.50 5.01
CA LEU A 243 -46.15 21.13 3.88
C LEU A 243 -46.42 22.64 4.07
N GLU A 244 -47.03 22.97 5.21
CA GLU A 244 -47.36 24.39 5.46
C GLU A 244 -46.10 25.29 5.51
N HIS A 245 -45.05 24.76 6.13
CA HIS A 245 -43.78 25.46 6.23
C HIS A 245 -43.21 25.72 4.81
N ALA A 246 -43.34 24.72 3.94
CA ALA A 246 -42.86 24.82 2.57
C ALA A 246 -43.65 25.88 1.76
N LEU A 247 -44.98 25.76 1.82
CA LEU A 247 -45.85 26.71 1.11
C LEU A 247 -45.62 28.13 1.61
N ALA A 248 -45.47 28.28 2.93
CA ALA A 248 -45.36 29.61 3.55
C ALA A 248 -44.10 30.36 3.10
N ARG A 249 -43.02 29.64 2.79
CA ARG A 249 -41.78 30.28 2.33
C ARG A 249 -41.66 30.33 0.81
N GLY A 250 -42.73 29.92 0.10
CA GLY A 250 -42.70 29.86 -1.36
C GLY A 250 -41.70 28.84 -1.93
N ALA A 251 -41.53 27.72 -1.22
CA ALA A 251 -40.62 26.68 -1.71
C ALA A 251 -41.13 26.07 -3.04
N HIS A 252 -40.19 25.58 -3.86
CA HIS A 252 -40.54 24.71 -4.98
C HIS A 252 -40.69 23.31 -4.43
N ILE A 253 -41.86 22.73 -4.68
CA ILE A 253 -42.18 21.41 -4.17
C ILE A 253 -42.19 20.41 -5.35
N TYR A 254 -41.33 19.39 -5.28
CA TYR A 254 -41.29 18.33 -6.28
C TYR A 254 -42.50 17.46 -6.09
N ALA A 255 -42.72 16.99 -4.85
CA ALA A 255 -43.76 16.00 -4.60
C ALA A 255 -44.02 15.89 -3.11
N GLU A 256 -45.17 15.27 -2.78
CA GLU A 256 -45.53 14.94 -1.42
C GLU A 256 -45.16 13.48 -1.20
N ILE A 257 -44.60 13.14 -0.02
CA ILE A 257 -44.40 11.72 0.29
C ILE A 257 -45.70 11.26 0.92
N VAL A 258 -46.49 10.57 0.10
CA VAL A 258 -47.83 10.10 0.51
C VAL A 258 -47.85 8.69 1.08
N GLY A 259 -46.72 7.97 0.98
CA GLY A 259 -46.64 6.64 1.55
C GLY A 259 -45.23 6.27 1.88
N TYR A 260 -45.11 5.52 2.99
CA TYR A 260 -43.84 5.00 3.45
C TYR A 260 -44.12 3.63 4.11
N GLY A 261 -43.56 2.57 3.51
CA GLY A 261 -43.67 1.25 4.11
C GLY A 261 -42.29 0.83 4.58
N ALA A 262 -42.27 0.16 5.73
CA ALA A 262 -41.05 -0.41 6.27
C ALA A 262 -41.47 -1.71 6.95
N THR A 263 -40.94 -2.83 6.46
CA THR A 263 -41.31 -4.12 6.98
C THR A 263 -40.10 -5.02 7.03
N SER A 264 -40.33 -6.25 7.46
CA SER A 264 -39.25 -7.20 7.69
C SER A 264 -39.69 -8.57 7.16
N ASP A 265 -38.76 -9.32 6.59
CA ASP A 265 -39.12 -10.66 6.06
C ASP A 265 -39.20 -11.68 7.18
N GLY A 266 -38.26 -11.61 8.14
CA GLY A 266 -38.18 -12.60 9.20
C GLY A 266 -37.98 -14.01 8.64
N ALA A 267 -37.11 -14.13 7.64
CA ALA A 267 -37.02 -15.37 6.88
C ALA A 267 -35.57 -15.75 6.59
N ASP A 268 -34.96 -15.19 5.55
CA ASP A 268 -33.58 -15.52 5.20
C ASP A 268 -32.69 -14.28 5.20
N MET A 269 -31.40 -14.49 5.48
CA MET A 269 -30.48 -13.35 5.58
C MET A 269 -30.14 -12.71 4.23
N VAL A 270 -29.94 -13.53 3.19
CA VAL A 270 -29.38 -13.00 1.95
C VAL A 270 -30.20 -13.36 0.73
N ALA A 271 -31.41 -13.84 0.97
CA ALA A 271 -32.40 -14.00 -0.09
C ALA A 271 -33.73 -13.44 0.40
N PRO A 272 -34.45 -12.67 -0.45
CA PRO A 272 -35.74 -12.07 -0.04
C PRO A 272 -36.87 -13.10 -0.03
N SER A 273 -37.83 -12.93 0.89
CA SER A 273 -39.00 -13.82 0.91
C SER A 273 -40.04 -13.45 -0.14
N GLY A 274 -40.02 -12.20 -0.61
CA GLY A 274 -41.09 -11.72 -1.50
C GLY A 274 -42.30 -11.20 -0.70
N GLU A 275 -42.74 -11.98 0.29
CA GLU A 275 -43.91 -11.61 1.10
C GLU A 275 -43.65 -10.30 1.86
N GLY A 276 -42.43 -10.14 2.36
CA GLY A 276 -42.11 -8.87 3.07
C GLY A 276 -42.27 -7.64 2.17
N ALA A 277 -41.85 -7.81 0.90
CA ALA A 277 -41.95 -6.76 -0.11
C ALA A 277 -43.42 -6.47 -0.44
N VAL A 278 -44.24 -7.53 -0.58
CA VAL A 278 -45.69 -7.35 -0.76
C VAL A 278 -46.28 -6.46 0.37
N ARG A 279 -46.01 -6.86 1.61
CA ARG A 279 -46.48 -6.12 2.76
C ARG A 279 -45.98 -4.67 2.78
N CYS A 280 -44.72 -4.51 2.39
CA CYS A 280 -44.11 -3.17 2.39
C CYS A 280 -44.79 -2.25 1.35
N MET A 281 -44.97 -2.79 0.13
CA MET A 281 -45.62 -1.98 -0.90
C MET A 281 -47.05 -1.65 -0.51
N LYS A 282 -47.79 -2.64 -0.01
CA LYS A 282 -49.18 -2.39 0.37
C LYS A 282 -49.21 -1.36 1.48
N MET A 283 -48.28 -1.43 2.42
CA MET A 283 -48.25 -0.44 3.49
C MET A 283 -48.06 0.99 2.96
N ALA A 284 -47.16 1.14 1.98
CA ALA A 284 -46.88 2.44 1.42
C ALA A 284 -48.08 2.96 0.58
N MET A 285 -48.90 2.04 0.06
CA MET A 285 -50.08 2.40 -0.77
C MET A 285 -51.31 2.72 0.03
N HIS A 286 -51.28 2.39 1.30
CA HIS A 286 -52.48 2.51 2.10
C HIS A 286 -52.98 3.96 2.09
N GLY A 287 -54.25 4.14 1.69
CA GLY A 287 -54.86 5.46 1.72
C GLY A 287 -54.45 6.37 0.58
N VAL A 288 -53.68 5.84 -0.36
CA VAL A 288 -53.25 6.59 -1.56
C VAL A 288 -54.30 6.36 -2.64
N ASP A 289 -55.02 7.42 -2.98
CA ASP A 289 -56.25 7.28 -3.78
C ASP A 289 -56.03 7.41 -5.29
N THR A 290 -54.77 7.42 -5.72
CA THR A 290 -54.41 7.45 -7.15
C THR A 290 -53.58 6.21 -7.46
N PRO A 291 -53.60 5.76 -8.73
CA PRO A 291 -52.79 4.60 -9.10
C PRO A 291 -51.31 4.93 -9.13
N ILE A 292 -50.51 3.90 -8.94
CA ILE A 292 -49.08 4.05 -9.12
C ILE A 292 -48.78 4.04 -10.63
N ASP A 293 -48.26 5.17 -11.12
CA ASP A 293 -47.95 5.31 -12.56
C ASP A 293 -46.61 4.71 -12.96
N TYR A 294 -45.63 4.82 -12.05
CA TYR A 294 -44.29 4.36 -12.34
C TYR A 294 -43.69 3.81 -11.07
N LEU A 295 -43.00 2.65 -11.21
CA LEU A 295 -42.30 2.02 -10.08
C LEU A 295 -40.83 1.83 -10.41
N ASN A 296 -39.97 2.45 -9.58
CA ASN A 296 -38.51 2.24 -9.69
C ASN A 296 -38.20 1.05 -8.81
N SER A 297 -37.98 -0.10 -9.43
CA SER A 297 -37.76 -1.32 -8.66
C SER A 297 -36.41 -1.32 -7.98
N HIS A 298 -36.27 -2.17 -6.96
CA HIS A 298 -34.96 -2.30 -6.35
C HIS A 298 -34.01 -2.91 -7.40
N GLY A 299 -34.45 -4.00 -8.05
CA GLY A 299 -33.88 -4.46 -9.34
C GLY A 299 -32.37 -4.46 -9.48
N THR A 300 -31.75 -5.41 -8.76
CA THR A 300 -30.28 -5.38 -8.55
C THR A 300 -29.49 -6.08 -9.65
N SER A 301 -30.16 -6.83 -10.52
CA SER A 301 -29.48 -7.68 -11.52
C SER A 301 -28.99 -9.02 -10.99
N THR A 302 -29.74 -9.53 -10.01
CA THR A 302 -29.44 -10.77 -9.32
C THR A 302 -30.46 -11.78 -9.79
N PRO A 303 -30.01 -13.01 -10.10
CA PRO A 303 -30.95 -14.05 -10.53
C PRO A 303 -32.20 -14.22 -9.64
N VAL A 304 -32.02 -14.49 -8.35
CA VAL A 304 -33.17 -14.73 -7.43
C VAL A 304 -33.91 -13.41 -7.13
N GLY A 305 -33.17 -12.43 -6.64
CA GLY A 305 -33.77 -11.17 -6.23
C GLY A 305 -34.70 -10.53 -7.26
N ASP A 306 -34.26 -10.47 -8.52
CA ASP A 306 -35.03 -9.71 -9.52
C ASP A 306 -36.46 -10.26 -9.66
N VAL A 307 -36.55 -11.58 -9.70
CA VAL A 307 -37.85 -12.21 -9.97
C VAL A 307 -38.68 -12.33 -8.71
N LYS A 308 -38.03 -12.44 -7.54
CA LYS A 308 -38.76 -12.37 -6.29
C LYS A 308 -39.50 -11.06 -6.20
N GLU A 309 -38.82 -9.96 -6.56
CA GLU A 309 -39.46 -8.65 -6.48
C GLU A 309 -40.58 -8.52 -7.55
N LEU A 310 -40.35 -9.03 -8.77
CA LEU A 310 -41.43 -9.03 -9.78
C LEU A 310 -42.67 -9.81 -9.30
N ALA A 311 -42.45 -10.95 -8.66
CA ALA A 311 -43.55 -11.75 -8.12
C ALA A 311 -44.30 -10.94 -7.09
N ALA A 312 -43.56 -10.23 -6.23
CA ALA A 312 -44.22 -9.35 -5.27
C ALA A 312 -45.08 -8.24 -5.89
N ILE A 313 -44.52 -7.57 -6.90
CA ILE A 313 -45.21 -6.54 -7.65
C ILE A 313 -46.49 -7.11 -8.30
N ARG A 314 -46.40 -8.30 -8.89
CA ARG A 314 -47.58 -8.93 -9.51
C ARG A 314 -48.65 -9.23 -8.45
N GLU A 315 -48.23 -9.68 -7.26
CA GLU A 315 -49.20 -9.90 -6.19
C GLU A 315 -49.88 -8.60 -5.73
N VAL A 316 -49.11 -7.53 -5.58
CA VAL A 316 -49.68 -6.25 -5.13
C VAL A 316 -50.63 -5.64 -6.18
N PHE A 317 -50.20 -5.64 -7.44
CA PHE A 317 -50.89 -4.89 -8.50
C PHE A 317 -51.80 -5.74 -9.40
N GLY A 318 -51.71 -7.06 -9.31
CA GLY A 318 -52.52 -7.96 -10.16
C GLY A 318 -52.20 -7.64 -11.60
N ASP A 319 -53.25 -7.39 -12.38
CA ASP A 319 -53.04 -7.12 -13.79
C ASP A 319 -52.86 -5.66 -14.16
N LYS A 320 -52.74 -4.81 -13.13
CA LYS A 320 -52.63 -3.37 -13.29
C LYS A 320 -51.21 -2.87 -12.93
N SER A 321 -50.21 -3.58 -13.41
CA SER A 321 -48.80 -3.18 -13.29
C SER A 321 -48.63 -1.68 -13.53
N PRO A 322 -47.84 -0.96 -12.67
CA PRO A 322 -47.36 0.36 -13.09
C PRO A 322 -46.32 0.17 -14.20
N ALA A 323 -45.89 1.25 -14.83
CA ALA A 323 -44.67 1.18 -15.63
C ALA A 323 -43.50 0.90 -14.67
N ILE A 324 -42.62 -0.03 -15.02
CA ILE A 324 -41.51 -0.42 -14.12
C ILE A 324 -40.20 -0.25 -14.88
N SER A 325 -39.19 0.35 -14.23
CA SER A 325 -37.83 0.18 -14.73
C SER A 325 -36.85 0.06 -13.58
N ALA A 326 -35.76 -0.68 -13.80
CA ALA A 326 -34.68 -0.83 -12.83
C ALA A 326 -33.55 0.07 -13.29
N THR A 327 -33.44 1.25 -12.68
CA THR A 327 -32.35 2.16 -13.06
C THR A 327 -30.96 1.63 -12.68
N LYS A 328 -30.87 0.61 -11.83
CA LYS A 328 -29.56 0.02 -11.52
C LYS A 328 -28.87 -0.58 -12.76
N ALA A 329 -29.64 -0.91 -13.79
CA ALA A 329 -29.00 -1.41 -15.02
C ALA A 329 -28.12 -0.32 -15.64
N MET A 330 -28.46 0.96 -15.40
CA MET A 330 -27.62 2.10 -15.80
C MET A 330 -26.57 2.42 -14.72
N THR A 331 -26.99 2.44 -13.46
CA THR A 331 -26.21 3.13 -12.44
C THR A 331 -25.32 2.19 -11.62
N GLY A 332 -25.61 0.91 -11.63
CA GLY A 332 -25.04 0.01 -10.65
C GLY A 332 -25.74 0.24 -9.30
N HIS A 333 -25.27 -0.50 -8.30
CA HIS A 333 -25.96 -0.61 -7.00
C HIS A 333 -25.11 0.15 -5.97
N SER A 334 -25.58 1.33 -5.55
CA SER A 334 -24.84 2.15 -4.59
C SER A 334 -25.19 1.80 -3.14
N LEU A 335 -25.76 0.62 -2.95
CA LEU A 335 -25.87 0.05 -1.61
C LEU A 335 -26.69 0.98 -0.69
N GLY A 336 -26.12 1.51 0.40
CA GLY A 336 -26.89 2.39 1.30
C GLY A 336 -27.37 3.69 0.66
N ALA A 337 -26.71 4.10 -0.45
CA ALA A 337 -27.08 5.33 -1.15
C ALA A 337 -28.14 5.08 -2.23
N ALA A 338 -28.46 3.81 -2.48
CA ALA A 338 -29.42 3.51 -3.59
C ALA A 338 -30.80 4.10 -3.36
N GLY A 339 -31.27 4.03 -2.12
CA GLY A 339 -32.66 4.45 -1.87
C GLY A 339 -32.88 5.94 -2.17
N VAL A 340 -31.97 6.80 -1.70
CA VAL A 340 -32.16 8.22 -1.95
C VAL A 340 -31.86 8.57 -3.41
N GLN A 341 -30.83 7.94 -4.00
CA GLN A 341 -30.55 8.25 -5.40
C GLN A 341 -31.74 7.84 -6.26
N GLU A 342 -32.34 6.66 -5.96
CA GLU A 342 -33.48 6.18 -6.75
C GLU A 342 -34.76 6.96 -6.48
N ALA A 343 -34.94 7.44 -5.24
CA ALA A 343 -35.99 8.41 -5.00
C ALA A 343 -35.80 9.65 -5.88
N ILE A 344 -34.57 10.15 -5.95
CA ILE A 344 -34.27 11.29 -6.78
C ILE A 344 -34.53 10.98 -8.28
N TYR A 345 -34.10 9.81 -8.77
CA TYR A 345 -34.39 9.47 -10.19
C TYR A 345 -35.89 9.50 -10.41
N SER A 346 -36.63 8.95 -9.44
CA SER A 346 -38.09 8.88 -9.54
C SER A 346 -38.72 10.27 -9.50
N LEU A 347 -38.20 11.16 -8.65
CA LEU A 347 -38.66 12.55 -8.58
C LEU A 347 -38.35 13.32 -9.88
N LEU A 348 -37.21 13.02 -10.50
CA LEU A 348 -36.84 13.70 -11.76
C LEU A 348 -37.78 13.24 -12.87
N MET A 349 -38.13 11.96 -12.84
CA MET A 349 -39.12 11.43 -13.80
C MET A 349 -40.47 12.08 -13.60
N LEU A 350 -40.89 12.21 -12.34
CA LEU A 350 -42.14 12.88 -12.02
C LEU A 350 -42.16 14.36 -12.44
N GLU A 351 -41.05 15.05 -12.17
CA GLU A 351 -40.92 16.48 -12.43
C GLU A 351 -40.85 16.78 -13.93
N HIS A 352 -40.20 15.90 -14.68
CA HIS A 352 -39.92 16.11 -16.11
C HIS A 352 -40.79 15.28 -17.05
N GLY A 353 -41.62 14.42 -16.50
CA GLY A 353 -42.64 13.72 -17.33
C GLY A 353 -42.04 12.70 -18.24
N PHE A 354 -41.26 11.78 -17.69
CA PHE A 354 -40.77 10.69 -18.49
C PHE A 354 -40.49 9.47 -17.63
N ILE A 355 -40.42 8.33 -18.28
CA ILE A 355 -40.00 7.09 -17.65
C ILE A 355 -38.63 6.70 -18.17
N ALA A 356 -37.67 6.55 -17.26
CA ALA A 356 -36.34 6.08 -17.65
C ALA A 356 -36.34 4.62 -18.07
N PRO A 357 -35.49 4.24 -19.04
CA PRO A 357 -35.51 2.85 -19.47
C PRO A 357 -34.82 1.86 -18.56
N SER A 358 -35.32 0.62 -18.56
CA SER A 358 -34.65 -0.53 -17.99
C SER A 358 -33.75 -1.08 -19.11
N ILE A 359 -32.48 -0.75 -19.03
CA ILE A 359 -31.54 -1.08 -20.11
C ILE A 359 -30.95 -2.49 -20.05
N ASN A 360 -30.28 -2.91 -21.14
CA ASN A 360 -29.58 -4.19 -21.17
C ASN A 360 -30.42 -5.46 -21.09
N ILE A 361 -31.74 -5.32 -21.33
CA ILE A 361 -32.56 -6.52 -21.41
C ILE A 361 -32.49 -7.02 -22.85
N GLU A 362 -31.68 -8.05 -23.05
CA GLU A 362 -31.54 -8.64 -24.38
C GLU A 362 -32.54 -9.78 -24.52
N GLU A 363 -32.73 -10.53 -23.44
CA GLU A 363 -33.76 -11.56 -23.36
C GLU A 363 -34.46 -11.37 -22.02
N LEU A 364 -35.69 -10.86 -22.09
CA LEU A 364 -36.45 -10.51 -20.90
C LEU A 364 -36.77 -11.77 -20.14
N ASP A 365 -36.53 -11.74 -18.83
CA ASP A 365 -36.86 -12.88 -18.00
C ASP A 365 -38.35 -13.17 -18.14
N GLU A 366 -38.67 -14.45 -18.14
CA GLU A 366 -40.03 -14.89 -18.48
C GLU A 366 -41.03 -14.30 -17.48
N GLN A 367 -40.55 -14.02 -16.27
CA GLN A 367 -41.42 -13.68 -15.17
C GLN A 367 -41.78 -12.22 -15.23
N ALA A 368 -41.22 -11.51 -16.20
CA ALA A 368 -41.65 -10.15 -16.40
C ALA A 368 -42.92 -10.09 -17.26
N ALA A 369 -43.28 -11.24 -17.84
CA ALA A 369 -44.54 -11.39 -18.54
C ALA A 369 -45.69 -11.00 -17.62
N GLY A 370 -46.62 -10.22 -18.15
CA GLY A 370 -47.76 -9.78 -17.37
C GLY A 370 -47.47 -8.48 -16.69
N LEU A 371 -46.21 -8.00 -16.80
CA LEU A 371 -45.88 -6.69 -16.23
C LEU A 371 -45.49 -5.69 -17.31
N ASN A 372 -45.41 -4.42 -16.95
CA ASN A 372 -45.02 -3.38 -17.89
C ASN A 372 -43.59 -2.91 -17.64
N ILE A 373 -42.62 -3.70 -18.10
CA ILE A 373 -41.21 -3.29 -18.03
C ILE A 373 -40.87 -2.39 -19.21
N VAL A 374 -40.50 -1.15 -18.91
CA VAL A 374 -40.25 -0.12 -19.92
C VAL A 374 -38.76 -0.11 -20.26
N THR A 375 -38.42 -0.34 -21.54
CA THR A 375 -37.01 -0.53 -21.96
C THR A 375 -36.53 0.61 -22.90
N GLU A 376 -37.41 1.60 -23.11
CA GLU A 376 -37.11 2.80 -23.90
C GLU A 376 -37.61 4.02 -23.19
N THR A 377 -36.83 5.10 -23.25
CA THR A 377 -37.22 6.34 -22.64
C THR A 377 -38.60 6.75 -23.15
N THR A 378 -39.53 6.97 -22.23
CA THR A 378 -40.92 7.22 -22.62
C THR A 378 -41.44 8.49 -22.00
N ASP A 379 -41.79 9.47 -22.84
CA ASP A 379 -42.42 10.67 -22.33
C ASP A 379 -43.83 10.32 -21.87
N ARG A 380 -44.21 10.79 -20.67
CA ARG A 380 -45.51 10.47 -20.09
C ARG A 380 -45.74 11.35 -18.87
N GLU A 381 -46.94 11.87 -18.74
CA GLU A 381 -47.32 12.67 -17.62
C GLU A 381 -47.56 11.72 -16.46
N LEU A 382 -46.69 11.77 -15.46
CA LEU A 382 -46.81 10.93 -14.25
C LEU A 382 -47.38 11.76 -13.13
N THR A 383 -48.11 11.10 -12.21
CA THR A 383 -48.64 11.78 -11.05
C THR A 383 -48.17 11.15 -9.71
N THR A 384 -48.10 9.80 -9.70
CA THR A 384 -47.76 9.05 -8.48
C THR A 384 -46.71 8.03 -8.84
N VAL A 385 -45.59 8.03 -8.08
CA VAL A 385 -44.48 7.12 -8.35
C VAL A 385 -44.11 6.39 -7.05
N MET A 386 -43.53 5.20 -7.22
CA MET A 386 -43.14 4.37 -6.08
C MET A 386 -41.69 3.92 -6.31
N SER A 387 -40.95 3.75 -5.20
CA SER A 387 -39.58 3.27 -5.31
C SER A 387 -39.31 2.28 -4.16
N ASN A 388 -38.81 1.10 -4.52
CA ASN A 388 -38.55 0.01 -3.58
C ASN A 388 -37.07 -0.11 -3.23
N SER A 389 -36.76 -0.39 -1.96
CA SER A 389 -35.40 -0.68 -1.56
C SER A 389 -35.41 -1.83 -0.56
N PHE A 390 -34.55 -2.83 -0.76
CA PHE A 390 -34.47 -3.96 0.18
C PHE A 390 -33.02 -4.14 0.57
N GLY A 391 -32.81 -4.79 1.70
CA GLY A 391 -31.45 -5.10 2.11
C GLY A 391 -31.31 -6.47 2.74
N PHE A 392 -30.08 -6.96 2.79
CA PHE A 392 -29.77 -8.15 3.56
C PHE A 392 -30.30 -8.03 4.96
N GLY A 393 -30.72 -9.16 5.52
CA GLY A 393 -31.42 -9.15 6.78
C GLY A 393 -32.92 -9.07 6.58
N GLY A 394 -33.38 -9.09 5.33
CA GLY A 394 -34.83 -9.00 5.07
C GLY A 394 -35.44 -7.68 5.52
N THR A 395 -34.73 -6.59 5.23
CA THR A 395 -35.24 -5.27 5.56
C THR A 395 -35.83 -4.58 4.32
N ASN A 396 -37.05 -4.06 4.42
CA ASN A 396 -37.77 -3.53 3.24
C ASN A 396 -38.24 -2.12 3.49
N ALA A 397 -38.09 -1.28 2.46
CA ALA A 397 -38.58 0.08 2.46
C ALA A 397 -39.24 0.36 1.12
N THR A 398 -40.37 1.06 1.18
CA THR A 398 -41.02 1.56 -0.06
C THR A 398 -41.44 3.00 0.18
N LEU A 399 -41.18 3.87 -0.80
CA LEU A 399 -41.64 5.26 -0.75
C LEU A 399 -42.58 5.52 -1.93
N VAL A 400 -43.67 6.24 -1.64
CA VAL A 400 -44.61 6.67 -2.70
C VAL A 400 -44.67 8.18 -2.68
N MET A 401 -44.47 8.77 -3.85
CA MET A 401 -44.32 10.21 -4.03
C MET A 401 -45.36 10.66 -5.06
N ARG A 402 -46.01 11.78 -4.77
CA ARG A 402 -47.10 12.24 -5.65
C ARG A 402 -47.07 13.73 -5.83
N LYS A 403 -47.36 14.19 -7.05
CA LYS A 403 -47.49 15.63 -7.24
C LYS A 403 -48.54 16.23 -6.29
N LEU A 404 -48.32 17.47 -5.88
CA LEU A 404 -49.34 18.17 -5.12
C LEU A 404 -50.47 18.61 -6.06
C MET B 1 -50.90 8.49 22.35
N LYS B 2 -50.58 7.44 21.63
CA LYS B 2 -50.30 6.15 22.27
C LYS B 2 -49.12 6.25 23.23
N ARG B 3 -49.21 5.51 24.32
CA ARG B 3 -48.19 5.49 25.35
C ARG B 3 -47.35 4.22 25.21
N ALA B 4 -46.06 4.34 25.54
CA ALA B 4 -45.11 3.25 25.34
C ALA B 4 -44.51 2.87 26.68
N VAL B 5 -44.50 1.57 26.94
CA VAL B 5 -43.95 1.02 28.20
C VAL B 5 -42.87 -0.02 27.91
N ILE B 6 -42.03 -0.25 28.91
CA ILE B 6 -41.03 -1.30 28.80
C ILE B 6 -41.49 -2.51 29.60
N THR B 7 -41.60 -3.65 28.92
CA THR B 7 -42.23 -4.85 29.48
C THR B 7 -41.30 -6.07 29.60
N GLY B 8 -40.03 -5.87 29.24
CA GLY B 8 -39.01 -6.95 29.36
C GLY B 8 -37.66 -6.35 29.05
N LEU B 9 -36.63 -6.95 29.62
CA LEU B 9 -35.28 -6.48 29.31
C LEU B 9 -34.31 -7.65 29.33
N GLY B 10 -33.17 -7.45 28.67
CA GLY B 10 -32.14 -8.48 28.60
C GLY B 10 -30.81 -7.80 28.41
N ILE B 11 -29.74 -8.41 28.93
CA ILE B 11 -28.47 -7.70 28.95
C ILE B 11 -27.33 -8.66 29.04
N VAL B 12 -26.28 -8.33 28.29
CA VAL B 12 -25.01 -9.02 28.39
C VAL B 12 -23.96 -7.94 28.53
N SER B 13 -23.36 -7.86 29.71
CA SER B 13 -22.53 -6.67 30.04
C SER B 13 -21.26 -7.08 30.75
N SER B 14 -20.34 -6.13 30.81
CA SER B 14 -19.09 -6.34 31.60
C SER B 14 -19.37 -6.63 33.07
N ILE B 15 -20.55 -6.24 33.56
CA ILE B 15 -20.88 -6.48 34.99
C ILE B 15 -21.95 -7.54 35.23
N GLY B 16 -22.26 -8.31 34.19
CA GLY B 16 -23.13 -9.46 34.35
C GLY B 16 -23.76 -9.92 33.07
N ASN B 17 -24.06 -11.22 33.02
CA ASN B 17 -24.60 -11.86 31.80
C ASN B 17 -26.13 -11.96 31.74
N ASN B 18 -26.81 -11.38 32.73
CA ASN B 18 -28.27 -11.36 32.80
C ASN B 18 -28.62 -10.36 33.89
N GLN B 19 -29.91 -10.09 34.05
CA GLN B 19 -30.30 -8.97 34.90
C GLN B 19 -30.04 -9.27 36.38
N GLN B 20 -30.02 -10.55 36.74
CA GLN B 20 -29.76 -10.94 38.13
C GLN B 20 -28.30 -10.54 38.46
N GLU B 21 -27.37 -10.93 37.58
CA GLU B 21 -25.96 -10.66 37.82
C GLU B 21 -25.68 -9.15 37.78
N VAL B 22 -26.30 -8.45 36.82
CA VAL B 22 -26.11 -7.00 36.73
C VAL B 22 -26.67 -6.29 37.99
N LEU B 23 -27.84 -6.70 38.45
CA LEU B 23 -28.40 -6.10 39.68
C LEU B 23 -27.44 -6.25 40.84
N ALA B 24 -26.89 -7.46 41.00
CA ALA B 24 -25.95 -7.71 42.11
C ALA B 24 -24.71 -6.84 41.98
N SER B 25 -24.18 -6.71 40.76
CA SER B 25 -22.99 -5.87 40.55
C SER B 25 -23.27 -4.40 40.84
N LEU B 26 -24.41 -3.90 40.37
CA LEU B 26 -24.76 -2.49 40.59
C LEU B 26 -24.86 -2.20 42.09
N ARG B 27 -25.51 -3.11 42.82
CA ARG B 27 -25.63 -2.94 44.27
C ARG B 27 -24.29 -2.99 45.00
N GLU B 28 -23.38 -3.80 44.47
CA GLU B 28 -22.07 -3.98 45.09
C GLU B 28 -21.06 -2.93 44.67
N GLY B 29 -21.36 -2.16 43.63
CA GLY B 29 -20.35 -1.23 43.13
C GLY B 29 -19.21 -2.00 42.45
N ARG B 30 -19.53 -3.17 41.89
CA ARG B 30 -18.51 -4.06 41.35
C ARG B 30 -18.04 -3.58 39.97
N SER B 31 -16.72 -3.46 39.81
CA SER B 31 -16.12 -3.17 38.51
C SER B 31 -16.16 -4.35 37.55
N GLY B 32 -16.49 -4.05 36.28
CA GLY B 32 -16.38 -5.03 35.22
C GLY B 32 -15.10 -4.90 34.40
N ILE B 33 -14.15 -4.08 34.89
CA ILE B 33 -12.98 -3.76 34.08
C ILE B 33 -11.80 -4.67 34.41
N THR B 34 -11.12 -5.15 33.35
CA THR B 34 -9.99 -6.07 33.51
C THR B 34 -8.83 -5.66 32.57
N PHE B 35 -7.63 -6.12 32.94
CA PHE B 35 -6.49 -5.94 32.05
C PHE B 35 -6.70 -6.77 30.76
N SER B 36 -6.34 -6.16 29.65
CA SER B 36 -6.44 -6.83 28.37
C SER B 36 -5.07 -7.06 27.73
N GLN B 37 -4.66 -8.31 27.67
CA GLN B 37 -3.44 -8.63 26.97
C GLN B 37 -3.55 -8.34 25.45
N GLU B 38 -4.74 -8.53 24.89
CA GLU B 38 -4.96 -8.24 23.48
C GLU B 38 -4.69 -6.76 23.17
N LEU B 39 -5.22 -5.86 24.02
CA LEU B 39 -5.01 -4.44 23.76
C LEU B 39 -3.53 -4.10 23.88
N LYS B 40 -2.89 -4.65 24.91
CA LYS B 40 -1.46 -4.37 25.11
C LYS B 40 -0.64 -4.91 23.92
N ASP B 41 -0.95 -6.14 23.52
CA ASP B 41 -0.21 -6.78 22.41
C ASP B 41 -0.36 -6.04 21.09
N SER B 42 -1.48 -5.32 20.91
CA SER B 42 -1.72 -4.57 19.68
C SER B 42 -0.86 -3.32 19.55
N GLY B 43 -0.21 -2.95 20.65
CA GLY B 43 0.61 -1.74 20.70
C GLY B 43 -0.13 -0.52 21.25
N MET B 44 -1.36 -0.74 21.75
CA MET B 44 -2.12 0.38 22.34
C MET B 44 -1.52 0.89 23.64
N ARG B 45 -1.91 2.11 23.99
CA ARG B 45 -1.51 2.69 25.29
C ARG B 45 -2.50 2.35 26.38
N SER B 46 -3.74 2.11 25.99
CA SER B 46 -4.78 1.70 26.91
C SER B 46 -4.82 0.17 26.97
N HIS B 47 -4.68 -0.39 28.17
CA HIS B 47 -4.56 -1.85 28.30
C HIS B 47 -5.68 -2.45 29.15
N VAL B 48 -6.80 -1.74 29.19
CA VAL B 48 -7.88 -2.10 30.09
C VAL B 48 -9.20 -2.11 29.31
N TRP B 49 -10.13 -2.98 29.68
CA TRP B 49 -11.41 -3.01 28.96
C TRP B 49 -12.53 -3.62 29.80
N GLY B 50 -13.76 -3.33 29.40
CA GLY B 50 -14.92 -3.92 30.08
C GLY B 50 -15.40 -5.06 29.18
N ASN B 51 -14.86 -6.23 29.45
CA ASN B 51 -15.14 -7.40 28.63
C ASN B 51 -16.37 -8.20 29.09
N VAL B 52 -17.04 -8.81 28.14
CA VAL B 52 -18.11 -9.74 28.49
C VAL B 52 -17.46 -11.05 28.94
N LYS B 53 -17.84 -11.49 30.14
CA LYS B 53 -17.24 -12.70 30.74
C LYS B 53 -18.21 -13.84 30.58
N LEU B 54 -18.36 -14.31 29.35
CA LEU B 54 -19.36 -15.30 29.01
C LEU B 54 -18.81 -16.05 27.83
N ASP B 55 -18.84 -17.36 27.92
CA ASP B 55 -18.43 -18.14 26.74
C ASP B 55 -19.68 -18.31 25.88
N THR B 56 -19.67 -17.68 24.70
CA THR B 56 -20.89 -17.67 23.88
C THR B 56 -20.91 -18.85 22.92
N THR B 57 -19.92 -19.74 23.04
CA THR B 57 -19.84 -20.88 22.14
C THR B 57 -21.08 -21.78 22.30
N GLY B 58 -21.71 -22.08 21.16
CA GLY B 58 -22.84 -23.01 21.17
C GLY B 58 -24.15 -22.42 21.64
N LEU B 59 -24.21 -21.12 21.96
CA LEU B 59 -25.45 -20.60 22.54
C LEU B 59 -26.48 -20.24 21.46
N ILE B 60 -26.03 -20.17 20.22
CA ILE B 60 -26.89 -19.77 19.12
C ILE B 60 -26.76 -20.80 17.99
N ASP B 61 -27.90 -21.13 17.39
CA ASP B 61 -27.93 -22.12 16.26
C ASP B 61 -26.89 -21.78 15.21
N ARG B 62 -26.14 -22.79 14.74
CA ARG B 62 -25.12 -22.62 13.73
C ARG B 62 -25.58 -21.83 12.52
N LYS B 63 -26.77 -22.12 12.01
CA LYS B 63 -27.23 -21.45 10.79
C LYS B 63 -27.57 -19.99 11.00
N VAL B 64 -27.76 -19.63 12.27
CA VAL B 64 -28.05 -18.23 12.62
C VAL B 64 -26.74 -17.50 12.90
N VAL B 65 -25.87 -18.10 13.73
CA VAL B 65 -24.68 -17.40 14.19
C VAL B 65 -23.59 -17.24 13.14
N ARG B 66 -23.67 -18.07 12.08
CA ARG B 66 -22.70 -17.96 11.00
C ARG B 66 -22.70 -16.58 10.32
N PHE B 67 -23.82 -15.86 10.45
CA PHE B 67 -23.91 -14.56 9.84
C PHE B 67 -23.46 -13.40 10.75
N MET B 68 -23.15 -13.74 12.01
CA MET B 68 -23.05 -12.76 13.08
C MET B 68 -21.62 -12.40 13.50
N SER B 69 -21.45 -11.13 13.84
CA SER B 69 -20.28 -10.66 14.58
C SER B 69 -20.66 -10.59 16.06
N ASP B 70 -19.69 -10.22 16.91
CA ASP B 70 -19.97 -10.24 18.36
C ASP B 70 -21.09 -9.29 18.73
N ALA B 71 -21.17 -8.10 18.11
CA ALA B 71 -22.22 -7.13 18.51
C ALA B 71 -23.58 -7.83 18.37
N SER B 72 -23.74 -8.57 17.26
CA SER B 72 -25.01 -9.27 17.01
C SER B 72 -25.23 -10.44 17.96
N ILE B 73 -24.17 -11.16 18.30
CA ILE B 73 -24.28 -12.23 19.31
C ILE B 73 -24.78 -11.63 20.62
N TYR B 74 -24.14 -10.55 21.09
CA TYR B 74 -24.56 -9.94 22.37
C TYR B 74 -25.99 -9.44 22.35
N ALA B 75 -26.39 -8.82 21.24
CA ALA B 75 -27.76 -8.33 21.12
C ALA B 75 -28.76 -9.49 21.03
N PHE B 76 -28.40 -10.55 20.26
CA PHE B 76 -29.27 -11.73 20.14
C PHE B 76 -29.55 -12.38 21.51
N LEU B 77 -28.49 -12.63 22.29
CA LEU B 77 -28.65 -13.20 23.64
C LEU B 77 -29.48 -12.27 24.54
N SER B 78 -29.26 -10.96 24.38
CA SER B 78 -30.04 -10.01 25.20
C SER B 78 -31.52 -10.08 24.80
N MET B 79 -31.76 -10.24 23.50
CA MET B 79 -33.15 -10.31 23.03
C MET B 79 -33.82 -11.61 23.52
N GLU B 80 -33.08 -12.74 23.51
CA GLU B 80 -33.65 -13.96 24.12
C GLU B 80 -34.08 -13.70 25.56
N GLN B 81 -33.21 -13.05 26.33
CA GLN B 81 -33.54 -12.78 27.72
C GLN B 81 -34.75 -11.88 27.80
N ALA B 82 -34.83 -10.88 26.93
CA ALA B 82 -35.93 -9.92 26.99
C ALA B 82 -37.29 -10.58 26.65
N ILE B 83 -37.29 -11.47 25.66
CA ILE B 83 -38.52 -12.21 25.31
C ILE B 83 -38.99 -13.04 26.50
N ALA B 84 -38.06 -13.76 27.13
CA ALA B 84 -38.42 -14.58 28.29
C ALA B 84 -38.91 -13.72 29.45
N ASP B 85 -38.23 -12.62 29.70
CA ASP B 85 -38.63 -11.70 30.76
C ASP B 85 -40.03 -11.10 30.53
N ALA B 86 -40.33 -10.82 29.27
CA ALA B 86 -41.60 -10.23 28.88
C ALA B 86 -42.74 -11.24 28.90
N GLY B 87 -42.41 -12.52 28.92
CA GLY B 87 -43.47 -13.51 28.87
C GLY B 87 -44.12 -13.67 27.48
N LEU B 88 -43.35 -13.39 26.42
CA LEU B 88 -43.86 -13.46 25.05
C LEU B 88 -43.63 -14.81 24.40
N SER B 89 -44.70 -15.43 23.91
CA SER B 89 -44.54 -16.70 23.20
C SER B 89 -44.26 -16.41 21.72
N PRO B 90 -43.63 -17.37 21.00
CA PRO B 90 -43.43 -17.19 19.56
C PRO B 90 -44.75 -16.94 18.86
N GLU B 91 -45.83 -17.55 19.35
CA GLU B 91 -47.14 -17.31 18.75
C GLU B 91 -47.50 -15.83 18.76
N ALA B 92 -47.08 -15.12 19.81
CA ALA B 92 -47.47 -13.74 20.00
C ALA B 92 -46.60 -12.79 19.16
N TYR B 93 -45.30 -13.06 19.03
CA TYR B 93 -44.40 -12.03 18.47
C TYR B 93 -43.86 -12.36 17.08
N GLN B 94 -43.92 -13.64 16.68
CA GLN B 94 -43.38 -14.02 15.38
C GLN B 94 -44.40 -13.84 14.24
N ASN B 95 -43.91 -13.52 13.04
CA ASN B 95 -44.78 -13.39 11.83
C ASN B 95 -45.94 -12.47 12.15
N ASN B 96 -45.61 -11.37 12.81
CA ASN B 96 -46.63 -10.44 13.29
C ASN B 96 -46.27 -9.06 12.78
N PRO B 97 -47.07 -8.47 11.87
CA PRO B 97 -46.68 -7.19 11.29
C PRO B 97 -46.64 -6.03 12.28
N ARG B 98 -47.23 -6.24 13.46
CA ARG B 98 -47.26 -5.21 14.49
C ARG B 98 -46.08 -5.28 15.42
N VAL B 99 -45.13 -6.18 15.11
CA VAL B 99 -43.95 -6.38 15.99
C VAL B 99 -42.69 -6.14 15.22
N GLY B 100 -41.85 -5.22 15.75
CA GLY B 100 -40.65 -4.80 15.02
C GLY B 100 -39.38 -4.83 15.84
N LEU B 101 -38.29 -4.43 15.19
CA LEU B 101 -36.98 -4.48 15.84
C LEU B 101 -36.16 -3.30 15.36
N ILE B 102 -35.64 -2.54 16.32
CA ILE B 102 -34.76 -1.41 16.01
C ILE B 102 -33.56 -1.50 16.98
N ALA B 103 -32.41 -1.89 16.44
CA ALA B 103 -31.25 -2.13 17.30
C ALA B 103 -30.01 -1.91 16.45
N GLY B 104 -28.94 -1.35 17.03
CA GLY B 104 -27.77 -0.97 16.26
C GLY B 104 -26.48 -1.11 17.05
N SER B 105 -25.39 -0.79 16.37
CA SER B 105 -24.06 -0.73 16.98
C SER B 105 -23.44 0.57 16.56
N GLY B 106 -22.46 1.02 17.35
CA GLY B 106 -21.71 2.21 16.97
C GLY B 106 -20.74 1.95 15.81
N GLY B 107 -20.13 0.77 15.81
CA GLY B 107 -19.07 0.47 14.84
C GLY B 107 -19.24 -0.67 13.85
N GLY B 108 -20.33 -1.41 13.93
CA GLY B 108 -20.52 -2.58 13.04
C GLY B 108 -19.56 -3.66 13.51
N SER B 109 -18.67 -4.09 12.61
CA SER B 109 -17.62 -5.05 12.98
C SER B 109 -16.29 -4.71 12.31
N PRO B 110 -15.50 -3.81 12.93
CA PRO B 110 -14.12 -3.64 12.41
C PRO B 110 -13.35 -4.94 12.43
N ARG B 111 -13.60 -5.82 13.40
CA ARG B 111 -12.89 -7.12 13.41
C ARG B 111 -13.15 -7.89 12.12
N PHE B 112 -14.41 -8.03 11.74
CA PHE B 112 -14.67 -8.79 10.50
C PHE B 112 -14.36 -8.05 9.20
N GLN B 113 -14.45 -6.72 9.23
CA GLN B 113 -14.03 -5.95 8.04
C GLN B 113 -12.52 -6.12 7.83
N VAL B 114 -11.77 -6.06 8.92
CA VAL B 114 -10.33 -6.23 8.83
C VAL B 114 -9.97 -7.68 8.49
N PHE B 115 -10.71 -8.65 9.01
CA PHE B 115 -10.50 -10.03 8.62
C PHE B 115 -10.70 -10.18 7.09
N GLY B 116 -11.79 -9.60 6.56
CA GLY B 116 -12.07 -9.66 5.11
C GLY B 116 -10.91 -9.15 4.28
N ALA B 117 -10.41 -7.97 4.66
CA ALA B 117 -9.35 -7.32 3.90
C ALA B 117 -8.01 -8.09 4.05
N ASP B 118 -7.70 -8.58 5.25
CA ASP B 118 -6.49 -9.36 5.49
C ASP B 118 -6.54 -10.65 4.69
N ALA B 119 -7.67 -11.36 4.76
CA ALA B 119 -7.84 -12.59 3.98
C ALA B 119 -7.71 -12.39 2.48
N MET B 120 -8.37 -11.34 2.00
CA MET B 120 -8.39 -11.06 0.57
C MET B 120 -6.99 -10.80 0.06
N ARG B 121 -6.15 -10.20 0.90
CA ARG B 121 -4.82 -9.77 0.51
C ARG B 121 -3.82 -10.93 0.52
N GLY B 122 -4.22 -12.09 1.08
CA GLY B 122 -3.44 -13.33 0.98
C GLY B 122 -3.58 -14.07 -0.36
N PRO B 123 -2.84 -15.20 -0.49
CA PRO B 123 -2.76 -15.92 -1.75
C PRO B 123 -4.10 -16.53 -2.18
N ARG B 124 -5.04 -16.69 -1.24
CA ARG B 124 -6.30 -17.37 -1.59
C ARG B 124 -7.47 -16.41 -1.94
N GLY B 125 -7.24 -15.10 -1.78
CA GLY B 125 -8.22 -14.10 -2.17
C GLY B 125 -9.64 -14.41 -1.69
N LEU B 126 -10.58 -14.43 -2.62
CA LEU B 126 -12.01 -14.62 -2.28
C LEU B 126 -12.29 -15.84 -1.46
N LYS B 127 -11.53 -16.91 -1.71
CA LYS B 127 -11.80 -18.15 -1.03
C LYS B 127 -11.45 -18.06 0.44
N ALA B 128 -10.47 -17.22 0.77
CA ALA B 128 -10.10 -17.00 2.16
C ALA B 128 -11.11 -16.11 2.93
N VAL B 129 -11.76 -15.22 2.21
CA VAL B 129 -12.77 -14.32 2.81
C VAL B 129 -14.04 -15.14 3.17
N GLY B 130 -14.50 -15.97 2.23
CA GLY B 130 -15.69 -16.77 2.45
C GLY B 130 -16.95 -15.92 2.29
N PRO B 131 -18.12 -16.58 2.32
CA PRO B 131 -19.37 -15.89 1.99
C PRO B 131 -20.10 -15.20 3.15
N TYR B 132 -19.52 -15.19 4.36
CA TYR B 132 -20.27 -14.67 5.50
C TYR B 132 -19.82 -13.29 5.96
N VAL B 133 -18.78 -12.74 5.33
CA VAL B 133 -18.23 -11.46 5.82
C VAL B 133 -19.14 -10.24 5.65
N VAL B 134 -19.96 -10.14 4.59
CA VAL B 134 -20.86 -8.95 4.50
C VAL B 134 -21.78 -8.76 5.68
N THR B 135 -22.45 -9.84 6.11
CA THR B 135 -23.39 -9.70 7.16
C THR B 135 -22.70 -9.51 8.49
N LYS B 136 -21.50 -10.09 8.62
CA LYS B 136 -20.77 -9.90 9.88
C LYS B 136 -20.25 -8.50 9.97
N ALA B 137 -19.74 -8.00 8.84
CA ALA B 137 -19.17 -6.66 8.81
C ALA B 137 -20.13 -5.48 8.55
N MET B 138 -21.39 -5.73 8.15
CA MET B 138 -22.19 -4.56 7.78
C MET B 138 -22.72 -3.76 8.99
N ALA B 139 -22.97 -2.48 8.74
CA ALA B 139 -23.34 -1.55 9.82
C ALA B 139 -24.65 -1.97 10.50
N SER B 140 -25.55 -2.57 9.72
CA SER B 140 -26.87 -2.99 10.23
C SER B 140 -26.91 -4.43 10.77
N GLY B 141 -25.76 -5.06 10.98
CA GLY B 141 -25.73 -6.45 11.41
C GLY B 141 -26.58 -6.74 12.60
N VAL B 142 -26.60 -5.83 13.59
CA VAL B 142 -27.34 -6.08 14.82
C VAL B 142 -28.84 -6.20 14.59
N SER B 143 -29.40 -5.42 13.65
CA SER B 143 -30.84 -5.57 13.36
C SER B 143 -31.05 -6.73 12.40
N ALA B 144 -30.26 -6.79 11.32
CA ALA B 144 -30.44 -7.84 10.31
C ALA B 144 -30.38 -9.24 10.92
N CYS B 145 -29.34 -9.48 11.72
CA CYS B 145 -29.11 -10.81 12.29
C CYS B 145 -30.06 -11.26 13.36
N LEU B 146 -30.87 -10.33 13.87
CA LEU B 146 -31.90 -10.60 14.90
C LEU B 146 -33.31 -10.67 14.28
N ALA B 147 -33.62 -9.71 13.42
CA ALA B 147 -34.97 -9.68 12.85
C ALA B 147 -35.24 -10.98 12.06
N THR B 148 -34.19 -11.49 11.43
CA THR B 148 -34.34 -12.69 10.63
C THR B 148 -34.70 -13.93 11.47
N PRO B 149 -33.82 -14.36 12.43
CA PRO B 149 -34.14 -15.59 13.19
C PRO B 149 -35.33 -15.46 14.14
N PHE B 150 -35.63 -14.24 14.60
CA PHE B 150 -36.77 -14.04 15.49
C PHE B 150 -38.09 -13.85 14.72
N LYS B 151 -38.02 -13.97 13.40
CA LYS B 151 -39.21 -13.98 12.56
C LYS B 151 -40.00 -12.68 12.68
N ILE B 152 -39.27 -11.57 12.77
CA ILE B 152 -39.88 -10.25 12.88
C ILE B 152 -40.48 -9.84 11.54
N HIS B 153 -41.75 -9.37 11.56
CA HIS B 153 -42.38 -8.86 10.34
C HIS B 153 -42.59 -7.34 10.26
N GLY B 154 -42.45 -6.63 11.38
CA GLY B 154 -42.65 -5.18 11.38
C GLY B 154 -41.39 -4.43 10.96
N VAL B 155 -41.12 -3.32 11.63
CA VAL B 155 -39.95 -2.54 11.25
C VAL B 155 -38.70 -3.34 11.53
N ASN B 156 -37.68 -3.11 10.71
CA ASN B 156 -36.42 -3.83 10.88
C ASN B 156 -35.32 -2.94 10.35
N TYR B 157 -34.59 -2.31 11.26
CA TYR B 157 -33.43 -1.47 10.87
C TYR B 157 -32.62 -1.08 12.09
N SER B 158 -31.43 -0.53 11.84
CA SER B 158 -30.60 -0.03 12.94
C SER B 158 -30.65 1.49 12.96
N ILE B 159 -30.66 2.11 14.13
CA ILE B 159 -30.23 3.51 14.18
C ILE B 159 -28.78 3.45 14.56
N SER B 160 -27.97 4.32 13.96
CA SER B 160 -26.58 4.45 14.37
C SER B 160 -26.30 5.91 14.66
N SER B 161 -25.71 6.15 15.85
CA SER B 161 -25.40 7.50 16.28
C SER B 161 -24.24 7.45 17.27
N ALA B 162 -23.25 6.63 16.93
CA ALA B 162 -21.99 6.55 17.71
C ALA B 162 -22.37 6.15 19.14
N CYS B 163 -21.89 6.89 20.13
CA CYS B 163 -22.13 6.50 21.52
C CYS B 163 -23.58 6.75 22.02
N ALA B 164 -24.45 7.27 21.14
CA ALA B 164 -25.88 7.46 21.45
C ALA B 164 -26.78 6.38 20.81
N THR B 165 -26.15 5.48 20.05
CA THR B 165 -26.86 4.55 19.14
C THR B 165 -28.09 3.92 19.75
N SER B 166 -27.90 3.18 20.83
CA SER B 166 -29.02 2.36 21.33
C SER B 166 -30.06 3.16 22.08
N ALA B 167 -29.67 4.38 22.52
CA ALA B 167 -30.68 5.28 23.11
C ALA B 167 -31.61 5.80 22.00
N HIS B 168 -31.04 6.22 20.85
CA HIS B 168 -31.91 6.61 19.73
C HIS B 168 -32.75 5.41 19.24
N CYS B 169 -32.20 4.17 19.32
CA CYS B 169 -33.02 3.01 18.91
C CYS B 169 -34.26 2.92 19.77
N ILE B 170 -34.08 3.08 21.07
CA ILE B 170 -35.23 3.02 22.00
C ILE B 170 -36.22 4.16 21.70
N GLY B 171 -35.70 5.37 21.50
CA GLY B 171 -36.61 6.49 21.23
C GLY B 171 -37.37 6.29 19.92
N ASN B 172 -36.71 5.74 18.91
CA ASN B 172 -37.40 5.54 17.63
C ASN B 172 -38.47 4.44 17.78
N ALA B 173 -38.19 3.43 18.60
CA ALA B 173 -39.19 2.43 18.95
C ALA B 173 -40.41 3.10 19.59
N VAL B 174 -40.17 4.02 20.54
CA VAL B 174 -41.27 4.75 21.18
C VAL B 174 -42.09 5.47 20.10
N GLU B 175 -41.40 6.10 19.14
CA GLU B 175 -42.09 6.81 18.04
C GLU B 175 -42.98 5.86 17.24
N GLN B 176 -42.51 4.64 17.00
CA GLN B 176 -43.34 3.67 16.27
C GLN B 176 -44.64 3.36 16.96
N ILE B 177 -44.56 3.27 18.28
CA ILE B 177 -45.76 3.05 19.09
C ILE B 177 -46.64 4.33 19.01
N GLN B 178 -46.06 5.51 19.21
CA GLN B 178 -46.83 6.76 19.14
C GLN B 178 -47.54 6.98 17.82
N LEU B 179 -46.90 6.57 16.71
CA LEU B 179 -47.47 6.73 15.36
C LEU B 179 -48.56 5.67 15.12
N GLY B 180 -48.76 4.77 16.07
CA GLY B 180 -49.73 3.67 15.92
C GLY B 180 -49.31 2.57 14.96
N LYS B 181 -48.03 2.55 14.61
CA LYS B 181 -47.55 1.60 13.58
C LYS B 181 -47.19 0.23 14.11
N GLN B 182 -46.78 0.18 15.38
CA GLN B 182 -46.34 -1.06 15.98
C GLN B 182 -46.92 -1.21 17.37
N ASP B 183 -47.16 -2.45 17.77
CA ASP B 183 -47.57 -2.73 19.16
C ASP B 183 -46.37 -3.07 20.08
N ILE B 184 -45.35 -3.72 19.49
CA ILE B 184 -44.12 -4.09 20.20
C ILE B 184 -42.97 -3.78 19.28
N VAL B 185 -41.93 -3.16 19.84
CA VAL B 185 -40.66 -3.00 19.10
C VAL B 185 -39.57 -3.40 20.08
N PHE B 186 -38.77 -4.40 19.69
CA PHE B 186 -37.59 -4.79 20.45
C PHE B 186 -36.53 -3.77 20.13
N ALA B 187 -35.99 -3.09 21.15
CA ALA B 187 -35.04 -2.00 20.85
C ALA B 187 -33.77 -2.16 21.70
N GLY B 188 -32.63 -1.81 21.10
CA GLY B 188 -31.39 -1.91 21.87
C GLY B 188 -30.19 -1.88 20.96
N GLY B 189 -29.20 -2.72 21.27
CA GLY B 189 -27.95 -2.64 20.50
C GLY B 189 -26.91 -3.57 21.02
N GLY B 190 -25.79 -3.58 20.29
CA GLY B 190 -24.65 -4.41 20.70
C GLY B 190 -23.37 -3.76 20.21
N GLU B 191 -22.25 -4.16 20.78
CA GLU B 191 -20.97 -3.66 20.35
C GLU B 191 -19.92 -4.73 20.63
N GLU B 192 -19.08 -5.02 19.63
CA GLU B 192 -17.98 -5.93 19.86
C GLU B 192 -16.83 -5.19 20.59
N LEU B 193 -15.91 -5.99 21.13
CA LEU B 193 -14.74 -5.44 21.84
C LEU B 193 -13.50 -6.05 21.19
N CYS B 194 -12.64 -5.19 20.66
CA CYS B 194 -11.53 -5.65 19.78
C CYS B 194 -10.48 -4.53 19.65
N TRP B 195 -9.22 -4.92 19.56
CA TRP B 195 -8.19 -3.91 19.31
C TRP B 195 -8.41 -3.13 17.98
N GLU B 196 -9.02 -3.83 17.01
CA GLU B 196 -9.20 -3.25 15.67
C GLU B 196 -9.96 -1.94 15.75
N MET B 197 -11.00 -1.93 16.60
CA MET B 197 -11.80 -0.72 16.82
C MET B 197 -11.20 0.14 17.92
N ALA B 198 -10.79 -0.49 19.03
CA ALA B 198 -10.31 0.28 20.19
C ALA B 198 -9.13 1.19 19.81
N CYS B 199 -8.26 0.72 18.91
CA CYS B 199 -7.06 1.51 18.57
C CYS B 199 -7.42 2.83 17.91
N GLU B 200 -8.57 2.88 17.24
CA GLU B 200 -9.06 4.15 16.64
C GLU B 200 -9.30 5.22 17.77
N PHE B 201 -9.89 4.77 18.87
CA PHE B 201 -10.17 5.70 19.98
C PHE B 201 -8.89 6.06 20.73
N ASP B 202 -7.99 5.08 20.88
CA ASP B 202 -6.71 5.37 21.55
C ASP B 202 -5.95 6.41 20.72
N ALA B 203 -6.03 6.26 19.39
CA ALA B 203 -5.35 7.20 18.49
C ALA B 203 -5.85 8.64 18.56
N MET B 204 -7.11 8.85 18.99
CA MET B 204 -7.55 10.21 19.26
C MET B 204 -7.34 10.65 20.72
N GLY B 205 -6.70 9.81 21.53
CA GLY B 205 -6.36 10.15 22.90
C GLY B 205 -7.57 10.01 23.83
N ALA B 206 -8.58 9.27 23.37
CA ALA B 206 -9.88 9.20 24.07
C ALA B 206 -9.92 8.19 25.22
N LEU B 207 -8.98 7.25 25.23
CA LEU B 207 -8.96 6.10 26.20
C LEU B 207 -8.04 6.37 27.38
N SER B 208 -8.41 5.84 28.53
CA SER B 208 -7.58 5.88 29.71
C SER B 208 -6.28 5.09 29.48
N THR B 209 -5.16 5.72 29.86
CA THR B 209 -3.86 5.06 29.70
C THR B 209 -2.99 5.07 30.96
N LYS B 210 -3.36 5.80 32.02
CA LYS B 210 -2.46 5.95 33.19
C LYS B 210 -2.69 4.92 34.31
N TYR B 211 -3.71 4.08 34.14
CA TYR B 211 -4.17 3.20 35.20
C TYR B 211 -4.13 1.72 34.83
N ASN B 212 -3.27 1.36 33.88
CA ASN B 212 -3.26 -0.02 33.40
C ASN B 212 -2.89 -1.04 34.48
N ASP B 213 -2.08 -0.59 35.46
CA ASP B 213 -1.68 -1.46 36.56
C ASP B 213 -2.80 -1.72 37.59
N THR B 214 -3.83 -0.88 37.56
CA THR B 214 -4.97 -0.99 38.46
C THR B 214 -6.25 -0.84 37.63
N PRO B 215 -6.57 -1.87 36.84
CA PRO B 215 -7.67 -1.76 35.86
C PRO B 215 -9.00 -1.30 36.45
N GLU B 216 -9.31 -1.73 37.66
CA GLU B 216 -10.62 -1.41 38.24
C GLU B 216 -10.74 0.05 38.65
N LYS B 217 -9.61 0.78 38.63
CA LYS B 217 -9.61 2.19 38.98
C LYS B 217 -9.52 3.13 37.77
N ALA B 218 -9.39 2.55 36.56
CA ALA B 218 -9.15 3.40 35.36
C ALA B 218 -10.37 4.25 35.00
N SER B 219 -11.56 3.65 35.10
CA SER B 219 -12.80 4.36 34.78
C SER B 219 -13.28 5.08 36.05
N ARG B 220 -13.35 6.39 35.97
CA ARG B 220 -13.43 7.19 37.22
C ARG B 220 -14.10 8.53 36.97
N THR B 221 -15.31 8.44 36.42
CA THR B 221 -16.10 9.60 36.04
C THR B 221 -16.15 10.62 37.18
N TYR B 222 -15.89 11.89 36.88
CA TYR B 222 -15.89 13.02 37.86
C TYR B 222 -14.67 13.08 38.77
N ASP B 223 -13.80 12.07 38.74
CA ASP B 223 -12.57 12.16 39.54
C ASP B 223 -11.62 13.15 38.89
N ALA B 224 -10.93 13.94 39.71
CA ALA B 224 -10.05 15.00 39.18
C ALA B 224 -8.93 14.51 38.29
N HIS B 225 -8.58 13.23 38.42
CA HIS B 225 -7.47 12.64 37.66
C HIS B 225 -7.92 11.61 36.65
N ARG B 226 -9.19 11.73 36.25
CA ARG B 226 -9.67 10.96 35.11
C ARG B 226 -8.86 11.26 33.86
N ASP B 227 -8.78 10.27 32.95
CA ASP B 227 -7.89 10.45 31.80
C ASP B 227 -8.41 9.73 30.56
N GLY B 228 -9.74 9.68 30.44
CA GLY B 228 -10.40 9.08 29.26
C GLY B 228 -11.20 7.84 29.63
N PHE B 229 -11.97 7.38 28.65
CA PHE B 229 -12.85 6.24 28.90
C PHE B 229 -12.17 4.90 28.84
N VAL B 230 -12.87 3.91 29.38
CA VAL B 230 -12.42 2.53 29.28
C VAL B 230 -13.37 1.82 28.33
N ILE B 231 -12.85 1.33 27.24
CA ILE B 231 -13.74 0.77 26.22
C ILE B 231 -14.31 -0.56 26.71
N ALA B 232 -15.52 -0.88 26.25
CA ALA B 232 -16.19 -2.10 26.64
C ALA B 232 -17.03 -2.67 25.48
N GLY B 233 -17.49 -3.92 25.64
CA GLY B 233 -18.43 -4.47 24.66
C GLY B 233 -19.61 -5.05 25.41
N GLY B 234 -20.62 -5.45 24.66
CA GLY B 234 -21.79 -6.12 25.24
C GLY B 234 -23.04 -5.79 24.45
N GLY B 235 -24.19 -6.09 25.04
CA GLY B 235 -25.46 -5.83 24.37
C GLY B 235 -26.58 -5.60 25.37
N GLY B 236 -27.71 -5.16 24.83
CA GLY B 236 -28.88 -5.01 25.68
C GLY B 236 -30.08 -4.87 24.78
N MET B 237 -31.22 -5.30 25.29
CA MET B 237 -32.47 -5.19 24.54
C MET B 237 -33.61 -4.94 25.52
N VAL B 238 -34.52 -4.06 25.12
CA VAL B 238 -35.75 -3.86 25.90
C VAL B 238 -36.95 -4.11 25.01
N VAL B 239 -38.05 -4.51 25.62
CA VAL B 239 -39.31 -4.66 24.87
C VAL B 239 -40.13 -3.39 25.06
N VAL B 240 -40.26 -2.61 23.99
CA VAL B 240 -41.05 -1.40 23.99
C VAL B 240 -42.44 -1.73 23.45
N GLU B 241 -43.47 -1.43 24.24
CA GLU B 241 -44.79 -1.95 23.93
C GLU B 241 -45.88 -0.89 24.14
N GLU B 242 -46.87 -0.87 23.26
CA GLU B 242 -48.00 0.04 23.42
C GLU B 242 -48.76 -0.33 24.72
N LEU B 243 -49.17 0.70 25.49
CA LEU B 243 -49.68 0.47 26.85
C LEU B 243 -50.92 -0.46 26.90
N GLU B 244 -51.89 -0.21 26.03
CA GLU B 244 -53.13 -1.00 26.12
C GLU B 244 -52.83 -2.46 25.78
N HIS B 245 -51.94 -2.66 24.80
CA HIS B 245 -51.51 -4.00 24.39
C HIS B 245 -50.84 -4.72 25.57
N ALA B 246 -50.00 -3.99 26.30
CA ALA B 246 -49.33 -4.55 27.48
C ALA B 246 -50.32 -4.91 28.57
N LEU B 247 -51.21 -3.99 28.90
CA LEU B 247 -52.21 -4.27 29.95
C LEU B 247 -53.09 -5.47 29.58
N ALA B 248 -53.45 -5.56 28.30
CA ALA B 248 -54.42 -6.58 27.87
C ALA B 248 -53.84 -7.99 28.05
N ARG B 249 -52.51 -8.10 27.98
CA ARG B 249 -51.87 -9.42 28.15
C ARG B 249 -51.32 -9.67 29.55
N GLY B 250 -51.60 -8.76 30.48
CA GLY B 250 -51.09 -8.91 31.84
C GLY B 250 -49.57 -8.78 31.88
N ALA B 251 -49.02 -7.90 31.04
CA ALA B 251 -47.58 -7.67 31.02
C ALA B 251 -47.04 -7.20 32.37
N HIS B 252 -45.80 -7.57 32.66
CA HIS B 252 -45.07 -6.92 33.73
C HIS B 252 -44.47 -5.66 33.14
N ILE B 253 -44.86 -4.52 33.70
CA ILE B 253 -44.43 -3.22 33.18
C ILE B 253 -43.40 -2.59 34.10
N TYR B 254 -42.17 -2.40 33.61
CA TYR B 254 -41.15 -1.75 34.43
C TYR B 254 -41.43 -0.27 34.55
N ALA B 255 -41.72 0.38 33.45
CA ALA B 255 -41.85 1.85 33.41
C ALA B 255 -42.47 2.26 32.10
N GLU B 256 -43.00 3.46 32.07
CA GLU B 256 -43.44 4.11 30.84
C GLU B 256 -42.31 5.03 30.35
N ILE B 257 -42.07 5.07 29.03
CA ILE B 257 -41.13 6.04 28.50
C ILE B 257 -41.93 7.32 28.30
N VAL B 258 -41.78 8.24 29.25
CA VAL B 258 -42.57 9.47 29.25
C VAL B 258 -41.84 10.63 28.55
N GLY B 259 -40.57 10.43 28.22
CA GLY B 259 -39.87 11.44 27.45
C GLY B 259 -38.74 10.90 26.60
N TYR B 260 -38.49 11.57 25.48
CA TYR B 260 -37.42 11.16 24.56
C TYR B 260 -36.96 12.43 23.86
N GLY B 261 -35.71 12.80 24.13
CA GLY B 261 -35.08 13.96 23.49
C GLY B 261 -34.06 13.44 22.51
N ALA B 262 -33.96 14.12 21.37
CA ALA B 262 -32.94 13.83 20.37
C ALA B 262 -32.61 15.18 19.74
N THR B 263 -31.38 15.60 19.89
CA THR B 263 -30.95 16.87 19.32
C THR B 263 -29.55 16.76 18.73
N SER B 264 -29.06 17.90 18.28
CA SER B 264 -27.78 17.97 17.58
C SER B 264 -27.03 19.23 18.02
N ASP B 265 -25.72 19.11 18.20
CA ASP B 265 -24.94 20.30 18.61
C ASP B 265 -24.64 21.23 17.41
N GLY B 266 -24.32 20.67 16.23
CA GLY B 266 -23.97 21.50 15.07
C GLY B 266 -22.74 22.39 15.36
N ALA B 267 -21.77 21.81 16.05
CA ALA B 267 -20.68 22.61 16.60
C ALA B 267 -19.34 21.89 16.34
N ASP B 268 -18.96 20.97 17.23
CA ASP B 268 -17.65 20.31 17.16
C ASP B 268 -17.83 18.81 16.99
N MET B 269 -16.92 18.16 16.25
CA MET B 269 -17.05 16.74 15.99
C MET B 269 -16.81 15.86 17.20
N VAL B 270 -15.81 16.24 18.00
CA VAL B 270 -15.33 15.32 19.04
C VAL B 270 -15.35 15.90 20.47
N ALA B 271 -15.98 17.07 20.62
CA ALA B 271 -16.24 17.62 21.93
C ALA B 271 -17.67 18.14 21.95
N PRO B 272 -18.38 17.95 23.09
CA PRO B 272 -19.79 18.43 23.17
C PRO B 272 -19.89 19.95 23.38
N SER B 273 -20.98 20.55 22.89
CA SER B 273 -21.22 21.98 23.10
C SER B 273 -21.89 22.22 24.46
N GLY B 274 -22.62 21.23 24.97
CA GLY B 274 -23.44 21.41 26.20
C GLY B 274 -24.83 21.97 25.87
N GLU B 275 -24.85 23.01 25.02
CA GLU B 275 -26.08 23.64 24.53
C GLU B 275 -27.04 22.59 23.91
N GLY B 276 -26.49 21.66 23.13
CA GLY B 276 -27.35 20.62 22.53
C GLY B 276 -27.93 19.70 23.60
N ALA B 277 -27.09 19.37 24.59
CA ALA B 277 -27.50 18.53 25.71
C ALA B 277 -28.62 19.18 26.55
N VAL B 278 -28.50 20.48 26.78
CA VAL B 278 -29.55 21.21 27.49
C VAL B 278 -30.87 21.07 26.76
N ARG B 279 -30.84 21.29 25.45
CA ARG B 279 -32.10 21.19 24.70
C ARG B 279 -32.66 19.78 24.70
N CYS B 280 -31.75 18.81 24.69
CA CYS B 280 -32.15 17.40 24.61
C CYS B 280 -32.85 16.99 25.92
N MET B 281 -32.23 17.32 27.05
CA MET B 281 -32.88 17.06 28.32
C MET B 281 -34.21 17.81 28.47
N LYS B 282 -34.23 19.09 28.10
CA LYS B 282 -35.49 19.84 28.19
C LYS B 282 -36.58 19.21 27.32
N MET B 283 -36.20 18.72 26.14
CA MET B 283 -37.15 18.09 25.23
C MET B 283 -37.74 16.83 25.90
N ALA B 284 -36.87 16.05 26.55
CA ALA B 284 -37.33 14.83 27.20
C ALA B 284 -38.22 15.08 28.40
N MET B 285 -38.07 16.26 29.00
CA MET B 285 -38.89 16.61 30.16
C MET B 285 -40.17 17.33 29.82
N HIS B 286 -40.37 17.69 28.55
CA HIS B 286 -41.59 18.42 28.17
C HIS B 286 -42.85 17.60 28.47
N GLY B 287 -43.77 18.20 29.23
CA GLY B 287 -44.97 17.47 29.65
C GLY B 287 -44.79 16.44 30.76
N VAL B 288 -43.54 16.26 31.21
CA VAL B 288 -43.28 15.35 32.31
C VAL B 288 -43.49 16.17 33.58
N ASP B 289 -44.52 15.82 34.32
CA ASP B 289 -44.98 16.63 35.45
C ASP B 289 -44.43 16.17 36.80
N THR B 290 -43.42 15.30 36.78
CA THR B 290 -42.84 14.79 38.01
C THR B 290 -41.34 15.09 37.98
N PRO B 291 -40.71 15.25 39.16
CA PRO B 291 -39.27 15.56 39.15
C PRO B 291 -38.44 14.33 38.82
N ILE B 292 -37.24 14.58 38.31
CA ILE B 292 -36.26 13.50 38.10
C ILE B 292 -35.64 13.10 39.46
N ASP B 293 -35.81 11.83 39.81
CA ASP B 293 -35.32 11.32 41.09
C ASP B 293 -33.91 10.81 40.98
N TYR B 294 -33.51 10.48 39.74
CA TYR B 294 -32.18 9.93 39.54
C TYR B 294 -31.83 10.11 38.09
N LEU B 295 -30.59 10.53 37.83
CA LEU B 295 -30.10 10.74 36.46
C LEU B 295 -28.84 9.88 36.28
N ASN B 296 -28.92 8.96 35.30
CA ASN B 296 -27.79 8.13 34.92
C ASN B 296 -27.07 8.92 33.83
N SER B 297 -25.94 9.52 34.17
CA SER B 297 -25.30 10.43 33.22
C SER B 297 -24.59 9.66 32.11
N HIS B 298 -24.27 10.32 31.02
CA HIS B 298 -23.47 9.64 30.02
C HIS B 298 -22.05 9.41 30.62
N GLY B 299 -21.47 10.44 31.24
CA GLY B 299 -20.41 10.26 32.26
C GLY B 299 -19.33 9.26 31.87
N THR B 300 -18.55 9.60 30.85
CA THR B 300 -17.61 8.62 30.23
C THR B 300 -16.22 8.51 30.92
N SER B 301 -15.95 9.46 31.82
CA SER B 301 -14.59 9.58 32.46
C SER B 301 -13.56 10.35 31.61
N THR B 302 -14.07 11.33 30.88
CA THR B 302 -13.28 12.15 29.98
C THR B 302 -13.20 13.52 30.65
N PRO B 303 -12.02 14.14 30.59
CA PRO B 303 -11.86 15.50 31.17
C PRO B 303 -12.92 16.52 30.73
N VAL B 304 -13.06 16.74 29.43
CA VAL B 304 -14.03 17.73 28.93
C VAL B 304 -15.48 17.22 29.08
N GLY B 305 -15.75 16.02 28.58
CA GLY B 305 -17.14 15.57 28.52
C GLY B 305 -17.86 15.52 29.86
N ASP B 306 -17.17 15.05 30.90
CA ASP B 306 -17.87 14.82 32.16
C ASP B 306 -18.45 16.12 32.65
N VAL B 307 -17.66 17.18 32.60
CA VAL B 307 -18.08 18.44 33.22
C VAL B 307 -18.92 19.26 32.28
N LYS B 308 -18.79 19.07 30.96
CA LYS B 308 -19.71 19.73 30.03
C LYS B 308 -21.14 19.24 30.31
N GLU B 309 -21.29 17.92 30.49
CA GLU B 309 -22.61 17.38 30.80
C GLU B 309 -23.14 17.89 32.15
N LEU B 310 -22.26 17.99 33.16
CA LEU B 310 -22.74 18.52 34.44
C LEU B 310 -23.22 19.98 34.34
N ALA B 311 -22.49 20.80 33.59
CA ALA B 311 -22.92 22.18 33.34
C ALA B 311 -24.33 22.18 32.71
N ALA B 312 -24.56 21.29 31.75
CA ALA B 312 -25.86 21.26 31.07
C ALA B 312 -26.95 20.84 32.08
N ILE B 313 -26.64 19.82 32.91
CA ILE B 313 -27.56 19.41 33.98
C ILE B 313 -27.93 20.58 34.89
N ARG B 314 -26.93 21.37 35.30
CA ARG B 314 -27.23 22.53 36.18
C ARG B 314 -28.15 23.50 35.48
N GLU B 315 -27.94 23.71 34.19
CA GLU B 315 -28.78 24.67 33.49
C GLU B 315 -30.23 24.16 33.39
N VAL B 316 -30.38 22.86 33.13
CA VAL B 316 -31.73 22.33 32.96
C VAL B 316 -32.47 22.33 34.28
N PHE B 317 -31.80 21.92 35.35
CA PHE B 317 -32.51 21.70 36.61
C PHE B 317 -32.51 22.88 37.58
N GLY B 318 -31.67 23.88 37.30
CA GLY B 318 -31.63 25.09 38.14
C GLY B 318 -31.26 24.75 39.56
N ASP B 319 -32.12 25.17 40.51
CA ASP B 319 -31.88 24.94 41.92
C ASP B 319 -32.57 23.69 42.44
N LYS B 320 -32.91 22.77 41.54
CA LYS B 320 -33.44 21.49 41.98
C LYS B 320 -32.75 20.35 41.21
N SER B 321 -31.49 20.07 41.53
CA SER B 321 -30.75 19.07 40.77
C SER B 321 -31.07 17.67 41.26
N PRO B 322 -31.09 16.66 40.35
CA PRO B 322 -31.36 15.28 40.77
C PRO B 322 -30.11 14.52 41.25
N ALA B 323 -30.32 13.40 41.95
CA ALA B 323 -29.24 12.50 42.30
C ALA B 323 -28.64 12.01 40.98
N ILE B 324 -27.33 11.83 40.94
CA ILE B 324 -26.66 11.47 39.69
C ILE B 324 -25.67 10.37 39.99
N SER B 325 -25.55 9.41 39.07
CA SER B 325 -24.38 8.56 39.14
C SER B 325 -23.98 8.17 37.73
N ALA B 326 -22.69 7.86 37.57
CA ALA B 326 -22.14 7.46 36.27
C ALA B 326 -21.74 6.01 36.37
N THR B 327 -22.61 5.13 35.86
CA THR B 327 -22.33 3.72 35.94
C THR B 327 -21.15 3.26 35.09
N LYS B 328 -20.70 4.10 34.14
CA LYS B 328 -19.52 3.71 33.35
C LYS B 328 -18.26 3.57 34.22
N ALA B 329 -18.26 4.20 35.41
CA ALA B 329 -17.08 4.00 36.29
C ALA B 329 -16.95 2.52 36.68
N MET B 330 -18.09 1.81 36.78
CA MET B 330 -18.10 0.33 36.96
C MET B 330 -17.96 -0.45 35.63
N THR B 331 -18.72 -0.03 34.63
CA THR B 331 -18.93 -0.91 33.47
C THR B 331 -18.00 -0.64 32.29
N GLY B 332 -17.36 0.54 32.28
CA GLY B 332 -16.72 1.01 31.05
C GLY B 332 -17.77 1.46 30.04
N HIS B 333 -17.28 1.83 28.85
CA HIS B 333 -18.08 2.50 27.84
C HIS B 333 -18.30 1.56 26.67
N SER B 334 -19.52 1.00 26.55
CA SER B 334 -19.83 0.02 25.48
C SER B 334 -20.31 0.69 24.20
N LEU B 335 -20.00 1.98 24.03
CA LEU B 335 -20.19 2.68 22.75
C LEU B 335 -21.67 2.61 22.34
N GLY B 336 -21.95 2.00 21.18
CA GLY B 336 -23.34 1.95 20.74
C GLY B 336 -24.26 1.15 21.66
N ALA B 337 -23.71 0.24 22.49
CA ALA B 337 -24.55 -0.52 23.43
C ALA B 337 -24.80 0.24 24.77
N ALA B 338 -24.16 1.40 24.96
CA ALA B 338 -24.19 2.02 26.28
C ALA B 338 -25.61 2.52 26.57
N GLY B 339 -26.27 3.09 25.58
CA GLY B 339 -27.62 3.68 25.83
C GLY B 339 -28.64 2.65 26.35
N VAL B 340 -28.71 1.49 25.71
CA VAL B 340 -29.68 0.50 26.18
C VAL B 340 -29.22 -0.12 27.49
N GLN B 341 -27.93 -0.41 27.64
CA GLN B 341 -27.47 -0.99 28.91
C GLN B 341 -27.77 -0.06 30.06
N GLU B 342 -27.52 1.23 29.86
CA GLU B 342 -27.77 2.23 30.92
C GLU B 342 -29.24 2.51 31.18
N ALA B 343 -30.06 2.40 30.14
CA ALA B 343 -31.51 2.41 30.38
C ALA B 343 -31.89 1.24 31.25
N ILE B 344 -31.30 0.06 30.97
CA ILE B 344 -31.56 -1.13 31.76
C ILE B 344 -31.08 -0.93 33.22
N TYR B 345 -29.86 -0.38 33.41
CA TYR B 345 -29.42 -0.19 34.82
C TYR B 345 -30.41 0.73 35.50
N SER B 346 -30.88 1.76 34.76
CA SER B 346 -31.81 2.75 35.33
C SER B 346 -33.15 2.09 35.67
N LEU B 347 -33.60 1.17 34.80
CA LEU B 347 -34.86 0.44 35.06
C LEU B 347 -34.69 -0.53 36.25
N LEU B 348 -33.50 -1.11 36.42
CA LEU B 348 -33.29 -1.97 37.58
C LEU B 348 -33.31 -1.14 38.85
N MET B 349 -32.75 0.06 38.78
CA MET B 349 -32.77 0.95 39.96
C MET B 349 -34.20 1.35 40.32
N LEU B 350 -35.01 1.60 39.29
CA LEU B 350 -36.40 2.01 39.51
C LEU B 350 -37.19 0.86 40.07
N GLU B 351 -36.98 -0.32 39.50
CA GLU B 351 -37.76 -1.50 39.86
C GLU B 351 -37.40 -1.98 41.27
N HIS B 352 -36.11 -1.88 41.63
CA HIS B 352 -35.64 -2.46 42.91
C HIS B 352 -35.41 -1.40 43.97
N GLY B 353 -35.63 -0.15 43.59
CA GLY B 353 -35.55 0.96 44.54
C GLY B 353 -34.15 1.20 45.13
N PHE B 354 -33.19 1.48 44.25
CA PHE B 354 -31.86 1.86 44.79
C PHE B 354 -31.16 2.72 43.76
N ILE B 355 -30.15 3.45 44.20
CA ILE B 355 -29.25 4.18 43.29
C ILE B 355 -27.88 3.53 43.34
N ALA B 356 -27.39 3.15 42.16
CA ALA B 356 -26.06 2.53 42.04
C ALA B 356 -25.00 3.61 42.22
N PRO B 357 -23.82 3.25 42.79
CA PRO B 357 -22.84 4.29 43.12
C PRO B 357 -22.00 4.70 41.90
N SER B 358 -21.54 5.94 41.92
CA SER B 358 -20.54 6.46 40.96
C SER B 358 -19.19 6.18 41.61
N ILE B 359 -18.51 5.13 41.15
CA ILE B 359 -17.29 4.66 41.89
C ILE B 359 -16.01 5.39 41.47
N ASN B 360 -14.95 5.19 42.26
CA ASN B 360 -13.60 5.68 41.94
C ASN B 360 -13.41 7.20 41.99
N ILE B 361 -14.32 7.89 42.69
CA ILE B 361 -14.15 9.33 42.86
C ILE B 361 -13.26 9.55 44.08
N GLU B 362 -11.97 9.66 43.84
CA GLU B 362 -11.05 9.85 44.96
C GLU B 362 -10.90 11.32 45.33
N GLU B 363 -11.03 12.18 44.33
CA GLU B 363 -11.05 13.60 44.52
C GLU B 363 -12.08 14.14 43.52
N LEU B 364 -13.14 14.73 44.02
CA LEU B 364 -14.22 15.16 43.13
C LEU B 364 -13.75 16.38 42.32
N ASP B 365 -13.98 16.38 41.00
CA ASP B 365 -13.64 17.54 40.18
C ASP B 365 -14.30 18.80 40.72
N GLU B 366 -13.57 19.91 40.73
CA GLU B 366 -14.16 21.17 41.21
C GLU B 366 -15.46 21.54 40.49
N GLN B 367 -15.55 21.16 39.20
CA GLN B 367 -16.76 21.48 38.42
C GLN B 367 -17.96 20.56 38.73
N ALA B 368 -17.76 19.61 39.63
CA ALA B 368 -18.84 18.71 40.07
C ALA B 368 -19.41 19.06 41.43
N ALA B 369 -18.93 20.15 42.02
CA ALA B 369 -19.34 20.53 43.37
C ALA B 369 -20.81 20.92 43.46
N GLY B 370 -21.41 20.65 44.62
CA GLY B 370 -22.79 21.03 44.89
C GLY B 370 -23.85 20.18 44.23
N LEU B 371 -23.43 19.05 43.66
CA LEU B 371 -24.40 18.12 43.08
C LEU B 371 -24.39 16.85 43.89
N ASN B 372 -25.52 16.16 43.92
CA ASN B 372 -25.58 14.89 44.62
C ASN B 372 -25.10 13.76 43.70
N ILE B 373 -23.79 13.66 43.58
CA ILE B 373 -23.19 12.53 42.89
C ILE B 373 -23.09 11.39 43.87
N VAL B 374 -23.93 10.39 43.67
CA VAL B 374 -24.08 9.34 44.67
C VAL B 374 -22.92 8.38 44.57
N THR B 375 -22.19 8.19 45.69
CA THR B 375 -20.96 7.41 45.65
C THR B 375 -21.02 6.12 46.51
N GLU B 376 -22.17 5.87 47.15
CA GLU B 376 -22.42 4.61 47.86
C GLU B 376 -23.83 4.15 47.48
N THR B 377 -24.00 2.84 47.33
CA THR B 377 -25.31 2.27 47.04
C THR B 377 -26.31 2.77 48.07
N THR B 378 -27.43 3.28 47.55
CA THR B 378 -28.43 3.93 48.40
C THR B 378 -29.80 3.38 48.06
N ASP B 379 -30.46 2.76 49.04
CA ASP B 379 -31.86 2.34 48.84
C ASP B 379 -32.76 3.56 48.88
N ARG B 380 -33.61 3.68 47.87
CA ARG B 380 -34.47 4.85 47.75
C ARG B 380 -35.58 4.47 46.82
N GLU B 381 -36.80 4.84 47.19
CA GLU B 381 -37.90 4.63 46.28
C GLU B 381 -37.85 5.72 45.23
N LEU B 382 -37.68 5.30 43.97
CA LEU B 382 -37.65 6.21 42.83
C LEU B 382 -38.95 6.12 42.04
N THR B 383 -39.31 7.20 41.35
CA THR B 383 -40.48 7.21 40.47
C THR B 383 -40.15 7.57 39.03
N THR B 384 -39.26 8.56 38.84
CA THR B 384 -38.94 9.07 37.48
C THR B 384 -37.42 9.12 37.37
N VAL B 385 -36.86 8.52 36.32
CA VAL B 385 -35.42 8.48 36.13
C VAL B 385 -35.08 8.96 34.71
N MET B 386 -33.90 9.52 34.56
CA MET B 386 -33.47 10.09 33.28
C MET B 386 -32.11 9.47 32.95
N SER B 387 -31.89 9.19 31.67
CA SER B 387 -30.63 8.62 31.23
C SER B 387 -30.16 9.32 29.95
N ASN B 388 -28.93 9.86 29.94
CA ASN B 388 -28.38 10.60 28.82
C ASN B 388 -27.38 9.77 28.01
N SER B 389 -27.39 9.98 26.68
CA SER B 389 -26.37 9.38 25.83
C SER B 389 -25.95 10.38 24.75
N PHE B 390 -24.65 10.52 24.53
CA PHE B 390 -24.17 11.49 23.53
C PHE B 390 -23.18 10.76 22.65
N GLY B 391 -22.97 11.24 21.42
CA GLY B 391 -21.95 10.66 20.56
C GLY B 391 -21.20 11.67 19.76
N PHE B 392 -20.04 11.24 19.28
CA PHE B 392 -19.27 12.03 18.34
C PHE B 392 -20.17 12.47 17.21
N GLY B 393 -19.87 13.64 16.68
CA GLY B 393 -20.75 14.29 15.71
C GLY B 393 -21.81 15.18 16.34
N GLY B 394 -21.77 15.28 17.66
CA GLY B 394 -22.69 16.16 18.36
C GLY B 394 -24.12 15.64 18.33
N THR B 395 -24.25 14.33 18.52
CA THR B 395 -25.59 13.71 18.58
C THR B 395 -26.01 13.43 20.02
N ASN B 396 -27.23 13.83 20.40
CA ASN B 396 -27.68 13.74 21.78
C ASN B 396 -28.98 12.98 21.89
N ALA B 397 -29.08 12.14 22.92
CA ALA B 397 -30.33 11.44 23.25
C ALA B 397 -30.53 11.47 24.75
N THR B 398 -31.78 11.63 25.15
CA THR B 398 -32.13 11.51 26.56
C THR B 398 -33.43 10.72 26.64
N LEU B 399 -33.50 9.79 27.60
CA LEU B 399 -34.73 9.02 27.84
C LEU B 399 -35.17 9.28 29.27
N VAL B 400 -36.48 9.43 29.47
CA VAL B 400 -37.03 9.56 30.80
C VAL B 400 -38.08 8.48 30.98
N MET B 401 -37.94 7.76 32.08
CA MET B 401 -38.72 6.56 32.36
C MET B 401 -39.38 6.72 33.73
N ARG B 402 -40.68 6.37 33.79
CA ARG B 402 -41.46 6.62 35.00
C ARG B 402 -42.32 5.45 35.33
N LYS B 403 -42.38 5.11 36.63
CA LYS B 403 -43.31 4.05 37.06
C LYS B 403 -44.73 4.37 36.60
N LEU B 404 -45.47 3.33 36.25
CA LEU B 404 -46.86 3.52 35.83
C LEU B 404 -47.79 3.53 37.04
C MET C 1 47.04 7.39 -25.52
N LYS C 2 45.82 6.89 -25.77
CA LYS C 2 44.71 7.75 -26.23
C LYS C 2 44.23 8.63 -25.08
N ARG C 3 43.81 9.85 -25.44
CA ARG C 3 43.30 10.82 -24.49
C ARG C 3 41.76 10.86 -24.51
N ALA C 4 41.16 11.07 -23.34
CA ALA C 4 39.69 11.03 -23.23
C ALA C 4 39.17 12.37 -22.78
N VAL C 5 38.18 12.88 -23.50
CA VAL C 5 37.60 14.19 -23.18
C VAL C 5 36.09 14.07 -22.97
N ILE C 6 35.54 15.06 -22.28
CA ILE C 6 34.09 15.10 -22.12
C ILE C 6 33.49 16.13 -23.09
N THR C 7 32.55 15.64 -23.91
CA THR C 7 32.01 16.48 -25.00
C THR C 7 30.50 16.72 -24.91
N GLY C 8 29.88 16.24 -23.85
CA GLY C 8 28.48 16.51 -23.64
C GLY C 8 28.09 16.08 -22.26
N LEU C 9 27.07 16.74 -21.72
CA LEU C 9 26.57 16.31 -20.41
C LEU C 9 25.08 16.45 -20.33
N GLY C 10 24.52 15.74 -19.37
CA GLY C 10 23.05 15.72 -19.17
C GLY C 10 22.83 15.40 -17.70
N ILE C 11 21.78 16.00 -17.13
CA ILE C 11 21.57 15.83 -15.69
C ILE C 11 20.11 16.02 -15.31
N VAL C 12 19.66 15.17 -14.39
CA VAL C 12 18.35 15.34 -13.73
C VAL C 12 18.66 15.27 -12.24
N SER C 13 18.51 16.38 -11.52
CA SER C 13 19.00 16.43 -10.14
C SER C 13 18.03 17.19 -9.25
N SER C 14 18.25 17.06 -7.96
CA SER C 14 17.44 17.81 -7.00
C SER C 14 17.53 19.33 -7.21
N ILE C 15 18.58 19.80 -7.92
CA ILE C 15 18.82 21.25 -8.06
C ILE C 15 18.64 21.71 -9.50
N GLY C 16 18.07 20.84 -10.34
CA GLY C 16 17.76 21.24 -11.71
C GLY C 16 17.64 20.10 -12.69
N ASN C 17 16.81 20.30 -13.70
CA ASN C 17 16.50 19.27 -14.68
C ASN C 17 17.25 19.40 -15.99
N ASN C 18 18.20 20.34 -16.01
CA ASN C 18 19.15 20.44 -17.12
C ASN C 18 20.33 21.28 -16.63
N GLN C 19 21.37 21.39 -17.46
CA GLN C 19 22.59 22.02 -16.95
C GLN C 19 22.44 23.55 -16.70
N GLN C 20 21.48 24.18 -17.38
CA GLN C 20 21.26 25.62 -17.12
C GLN C 20 20.62 25.80 -15.76
N GLU C 21 19.61 25.00 -15.45
CA GLU C 21 18.96 25.11 -14.13
C GLU C 21 19.95 24.81 -13.00
N VAL C 22 20.78 23.77 -13.24
CA VAL C 22 21.80 23.38 -12.27
C VAL C 22 22.83 24.50 -12.07
N LEU C 23 23.30 25.11 -13.17
CA LEU C 23 24.27 26.23 -13.08
C LEU C 23 23.71 27.35 -12.18
N ALA C 24 22.44 27.73 -12.42
CA ALA C 24 21.86 28.80 -11.60
C ALA C 24 21.80 28.37 -10.12
N SER C 25 21.35 27.14 -9.86
CA SER C 25 21.30 26.69 -8.45
C SER C 25 22.68 26.73 -7.80
N LEU C 26 23.68 26.20 -8.52
CA LEU C 26 25.05 26.18 -7.96
C LEU C 26 25.52 27.59 -7.62
N ARG C 27 25.34 28.53 -8.53
CA ARG C 27 25.80 29.92 -8.28
C ARG C 27 25.04 30.57 -7.14
N GLU C 28 23.78 30.19 -6.96
CA GLU C 28 22.96 30.78 -5.94
C GLU C 28 23.02 30.06 -4.58
N GLY C 29 23.76 28.93 -4.52
CA GLY C 29 23.77 28.17 -3.27
C GLY C 29 22.39 27.63 -2.88
N ARG C 30 21.59 27.25 -3.89
CA ARG C 30 20.20 26.90 -3.68
C ARG C 30 20.09 25.44 -3.26
N SER C 31 19.35 25.19 -2.20
CA SER C 31 19.10 23.84 -1.75
C SER C 31 18.07 23.13 -2.61
N GLY C 32 18.33 21.84 -2.85
CA GLY C 32 17.36 20.96 -3.50
C GLY C 32 16.59 20.08 -2.51
N ILE C 33 16.72 20.35 -1.20
CA ILE C 33 16.17 19.44 -0.20
C ILE C 33 14.80 19.88 0.26
N THR C 34 13.91 18.90 0.36
CA THR C 34 12.52 19.16 0.78
C THR C 34 12.11 18.16 1.85
N PHE C 35 11.05 18.50 2.60
CA PHE C 35 10.42 17.55 3.50
C PHE C 35 9.73 16.46 2.68
N SER C 36 9.86 15.20 3.15
CA SER C 36 9.20 14.08 2.50
C SER C 36 8.15 13.44 3.38
N GLN C 37 6.89 13.63 3.02
CA GLN C 37 5.83 12.87 3.70
C GLN C 37 5.97 11.35 3.54
N GLU C 38 6.47 10.91 2.39
CA GLU C 38 6.68 9.50 2.17
C GLU C 38 7.65 8.91 3.18
N LEU C 39 8.79 9.60 3.39
CA LEU C 39 9.72 9.07 4.36
C LEU C 39 9.14 9.06 5.75
N LYS C 40 8.46 10.15 6.12
CA LYS C 40 7.83 10.19 7.44
C LYS C 40 6.79 9.08 7.58
N ASP C 41 5.92 8.94 6.57
CA ASP C 41 4.86 7.93 6.65
C ASP C 41 5.42 6.52 6.82
N SER C 42 6.65 6.29 6.31
CA SER C 42 7.21 4.92 6.29
C SER C 42 7.73 4.50 7.66
N GLY C 43 7.75 5.44 8.60
CA GLY C 43 8.29 5.10 9.92
C GLY C 43 9.75 5.53 10.15
N MET C 44 10.33 6.21 9.17
CA MET C 44 11.72 6.65 9.29
C MET C 44 11.88 7.80 10.26
N ARG C 45 13.12 8.02 10.73
CA ARG C 45 13.47 9.18 11.53
C ARG C 45 13.93 10.37 10.65
N SER C 46 14.48 10.07 9.47
CA SER C 46 14.87 11.09 8.51
C SER C 46 13.69 11.39 7.60
N HIS C 47 13.27 12.68 7.54
CA HIS C 47 12.05 13.02 6.76
C HIS C 47 12.40 14.03 5.67
N VAL C 48 13.64 14.00 5.19
CA VAL C 48 14.08 14.99 4.22
C VAL C 48 14.77 14.28 3.08
N TRP C 49 14.66 14.87 1.89
CA TRP C 49 15.31 14.24 0.70
C TRP C 49 15.56 15.21 -0.43
N GLY C 50 16.50 14.86 -1.31
CA GLY C 50 16.71 15.67 -2.51
C GLY C 50 15.98 15.02 -3.66
N ASN C 51 14.72 15.44 -3.85
CA ASN C 51 13.86 14.83 -4.85
C ASN C 51 14.01 15.51 -6.22
N VAL C 52 13.75 14.73 -7.26
CA VAL C 52 13.71 15.27 -8.60
C VAL C 52 12.34 15.95 -8.77
N LYS C 53 12.35 17.21 -9.13
CA LYS C 53 11.11 17.98 -9.22
C LYS C 53 10.69 18.00 -10.69
N LEU C 54 10.14 16.87 -11.12
CA LEU C 54 9.77 16.69 -12.51
C LEU C 54 8.85 15.48 -12.56
N ASP C 55 7.73 15.65 -13.26
CA ASP C 55 6.85 14.51 -13.53
C ASP C 55 7.35 13.95 -14.85
N THR C 56 7.90 12.72 -14.80
CA THR C 56 8.50 12.14 -15.98
C THR C 56 7.56 11.38 -16.97
N THR C 57 6.26 11.38 -16.68
CA THR C 57 5.27 10.72 -17.54
C THR C 57 5.29 11.22 -18.99
N GLY C 58 5.33 10.28 -19.94
CA GLY C 58 5.26 10.62 -21.37
C GLY C 58 6.53 11.14 -22.01
N LEU C 59 7.61 11.25 -21.21
CA LEU C 59 8.89 11.75 -21.73
C LEU C 59 9.68 10.65 -22.43
N ILE C 60 9.29 9.39 -22.14
CA ILE C 60 9.89 8.22 -22.77
C ILE C 60 8.78 7.38 -23.41
N ASP C 61 9.07 6.90 -24.62
CA ASP C 61 8.15 6.05 -25.38
C ASP C 61 7.60 4.94 -24.47
N ARG C 62 6.31 4.64 -24.56
CA ARG C 62 5.72 3.65 -23.65
C ARG C 62 6.39 2.26 -23.75
N LYS C 63 6.77 1.85 -24.96
CA LYS C 63 7.37 0.53 -25.12
C LYS C 63 8.80 0.45 -24.60
N VAL C 64 9.41 1.61 -24.36
CA VAL C 64 10.74 1.69 -23.78
C VAL C 64 10.61 1.78 -22.24
N VAL C 65 9.73 2.67 -21.77
CA VAL C 65 9.67 2.98 -20.34
C VAL C 65 9.07 1.82 -19.54
N ARG C 66 8.33 0.93 -20.22
CA ARG C 66 7.71 -0.20 -19.50
C ARG C 66 8.75 -1.12 -18.83
N PHE C 67 9.99 -1.10 -19.31
CA PHE C 67 11.06 -1.95 -18.72
C PHE C 67 11.81 -1.26 -17.55
N MET C 68 11.52 0.02 -17.30
CA MET C 68 12.43 0.87 -16.53
C MET C 68 11.95 1.20 -15.15
N SER C 69 12.89 1.18 -14.20
CA SER C 69 12.72 1.77 -12.89
C SER C 69 13.14 3.26 -12.94
N ASP C 70 12.94 3.98 -11.83
CA ASP C 70 13.23 5.42 -11.86
C ASP C 70 14.73 5.68 -12.09
N ALA C 71 15.63 4.87 -11.53
CA ALA C 71 17.06 5.12 -11.83
C ALA C 71 17.34 5.16 -13.35
N SER C 72 16.70 4.23 -14.08
CA SER C 72 16.83 4.16 -15.54
C SER C 72 16.18 5.35 -16.24
N ILE C 73 15.01 5.75 -15.76
CA ILE C 73 14.32 6.92 -16.35
C ILE C 73 15.23 8.15 -16.21
N TYR C 74 15.78 8.37 -15.00
CA TYR C 74 16.60 9.58 -14.81
C TYR C 74 17.86 9.52 -15.67
N ALA C 75 18.50 8.33 -15.74
CA ALA C 75 19.69 8.19 -16.59
C ALA C 75 19.37 8.35 -18.08
N PHE C 76 18.20 7.86 -18.51
CA PHE C 76 17.81 7.94 -19.93
C PHE C 76 17.61 9.42 -20.32
N LEU C 77 16.88 10.15 -19.48
CA LEU C 77 16.64 11.59 -19.78
C LEU C 77 17.97 12.32 -19.78
N SER C 78 18.85 11.97 -18.84
CA SER C 78 20.18 12.59 -18.82
C SER C 78 20.97 12.28 -20.11
N MET C 79 20.84 11.06 -20.59
CA MET C 79 21.53 10.66 -21.81
C MET C 79 20.98 11.41 -23.03
N GLU C 80 19.67 11.59 -23.06
CA GLU C 80 19.12 12.39 -24.18
C GLU C 80 19.75 13.79 -24.18
N GLN C 81 19.84 14.39 -22.99
CA GLN C 81 20.44 15.73 -22.89
C GLN C 81 21.90 15.69 -23.35
N ALA C 82 22.63 14.64 -22.95
CA ALA C 82 24.08 14.56 -23.23
C ALA C 82 24.31 14.39 -24.72
N ILE C 83 23.48 13.57 -25.35
CA ILE C 83 23.56 13.37 -26.81
C ILE C 83 23.36 14.71 -27.56
N ALA C 84 22.32 15.44 -27.17
CA ALA C 84 22.03 16.76 -27.80
C ALA C 84 23.19 17.72 -27.54
N ASP C 85 23.67 17.74 -26.28
CA ASP C 85 24.74 18.64 -25.91
C ASP C 85 26.01 18.33 -26.73
N ALA C 86 26.26 17.04 -26.93
CA ALA C 86 27.45 16.60 -27.71
C ALA C 86 27.28 16.82 -29.22
N GLY C 87 26.07 17.14 -29.67
CA GLY C 87 25.80 17.34 -31.09
C GLY C 87 25.91 16.06 -31.88
N LEU C 88 25.51 14.95 -31.26
CA LEU C 88 25.59 13.67 -31.95
C LEU C 88 24.27 13.28 -32.60
N SER C 89 24.26 13.16 -33.93
CA SER C 89 23.09 12.68 -34.62
C SER C 89 22.94 11.17 -34.37
N PRO C 90 21.72 10.63 -34.61
CA PRO C 90 21.57 9.19 -34.57
C PRO C 90 22.64 8.45 -35.39
N GLU C 91 22.88 8.90 -36.62
CA GLU C 91 23.86 8.29 -37.50
C GLU C 91 25.25 8.25 -36.87
N ALA C 92 25.56 9.24 -36.02
CA ALA C 92 26.89 9.33 -35.43
C ALA C 92 27.13 8.32 -34.31
N TYR C 93 26.10 7.99 -33.54
CA TYR C 93 26.33 7.12 -32.38
C TYR C 93 25.57 5.78 -32.36
N GLN C 94 24.47 5.64 -33.12
CA GLN C 94 23.70 4.39 -33.15
C GLN C 94 24.28 3.32 -34.05
N ASN C 95 24.04 2.06 -33.68
CA ASN C 95 24.46 0.92 -34.48
C ASN C 95 25.93 1.00 -34.85
N ASN C 96 26.73 1.41 -33.88
CA ASN C 96 28.12 1.68 -34.10
C ASN C 96 28.97 0.88 -33.09
N PRO C 97 29.69 -0.16 -33.54
CA PRO C 97 30.51 -0.96 -32.57
C PRO C 97 31.52 -0.15 -31.72
N ARG C 98 31.86 1.07 -32.14
CA ARG C 98 32.84 1.85 -31.40
C ARG C 98 32.22 2.83 -30.42
N VAL C 99 30.91 2.70 -30.20
CA VAL C 99 30.18 3.57 -29.27
C VAL C 99 29.55 2.68 -28.21
N GLY C 100 29.85 2.96 -26.92
CA GLY C 100 29.36 2.12 -25.86
C GLY C 100 28.71 2.90 -24.74
N LEU C 101 28.33 2.16 -23.69
CA LEU C 101 27.60 2.71 -22.57
C LEU C 101 28.01 1.97 -21.31
N ILE C 102 28.43 2.74 -20.29
CA ILE C 102 28.78 2.18 -18.96
C ILE C 102 28.09 3.12 -17.95
N ALA C 103 27.02 2.62 -17.36
CA ALA C 103 26.23 3.43 -16.45
C ALA C 103 25.55 2.52 -15.45
N GLY C 104 25.45 2.96 -14.21
CA GLY C 104 24.96 2.06 -13.15
C GLY C 104 24.18 2.77 -12.09
N SER C 105 23.74 2.00 -11.12
CA SER C 105 23.05 2.53 -9.94
C SER C 105 23.70 1.92 -8.71
N GLY C 106 23.62 2.62 -7.58
CA GLY C 106 24.06 2.02 -6.31
C GLY C 106 23.12 0.91 -5.85
N GLY C 107 21.81 1.09 -6.01
CA GLY C 107 20.82 0.19 -5.40
C GLY C 107 19.97 -0.68 -6.31
N GLY C 108 20.08 -0.47 -7.62
CA GLY C 108 19.16 -1.12 -8.58
C GLY C 108 17.78 -0.48 -8.39
N SER C 109 16.79 -1.32 -8.12
CA SER C 109 15.47 -0.83 -7.75
C SER C 109 14.92 -1.59 -6.57
N PRO C 110 15.24 -1.15 -5.33
CA PRO C 110 14.57 -1.75 -4.17
C PRO C 110 13.06 -1.66 -4.30
N ARG C 111 12.54 -0.55 -4.80
CA ARG C 111 11.09 -0.44 -4.96
C ARG C 111 10.52 -1.60 -5.80
N PHE C 112 11.14 -1.91 -6.94
CA PHE C 112 10.59 -3.02 -7.79
C PHE C 112 10.93 -4.41 -7.26
N GLN C 113 12.07 -4.57 -6.60
CA GLN C 113 12.34 -5.86 -5.91
C GLN C 113 11.21 -6.10 -4.91
N VAL C 114 10.89 -5.06 -4.12
CA VAL C 114 9.83 -5.19 -3.10
C VAL C 114 8.45 -5.38 -3.74
N PHE C 115 8.14 -4.58 -4.76
CA PHE C 115 6.90 -4.72 -5.53
C PHE C 115 6.68 -6.17 -5.97
N GLY C 116 7.71 -6.78 -6.56
CA GLY C 116 7.56 -8.16 -7.09
C GLY C 116 7.19 -9.12 -5.96
N ALA C 117 7.89 -9.03 -4.84
CA ALA C 117 7.61 -9.93 -3.71
C ALA C 117 6.23 -9.67 -3.14
N ASP C 118 5.84 -8.39 -3.07
CA ASP C 118 4.53 -8.05 -2.47
C ASP C 118 3.42 -8.59 -3.38
N ALA C 119 3.55 -8.35 -4.69
CA ALA C 119 2.56 -8.81 -5.68
C ALA C 119 2.45 -10.33 -5.62
N MET C 120 3.59 -10.99 -5.52
CA MET C 120 3.62 -12.44 -5.58
C MET C 120 2.87 -13.07 -4.42
N ARG C 121 2.90 -12.39 -3.27
CA ARG C 121 2.29 -12.87 -2.02
C ARG C 121 0.81 -12.62 -1.93
N GLY C 122 0.27 -11.84 -2.86
CA GLY C 122 -1.16 -11.53 -2.88
C GLY C 122 -1.98 -12.50 -3.71
N PRO C 123 -3.27 -12.17 -3.84
CA PRO C 123 -4.26 -13.10 -4.44
C PRO C 123 -4.08 -13.35 -5.94
N ARG C 124 -3.28 -12.55 -6.64
CA ARG C 124 -3.05 -12.77 -8.06
C ARG C 124 -1.69 -13.43 -8.38
N GLY C 125 -0.80 -13.54 -7.39
CA GLY C 125 0.48 -14.22 -7.62
C GLY C 125 1.21 -13.66 -8.84
N LEU C 126 1.65 -14.54 -9.74
CA LEU C 126 2.46 -14.10 -10.91
C LEU C 126 1.80 -13.06 -11.77
N LYS C 127 0.47 -13.09 -11.81
CA LYS C 127 -0.25 -12.13 -12.64
C LYS C 127 -0.13 -10.70 -12.13
N ALA C 128 -0.01 -10.54 -10.81
CA ALA C 128 0.19 -9.22 -10.23
C ALA C 128 1.64 -8.74 -10.48
N VAL C 129 2.58 -9.67 -10.49
CA VAL C 129 3.99 -9.32 -10.74
C VAL C 129 4.17 -8.72 -12.14
N GLY C 130 3.62 -9.38 -13.16
CA GLY C 130 3.79 -8.90 -14.52
C GLY C 130 5.17 -9.19 -15.06
N PRO C 131 5.39 -8.93 -16.37
CA PRO C 131 6.61 -9.36 -17.03
C PRO C 131 7.78 -8.40 -17.06
N TYR C 132 7.67 -7.31 -16.28
CA TYR C 132 8.64 -6.22 -16.42
C TYR C 132 9.54 -6.04 -15.22
N VAL C 133 9.42 -6.91 -14.24
CA VAL C 133 10.12 -6.66 -12.99
C VAL C 133 11.64 -6.95 -13.06
N VAL C 134 12.07 -7.95 -13.84
CA VAL C 134 13.51 -8.25 -13.84
C VAL C 134 14.29 -7.06 -14.36
N THR C 135 13.84 -6.42 -15.43
CA THR C 135 14.61 -5.33 -16.01
C THR C 135 14.60 -4.09 -15.12
N LYS C 136 13.54 -3.97 -14.33
CA LYS C 136 13.46 -2.88 -13.35
C LYS C 136 14.35 -3.13 -12.15
N ALA C 137 14.35 -4.38 -11.64
CA ALA C 137 14.96 -4.72 -10.34
C ALA C 137 16.44 -5.09 -10.46
N MET C 138 16.86 -5.61 -11.62
CA MET C 138 18.21 -6.18 -11.71
C MET C 138 19.26 -5.06 -11.57
N ALA C 139 20.46 -5.45 -11.13
CA ALA C 139 21.48 -4.45 -10.79
C ALA C 139 21.94 -3.63 -12.00
N SER C 140 21.85 -4.23 -13.18
CA SER C 140 22.32 -3.60 -14.41
C SER C 140 21.17 -2.86 -15.13
N GLY C 141 20.04 -2.64 -14.48
CA GLY C 141 18.90 -1.98 -15.13
C GLY C 141 19.27 -0.73 -15.90
N VAL C 142 20.10 0.12 -15.29
CA VAL C 142 20.45 1.40 -15.92
C VAL C 142 21.17 1.23 -17.25
N SER C 143 22.12 0.31 -17.33
CA SER C 143 22.78 0.10 -18.62
C SER C 143 21.88 -0.65 -19.63
N ALA C 144 21.24 -1.73 -19.17
CA ALA C 144 20.34 -2.51 -20.05
C ALA C 144 19.27 -1.63 -20.68
N CYS C 145 18.68 -0.77 -19.86
CA CYS C 145 17.49 -0.01 -20.27
C CYS C 145 17.82 1.16 -21.16
N LEU C 146 19.08 1.55 -21.23
CA LEU C 146 19.54 2.64 -22.10
C LEU C 146 20.26 2.10 -23.34
N ALA C 147 21.15 1.12 -23.17
CA ALA C 147 21.87 0.59 -24.33
C ALA C 147 20.88 0.08 -25.39
N THR C 148 19.79 -0.56 -24.94
CA THR C 148 18.83 -1.13 -25.90
C THR C 148 18.15 -0.03 -26.75
N PRO C 149 17.40 0.90 -26.14
CA PRO C 149 16.70 1.92 -26.99
C PRO C 149 17.61 2.88 -27.74
N PHE C 150 18.81 3.15 -27.20
CA PHE C 150 19.72 4.07 -27.87
C PHE C 150 20.58 3.37 -28.98
N LYS C 151 20.29 2.08 -29.19
CA LYS C 151 20.89 1.30 -30.29
C LYS C 151 22.39 1.24 -30.16
N ILE C 152 22.84 1.05 -28.91
CA ILE C 152 24.28 1.00 -28.62
C ILE C 152 24.83 -0.36 -29.03
N HIS C 153 25.95 -0.36 -29.77
CA HIS C 153 26.57 -1.63 -30.23
C HIS C 153 27.89 -2.01 -29.55
N GLY C 154 28.50 -1.05 -28.82
CA GLY C 154 29.83 -1.23 -28.19
C GLY C 154 29.65 -1.87 -26.79
N VAL C 155 30.47 -1.45 -25.84
CA VAL C 155 30.34 -2.01 -24.49
C VAL C 155 28.98 -1.62 -23.92
N ASN C 156 28.45 -2.51 -23.07
CA ASN C 156 27.17 -2.30 -22.45
C ASN C 156 27.22 -3.05 -21.13
N TYR C 157 27.45 -2.34 -20.03
CA TYR C 157 27.35 -2.92 -18.69
C TYR C 157 27.35 -1.80 -17.66
N SER C 158 27.08 -2.18 -16.41
CA SER C 158 27.09 -1.23 -15.33
C SER C 158 28.28 -1.49 -14.45
N ILE C 159 28.96 -0.46 -13.98
CA ILE C 159 29.81 -0.69 -12.81
C ILE C 159 28.91 -0.43 -11.60
N SER C 160 29.14 -1.17 -10.52
CA SER C 160 28.35 -0.97 -9.33
C SER C 160 29.34 -0.92 -8.17
N SER C 161 29.33 0.18 -7.45
CA SER C 161 30.28 0.36 -6.34
C SER C 161 29.65 1.33 -5.32
N ALA C 162 28.38 1.07 -5.02
CA ALA C 162 27.67 1.82 -3.98
C ALA C 162 27.80 3.30 -4.30
N CYS C 163 28.23 4.11 -3.34
CA CYS C 163 28.22 5.55 -3.57
C CYS C 163 29.34 6.07 -4.48
N ALA C 164 30.20 5.17 -4.97
CA ALA C 164 31.20 5.54 -5.99
C ALA C 164 30.79 5.16 -7.42
N THR C 165 29.63 4.53 -7.56
CA THR C 165 29.24 3.86 -8.82
C THR C 165 29.51 4.65 -10.10
N SER C 166 28.91 5.85 -10.18
CA SER C 166 28.98 6.56 -11.49
C SER C 166 30.34 7.16 -11.78
N ALA C 167 31.13 7.37 -10.73
CA ALA C 167 32.52 7.78 -10.88
C ALA C 167 33.34 6.66 -11.51
N HIS C 168 33.22 5.46 -10.96
CA HIS C 168 33.88 4.31 -11.61
C HIS C 168 33.37 4.08 -13.03
N CYS C 169 32.09 4.34 -13.31
CA CYS C 169 31.59 4.20 -14.68
C CYS C 169 32.36 5.16 -15.60
N ILE C 170 32.53 6.41 -15.17
CA ILE C 170 33.28 7.36 -16.01
C ILE C 170 34.74 6.90 -16.17
N GLY C 171 35.39 6.48 -15.07
CA GLY C 171 36.79 5.99 -15.20
C GLY C 171 36.92 4.76 -16.12
N ASN C 172 35.99 3.83 -16.01
CA ASN C 172 35.99 2.68 -16.91
C ASN C 172 35.79 3.09 -18.37
N ALA C 173 34.94 4.12 -18.59
CA ALA C 173 34.80 4.66 -19.94
C ALA C 173 36.13 5.23 -20.44
N VAL C 174 36.86 5.93 -19.58
CA VAL C 174 38.16 6.46 -19.96
C VAL C 174 39.08 5.30 -20.36
N GLU C 175 39.05 4.23 -19.57
CA GLU C 175 39.86 3.03 -19.87
C GLU C 175 39.56 2.44 -21.25
N GLN C 176 38.28 2.39 -21.65
CA GLN C 176 37.89 1.84 -22.97
C GLN C 176 38.48 2.70 -24.08
N ILE C 177 38.52 4.01 -23.85
CA ILE C 177 39.15 4.91 -24.81
C ILE C 177 40.68 4.64 -24.83
N GLN C 178 41.29 4.55 -23.66
CA GLN C 178 42.72 4.35 -23.55
C GLN C 178 43.17 3.04 -24.20
N LEU C 179 42.35 2.00 -24.07
CA LEU C 179 42.65 0.69 -24.69
C LEU C 179 42.41 0.70 -26.19
N GLY C 180 41.87 1.80 -26.71
CA GLY C 180 41.58 1.94 -28.13
C GLY C 180 40.34 1.16 -28.54
N LYS C 181 39.55 0.70 -27.56
CA LYS C 181 38.41 -0.16 -27.87
C LYS C 181 37.17 0.60 -28.32
N GLN C 182 37.04 1.84 -27.84
CA GLN C 182 35.84 2.65 -28.12
C GLN C 182 36.24 4.06 -28.47
N ASP C 183 35.42 4.69 -29.33
CA ASP C 183 35.58 6.12 -29.63
C ASP C 183 34.73 7.01 -28.72
N ILE C 184 33.55 6.52 -28.36
CA ILE C 184 32.65 7.26 -27.45
C ILE C 184 32.12 6.24 -26.49
N VAL C 185 32.10 6.62 -25.21
CA VAL C 185 31.32 5.84 -24.24
C VAL C 185 30.50 6.81 -23.43
N PHE C 186 29.19 6.56 -23.40
CA PHE C 186 28.32 7.33 -22.56
C PHE C 186 28.45 6.76 -21.15
N ALA C 187 28.73 7.63 -20.18
CA ALA C 187 29.01 7.13 -18.83
C ALA C 187 28.25 7.90 -17.77
N GLY C 188 27.75 7.20 -16.76
CA GLY C 188 27.02 7.91 -15.72
C GLY C 188 26.21 6.98 -14.88
N GLY C 189 25.00 7.40 -14.52
CA GLY C 189 24.19 6.56 -13.63
C GLY C 189 22.90 7.23 -13.20
N GLY C 190 22.14 6.50 -12.41
CA GLY C 190 20.89 7.03 -11.87
C GLY C 190 20.57 6.32 -10.58
N GLU C 191 19.66 6.91 -9.82
CA GLU C 191 19.27 6.34 -8.53
C GLU C 191 17.85 6.74 -8.26
N GLU C 192 17.02 5.76 -7.93
CA GLU C 192 15.64 6.09 -7.53
C GLU C 192 15.64 6.63 -6.12
N LEU C 193 14.53 7.24 -5.73
CA LEU C 193 14.40 7.78 -4.40
C LEU C 193 13.11 7.21 -3.82
N CYS C 194 13.22 6.51 -2.70
CA CYS C 194 12.11 5.67 -2.20
C CYS C 194 12.37 5.30 -0.74
N TRP C 195 11.30 5.21 0.06
CA TRP C 195 11.47 4.75 1.43
C TRP C 195 12.10 3.32 1.47
N GLU C 196 11.78 2.46 0.50
CA GLU C 196 12.27 1.05 0.54
C GLU C 196 13.78 1.02 0.71
N MET C 197 14.47 1.88 -0.04
CA MET C 197 15.94 1.95 0.04
C MET C 197 16.39 2.88 1.17
N ALA C 198 15.72 4.02 1.33
CA ALA C 198 16.19 4.98 2.33
C ALA C 198 16.14 4.41 3.74
N CYS C 199 15.12 3.57 4.03
CA CYS C 199 15.01 3.10 5.41
C CYS C 199 16.19 2.24 5.87
N GLU C 200 16.86 1.59 4.90
CA GLU C 200 18.03 0.74 5.20
C GLU C 200 19.20 1.63 5.69
N PHE C 201 19.33 2.82 5.08
CA PHE C 201 20.32 3.79 5.54
C PHE C 201 19.97 4.41 6.88
N ASP C 202 18.69 4.70 7.08
CA ASP C 202 18.26 5.25 8.35
C ASP C 202 18.49 4.21 9.47
N ALA C 203 18.25 2.94 9.16
CA ALA C 203 18.38 1.87 10.15
C ALA C 203 19.84 1.68 10.60
N MET C 204 20.80 2.12 9.75
CA MET C 204 22.21 2.10 10.19
C MET C 204 22.66 3.44 10.82
N GLY C 205 21.75 4.41 10.93
CA GLY C 205 22.04 5.69 11.55
C GLY C 205 22.76 6.65 10.60
N ALA C 206 22.69 6.39 9.30
CA ALA C 206 23.53 7.13 8.33
C ALA C 206 22.89 8.45 7.90
N LEU C 207 21.58 8.60 8.12
CA LEU C 207 20.83 9.74 7.58
C LEU C 207 20.60 10.80 8.62
N SER C 208 20.52 12.04 8.16
CA SER C 208 20.22 13.16 9.03
C SER C 208 18.80 13.01 9.59
N THR C 209 18.66 13.28 10.90
CA THR C 209 17.34 13.18 11.53
C THR C 209 16.97 14.40 12.40
N LYS C 210 17.93 15.28 12.70
CA LYS C 210 17.69 16.34 13.69
C LYS C 210 17.15 17.65 13.08
N TYR C 211 17.05 17.69 11.75
CA TYR C 211 16.74 18.92 11.05
C TYR C 211 15.50 18.82 10.16
N ASN C 212 14.57 17.90 10.50
CA ASN C 212 13.42 17.70 9.61
C ASN C 212 12.54 18.94 9.48
N ASP C 213 12.52 19.77 10.55
CA ASP C 213 11.76 21.02 10.50
C ASP C 213 12.34 22.11 9.62
N THR C 214 13.61 21.97 9.25
CA THR C 214 14.27 22.93 8.39
C THR C 214 15.04 22.15 7.30
N PRO C 215 14.31 21.60 6.33
CA PRO C 215 14.92 20.60 5.42
C PRO C 215 16.17 21.15 4.72
N GLU C 216 16.16 22.44 4.37
CA GLU C 216 17.27 23.01 3.61
C GLU C 216 18.57 23.16 4.40
N LYS C 217 18.50 22.95 5.72
CA LYS C 217 19.67 23.04 6.59
C LYS C 217 20.18 21.69 7.05
N ALA C 218 19.51 20.60 6.68
CA ALA C 218 19.87 19.28 7.17
C ALA C 218 21.24 18.81 6.63
N SER C 219 21.50 19.04 5.36
CA SER C 219 22.74 18.58 4.74
C SER C 219 23.72 19.73 4.94
N ARG C 220 24.81 19.47 5.66
CA ARG C 220 25.61 20.59 6.20
C ARG C 220 27.05 20.12 6.35
N THR C 221 27.60 19.58 5.26
CA THR C 221 28.97 19.06 5.28
C THR C 221 29.94 20.03 5.97
N TYR C 222 30.75 19.47 6.88
CA TYR C 222 31.79 20.19 7.64
C TYR C 222 31.22 21.01 8.80
N ASP C 223 29.90 21.14 8.90
CA ASP C 223 29.34 21.85 10.06
C ASP C 223 29.53 20.98 11.31
N ALA C 224 29.85 21.64 12.42
CA ALA C 224 30.07 20.92 13.68
C ALA C 224 28.89 20.05 14.16
N HIS C 225 27.68 20.42 13.73
CA HIS C 225 26.47 19.74 14.18
C HIS C 225 25.80 18.93 13.07
N ARG C 226 26.60 18.58 12.07
CA ARG C 226 26.14 17.64 11.07
C ARG C 226 25.73 16.31 11.72
N ASP C 227 24.77 15.63 11.12
CA ASP C 227 24.26 14.42 11.72
C ASP C 227 23.87 13.33 10.71
N GLY C 228 24.57 13.28 9.57
CA GLY C 228 24.27 12.24 8.57
C GLY C 228 23.86 12.85 7.25
N PHE C 229 23.86 12.03 6.20
CA PHE C 229 23.53 12.58 4.89
C PHE C 229 22.05 12.68 4.64
N VAL C 230 21.72 13.44 3.60
CA VAL C 230 20.33 13.57 3.18
C VAL C 230 20.21 12.82 1.84
N ILE C 231 19.36 11.80 1.80
CA ILE C 231 19.32 10.96 0.62
C ILE C 231 18.66 11.69 -0.52
N ALA C 232 19.05 11.34 -1.76
CA ALA C 232 18.58 12.04 -2.96
C ALA C 232 18.49 11.04 -4.09
N GLY C 233 17.78 11.42 -5.15
CA GLY C 233 17.71 10.62 -6.36
C GLY C 233 18.00 11.50 -7.55
N GLY C 234 18.18 10.87 -8.70
CA GLY C 234 18.36 11.60 -9.96
C GLY C 234 19.28 10.84 -10.88
N GLY C 235 19.83 11.54 -11.87
CA GLY C 235 20.65 10.87 -12.88
C GLY C 235 21.65 11.85 -13.48
N GLY C 236 22.64 11.29 -14.13
CA GLY C 236 23.57 12.13 -14.89
C GLY C 236 24.25 11.28 -15.93
N MET C 237 24.67 11.91 -17.01
CA MET C 237 25.39 11.18 -18.05
C MET C 237 26.38 12.16 -18.69
N VAL C 238 27.59 11.67 -18.97
CA VAL C 238 28.56 12.44 -19.76
C VAL C 238 28.98 11.63 -20.99
N VAL C 239 29.38 12.35 -22.03
CA VAL C 239 29.88 11.72 -23.26
C VAL C 239 31.41 11.72 -23.14
N VAL C 240 31.98 10.52 -22.99
CA VAL C 240 33.43 10.36 -22.90
C VAL C 240 33.89 9.97 -24.30
N GLU C 241 34.82 10.79 -24.85
CA GLU C 241 35.14 10.66 -26.26
C GLU C 241 36.65 10.71 -26.46
N GLU C 242 37.14 9.90 -27.39
CA GLU C 242 38.57 9.94 -27.69
C GLU C 242 38.90 11.32 -28.33
N LEU C 243 40.06 11.88 -28.01
CA LEU C 243 40.37 13.28 -28.36
C LEU C 243 40.38 13.53 -29.86
N GLU C 244 41.11 12.69 -30.61
CA GLU C 244 41.15 12.93 -32.06
C GLU C 244 39.76 12.89 -32.71
N HIS C 245 38.94 11.96 -32.24
CA HIS C 245 37.57 11.78 -32.73
C HIS C 245 36.77 13.04 -32.44
N ALA C 246 36.92 13.55 -31.23
CA ALA C 246 36.23 14.78 -30.86
C ALA C 246 36.65 15.99 -31.69
N LEU C 247 37.97 16.20 -31.78
CA LEU C 247 38.49 17.32 -32.57
C LEU C 247 38.10 17.25 -34.03
N ALA C 248 38.08 16.05 -34.58
CA ALA C 248 37.85 15.88 -36.02
C ALA C 248 36.44 16.34 -36.36
N ARG C 249 35.50 16.10 -35.46
CA ARG C 249 34.10 16.47 -35.72
C ARG C 249 33.70 17.86 -35.20
N GLY C 250 34.66 18.62 -34.70
CA GLY C 250 34.41 19.95 -34.12
C GLY C 250 33.58 19.92 -32.83
N ALA C 251 33.73 18.86 -32.03
CA ALA C 251 33.04 18.77 -30.72
C ALA C 251 33.37 19.92 -29.82
N HIS C 252 32.42 20.32 -29.00
CA HIS C 252 32.70 21.19 -27.88
C HIS C 252 33.28 20.35 -26.77
N ILE C 253 34.46 20.72 -26.31
CA ILE C 253 35.12 19.93 -25.25
C ILE C 253 35.08 20.69 -23.92
N TYR C 254 34.46 20.11 -22.90
CA TYR C 254 34.48 20.71 -21.58
C TYR C 254 35.87 20.58 -21.00
N ALA C 255 36.40 19.37 -21.00
CA ALA C 255 37.64 19.07 -20.31
C ALA C 255 38.16 17.71 -20.73
N GLU C 256 39.45 17.54 -20.51
CA GLU C 256 40.06 16.23 -20.61
C GLU C 256 40.05 15.54 -19.23
N ILE C 257 39.78 14.24 -19.22
CA ILE C 257 39.95 13.48 -17.96
C ILE C 257 41.42 13.08 -17.93
N VAL C 258 42.18 13.82 -17.10
CA VAL C 258 43.64 13.67 -17.05
C VAL C 258 44.07 12.72 -15.95
N GLY C 259 43.11 12.31 -15.12
CA GLY C 259 43.46 11.39 -14.04
C GLY C 259 42.26 10.63 -13.58
N TYR C 260 42.48 9.35 -13.23
CA TYR C 260 41.42 8.49 -12.69
C TYR C 260 42.05 7.55 -11.67
N GLY C 261 41.60 7.67 -10.43
CA GLY C 261 42.05 6.79 -9.35
C GLY C 261 40.92 5.86 -9.00
N ALA C 262 41.28 4.62 -8.70
CA ALA C 262 40.32 3.62 -8.19
C ALA C 262 41.14 2.73 -7.25
N THR C 263 40.78 2.76 -5.96
CA THR C 263 41.47 1.92 -4.97
C THR C 263 40.45 1.32 -4.00
N SER C 264 40.99 0.60 -3.01
CA SER C 264 40.19 -0.14 -2.05
C SER C 264 40.80 0.04 -0.66
N ASP C 265 39.96 0.20 0.37
CA ASP C 265 40.48 0.38 1.73
C ASP C 265 40.93 -0.95 2.32
N GLY C 266 40.17 -2.03 2.04
CA GLY C 266 40.43 -3.34 2.68
C GLY C 266 40.43 -3.24 4.20
N ALA C 267 39.45 -2.53 4.75
CA ALA C 267 39.47 -2.17 6.20
C ALA C 267 38.09 -2.36 6.86
N ASP C 268 37.23 -1.36 6.74
CA ASP C 268 35.89 -1.43 7.36
C ASP C 268 34.79 -1.30 6.34
N MET C 269 33.65 -1.94 6.60
CA MET C 269 32.56 -1.95 5.61
C MET C 269 31.87 -0.60 5.48
N VAL C 270 31.68 0.09 6.60
CA VAL C 270 30.82 1.27 6.55
C VAL C 270 31.46 2.53 7.12
N ALA C 271 32.78 2.48 7.30
CA ALA C 271 33.56 3.68 7.66
C ALA C 271 34.82 3.67 6.81
N PRO C 272 35.22 4.84 6.27
CA PRO C 272 36.42 4.90 5.43
C PRO C 272 37.71 4.84 6.25
N SER C 273 38.78 4.30 5.67
CA SER C 273 40.06 4.30 6.38
C SER C 273 40.86 5.59 6.18
N GLY C 274 40.57 6.32 5.11
CA GLY C 274 41.33 7.51 4.71
C GLY C 274 42.58 7.15 3.88
N GLU C 275 43.32 6.13 4.31
CA GLU C 275 44.47 5.59 3.57
C GLU C 275 44.13 5.27 2.10
N GLY C 276 42.98 4.63 1.86
CA GLY C 276 42.60 4.25 0.52
C GLY C 276 42.36 5.50 -0.31
N ALA C 277 41.73 6.50 0.32
CA ALA C 277 41.42 7.74 -0.40
C ALA C 277 42.72 8.49 -0.76
N VAL C 278 43.71 8.46 0.14
CA VAL C 278 45.00 9.09 -0.18
C VAL C 278 45.60 8.47 -1.43
N ARG C 279 45.66 7.13 -1.48
CA ARG C 279 46.22 6.46 -2.65
C ARG C 279 45.38 6.74 -3.89
N CYS C 280 44.06 6.88 -3.71
CA CYS C 280 43.20 7.12 -4.86
C CYS C 280 43.45 8.50 -5.51
N MET C 281 43.54 9.52 -4.65
CA MET C 281 43.82 10.88 -5.16
C MET C 281 45.21 10.96 -5.76
N LYS C 282 46.19 10.33 -5.11
CA LYS C 282 47.56 10.32 -5.66
C LYS C 282 47.60 9.63 -7.02
N MET C 283 46.88 8.52 -7.13
CA MET C 283 46.80 7.79 -8.41
C MET C 283 46.23 8.70 -9.51
N ALA C 284 45.17 9.43 -9.16
CA ALA C 284 44.57 10.36 -10.14
C ALA C 284 45.47 11.52 -10.51
N MET C 285 46.46 11.81 -9.67
CA MET C 285 47.34 12.93 -9.95
C MET C 285 48.64 12.52 -10.64
N HIS C 286 48.85 11.23 -10.89
CA HIS C 286 50.10 10.80 -11.56
C HIS C 286 50.20 11.51 -12.91
N GLY C 287 51.30 12.21 -13.16
CA GLY C 287 51.49 12.91 -14.42
C GLY C 287 50.70 14.19 -14.59
N VAL C 288 49.93 14.57 -13.58
CA VAL C 288 49.19 15.82 -13.61
C VAL C 288 50.04 16.87 -12.89
N ASP C 289 50.67 17.76 -13.67
CA ASP C 289 51.60 18.73 -13.06
C ASP C 289 51.06 20.16 -12.99
N THR C 290 49.77 20.30 -13.29
CA THR C 290 49.09 21.54 -12.96
C THR C 290 48.45 21.45 -11.58
N PRO C 291 48.30 22.57 -10.88
CA PRO C 291 47.73 22.44 -9.53
C PRO C 291 46.23 22.17 -9.60
N ILE C 292 45.70 21.53 -8.55
CA ILE C 292 44.25 21.41 -8.44
C ILE C 292 43.70 22.75 -7.98
N ASP C 293 42.88 23.36 -8.82
CA ASP C 293 42.28 24.68 -8.51
C ASP C 293 41.00 24.57 -7.66
N TYR C 294 40.37 23.39 -7.70
CA TYR C 294 39.12 23.20 -6.98
C TYR C 294 38.90 21.72 -6.79
N LEU C 295 38.45 21.35 -5.61
CA LEU C 295 38.19 19.95 -5.28
C LEU C 295 36.74 19.85 -4.79
N ASN C 296 35.93 19.09 -5.55
CA ASN C 296 34.55 18.80 -5.15
C ASN C 296 34.63 17.54 -4.30
N SER C 297 34.49 17.71 -2.99
CA SER C 297 34.68 16.56 -2.11
C SER C 297 33.48 15.61 -2.16
N HIS C 298 33.68 14.37 -1.71
CA HIS C 298 32.53 13.49 -1.60
C HIS C 298 31.61 14.07 -0.52
N GLY C 299 32.19 14.46 0.62
CA GLY C 299 31.56 15.40 1.57
C GLY C 299 30.06 15.18 1.85
N THR C 300 29.75 14.06 2.52
CA THR C 300 28.37 13.61 2.68
C THR C 300 27.55 14.23 3.81
N SER C 301 28.23 14.94 4.71
CA SER C 301 27.63 15.51 5.92
C SER C 301 27.48 14.46 7.03
N THR C 302 28.42 13.52 7.01
CA THR C 302 28.55 12.50 8.06
C THR C 302 29.71 12.88 9.00
N PRO C 303 29.50 12.69 10.32
CA PRO C 303 30.57 12.98 11.32
C PRO C 303 31.94 12.38 10.95
N VAL C 304 32.00 11.07 10.77
CA VAL C 304 33.28 10.40 10.47
C VAL C 304 33.78 10.69 9.05
N GLY C 305 32.90 10.47 8.08
CA GLY C 305 33.34 10.56 6.70
C GLY C 305 33.90 11.92 6.31
N ASP C 306 33.25 12.99 6.76
CA ASP C 306 33.66 14.33 6.28
C ASP C 306 35.11 14.63 6.65
N VAL C 307 35.47 14.32 7.90
CA VAL C 307 36.82 14.67 8.37
C VAL C 307 37.86 13.63 7.94
N LYS C 308 37.44 12.36 7.73
CA LYS C 308 38.39 11.38 7.22
C LYS C 308 38.85 11.84 5.82
N GLU C 309 37.90 12.31 5.01
CA GLU C 309 38.28 12.76 3.68
C GLU C 309 39.16 14.02 3.73
N LEU C 310 38.82 14.96 4.61
CA LEU C 310 39.66 16.16 4.75
C LEU C 310 41.10 15.74 5.13
N ALA C 311 41.22 14.78 6.06
CA ALA C 311 42.56 14.27 6.45
C ALA C 311 43.29 13.71 5.23
N ALA C 312 42.57 12.97 4.40
CA ALA C 312 43.22 12.40 3.22
C ALA C 312 43.69 13.49 2.26
N ILE C 313 42.84 14.51 2.09
CA ILE C 313 43.19 15.66 1.24
C ILE C 313 44.45 16.37 1.79
N ARG C 314 44.45 16.62 3.10
CA ARG C 314 45.66 17.22 3.72
C ARG C 314 46.91 16.34 3.44
N GLU C 315 46.78 15.01 3.56
CA GLU C 315 47.93 14.15 3.27
C GLU C 315 48.41 14.28 1.82
N VAL C 316 47.47 14.34 0.89
CA VAL C 316 47.85 14.43 -0.52
C VAL C 316 48.51 15.77 -0.84
N PHE C 317 47.95 16.86 -0.33
CA PHE C 317 48.33 18.20 -0.81
C PHE C 317 49.23 18.97 0.18
N GLY C 318 49.25 18.54 1.43
CA GLY C 318 50.05 19.23 2.47
C GLY C 318 49.66 20.70 2.54
N ASP C 319 50.68 21.57 2.58
CA ASP C 319 50.46 22.99 2.79
C ASP C 319 49.80 23.67 1.58
N LYS C 320 49.94 23.10 0.40
CA LYS C 320 49.28 23.63 -0.79
C LYS C 320 47.94 22.94 -1.10
N SER C 321 47.02 22.94 -0.13
CA SER C 321 45.69 22.32 -0.36
C SER C 321 44.75 23.21 -1.21
N PRO C 322 43.90 22.59 -2.05
CA PRO C 322 43.04 23.36 -2.95
C PRO C 322 41.82 23.94 -2.27
N ALA C 323 41.17 24.87 -2.98
CA ALA C 323 39.81 25.28 -2.64
C ALA C 323 38.89 24.06 -2.69
N ILE C 324 38.01 23.95 -1.70
CA ILE C 324 37.15 22.75 -1.52
C ILE C 324 35.72 23.23 -1.32
N SER C 325 34.77 22.54 -1.95
CA SER C 325 33.38 22.65 -1.44
C SER C 325 32.69 21.35 -1.62
N ALA C 326 31.70 21.14 -0.77
CA ALA C 326 30.88 19.93 -0.78
C ALA C 326 29.50 20.32 -1.30
N THR C 327 29.24 20.02 -2.57
CA THR C 327 27.96 20.39 -3.16
C THR C 327 26.81 19.55 -2.58
N LYS C 328 27.10 18.43 -1.89
CA LYS C 328 26.01 17.67 -1.24
C LYS C 328 25.22 18.52 -0.25
N ALA C 329 25.85 19.57 0.29
CA ALA C 329 25.13 20.41 1.26
C ALA C 329 23.92 21.08 0.59
N MET C 330 24.02 21.33 -0.71
CA MET C 330 22.87 21.80 -1.53
C MET C 330 22.02 20.65 -2.06
N THR C 331 22.67 19.62 -2.61
CA THR C 331 21.94 18.67 -3.46
C THR C 331 21.44 17.42 -2.75
N GLY C 332 22.02 17.13 -1.59
CA GLY C 332 21.80 15.82 -0.97
C GLY C 332 22.68 14.78 -1.68
N HIS C 333 22.53 13.56 -1.21
CA HIS C 333 23.43 12.48 -1.63
C HIS C 333 22.68 11.51 -2.53
N SER C 334 22.96 11.55 -3.84
CA SER C 334 22.25 10.71 -4.80
C SER C 334 22.92 9.34 -4.97
N LEU C 335 23.75 8.96 -3.99
CA LEU C 335 24.22 7.55 -3.94
C LEU C 335 25.03 7.20 -5.21
N GLY C 336 24.57 6.23 -5.98
CA GLY C 336 25.29 5.81 -7.17
C GLY C 336 25.38 6.90 -8.24
N ALA C 337 24.43 7.85 -8.21
CA ALA C 337 24.43 8.94 -9.21
C ALA C 337 25.31 10.13 -8.79
N ALA C 338 25.85 10.12 -7.56
CA ALA C 338 26.58 11.30 -7.08
C ALA C 338 27.83 11.56 -7.89
N GLY C 339 28.56 10.51 -8.26
CA GLY C 339 29.84 10.74 -8.96
C GLY C 339 29.67 11.50 -10.27
N VAL C 340 28.69 11.08 -11.07
CA VAL C 340 28.51 11.74 -12.35
C VAL C 340 27.89 13.13 -12.17
N GLN C 341 26.93 13.24 -11.27
CA GLN C 341 26.35 14.58 -11.06
C GLN C 341 27.43 15.56 -10.57
N GLU C 342 28.31 15.11 -9.68
CA GLU C 342 29.36 16.00 -9.14
C GLU C 342 30.46 16.27 -10.15
N ALA C 343 30.75 15.29 -11.02
CA ALA C 343 31.63 15.56 -12.16
C ALA C 343 31.00 16.66 -13.02
N ILE C 344 29.68 16.58 -13.24
CA ILE C 344 29.03 17.62 -14.01
C ILE C 344 29.07 18.97 -13.30
N TYR C 345 28.77 19.01 -11.99
CA TYR C 345 28.91 20.29 -11.27
C TYR C 345 30.31 20.86 -11.45
N SER C 346 31.32 19.98 -11.34
CA SER C 346 32.70 20.43 -11.44
C SER C 346 33.00 20.96 -12.86
N LEU C 347 32.43 20.31 -13.87
CA LEU C 347 32.62 20.73 -15.26
C LEU C 347 31.93 22.08 -15.48
N LEU C 348 30.78 22.29 -14.85
CA LEU C 348 30.12 23.61 -14.98
C LEU C 348 30.96 24.71 -14.32
N MET C 349 31.54 24.41 -13.15
CA MET C 349 32.42 25.35 -12.48
C MET C 349 33.62 25.68 -13.36
N LEU C 350 34.17 24.66 -14.01
CA LEU C 350 35.30 24.83 -14.92
C LEU C 350 34.93 25.66 -16.15
N GLU C 351 33.77 25.35 -16.73
CA GLU C 351 33.33 25.99 -17.96
C GLU C 351 32.99 27.47 -17.71
N HIS C 352 32.33 27.72 -16.59
CA HIS C 352 31.82 29.08 -16.28
C HIS C 352 32.67 29.88 -15.31
N GLY C 353 33.76 29.28 -14.84
CA GLY C 353 34.73 29.99 -14.01
C GLY C 353 34.20 30.45 -12.67
N PHE C 354 33.68 29.51 -11.88
CA PHE C 354 33.33 29.85 -10.52
C PHE C 354 33.47 28.62 -9.64
N ILE C 355 33.50 28.86 -8.34
CA ILE C 355 33.45 27.80 -7.33
C ILE C 355 32.11 27.93 -6.58
N ALA C 356 31.35 26.84 -6.58
CA ALA C 356 30.09 26.79 -5.89
C ALA C 356 30.32 26.69 -4.39
N PRO C 357 29.45 27.30 -3.58
CA PRO C 357 29.69 27.34 -2.14
C PRO C 357 29.39 26.06 -1.41
N SER C 358 30.12 25.82 -0.32
CA SER C 358 29.81 24.75 0.61
C SER C 358 28.87 25.37 1.63
N ILE C 359 27.59 25.09 1.52
CA ILE C 359 26.58 25.83 2.31
C ILE C 359 26.34 25.23 3.69
N ASN C 360 25.61 25.96 4.54
CA ASN C 360 25.18 25.44 5.85
C ASN C 360 26.26 25.22 6.89
N ILE C 361 27.41 25.87 6.69
CA ILE C 361 28.48 25.76 7.69
C ILE C 361 28.30 26.92 8.70
N GLU C 362 27.50 26.64 9.72
CA GLU C 362 27.21 27.61 10.79
C GLU C 362 28.38 27.65 11.78
N GLU C 363 29.01 26.49 12.00
CA GLU C 363 30.20 26.41 12.82
C GLU C 363 31.10 25.36 12.18
N LEU C 364 32.23 25.82 11.68
CA LEU C 364 33.18 24.89 11.03
C LEU C 364 33.77 23.88 12.01
N ASP C 365 33.76 22.62 11.63
CA ASP C 365 34.35 21.57 12.45
C ASP C 365 35.81 21.93 12.77
N GLU C 366 36.18 21.74 14.04
CA GLU C 366 37.55 22.02 14.48
C GLU C 366 38.59 21.33 13.62
N GLN C 367 38.27 20.14 13.11
CA GLN C 367 39.24 19.39 12.30
C GLN C 367 39.48 20.01 10.93
N ALA C 368 38.61 20.93 10.52
CA ALA C 368 38.68 21.59 9.21
C ALA C 368 39.45 22.93 9.23
N ALA C 369 39.97 23.29 10.40
CA ALA C 369 40.69 24.56 10.55
C ALA C 369 41.86 24.68 9.59
N GLY C 370 42.03 25.85 8.99
CA GLY C 370 43.17 26.09 8.13
C GLY C 370 42.92 25.74 6.67
N LEU C 371 41.83 25.05 6.35
CA LEU C 371 41.61 24.63 4.96
C LEU C 371 40.81 25.68 4.21
N ASN C 372 40.91 25.68 2.89
CA ASN C 372 40.25 26.64 2.05
C ASN C 372 38.89 26.08 1.60
N ILE C 373 37.99 25.95 2.57
CA ILE C 373 36.60 25.54 2.29
C ILE C 373 35.80 26.80 1.88
N VAL C 374 35.35 26.81 0.63
CA VAL C 374 34.74 28.00 0.04
C VAL C 374 33.26 27.99 0.43
N THR C 375 32.80 29.06 1.07
CA THR C 375 31.43 29.15 1.58
C THR C 375 30.54 30.19 0.89
N GLU C 376 31.12 30.91 -0.06
CA GLU C 376 30.39 31.87 -0.89
C GLU C 376 30.77 31.63 -2.32
N THR C 377 29.80 31.79 -3.23
CA THR C 377 30.10 31.66 -4.65
C THR C 377 31.25 32.60 -5.02
N THR C 378 32.25 32.04 -5.69
CA THR C 378 33.47 32.78 -5.98
C THR C 378 33.84 32.67 -7.44
N ASP C 379 33.85 33.79 -8.17
CA ASP C 379 34.30 33.76 -9.55
C ASP C 379 35.81 33.52 -9.58
N ARG C 380 36.26 32.61 -10.42
CA ARG C 380 37.69 32.28 -10.48
C ARG C 380 37.92 31.55 -11.77
N GLU C 381 39.03 31.86 -12.44
CA GLU C 381 39.43 31.10 -13.60
C GLU C 381 40.00 29.79 -13.07
N LEU C 382 39.29 28.72 -13.31
CA LEU C 382 39.78 27.38 -12.94
C LEU C 382 40.35 26.67 -14.16
N THR C 383 41.35 25.81 -13.93
CA THR C 383 41.92 25.04 -15.03
C THR C 383 41.83 23.52 -14.83
N THR C 384 42.09 23.11 -13.60
CA THR C 384 42.15 21.69 -13.21
C THR C 384 41.33 21.48 -11.97
N VAL C 385 40.45 20.48 -12.02
CA VAL C 385 39.54 20.18 -10.90
C VAL C 385 39.58 18.71 -10.56
N MET C 386 39.30 18.42 -9.29
CA MET C 386 39.31 17.05 -8.77
C MET C 386 37.95 16.76 -8.12
N SER C 387 37.43 15.53 -8.32
CA SER C 387 36.17 15.16 -7.67
C SER C 387 36.27 13.74 -7.10
N ASN C 388 35.93 13.61 -5.83
CA ASN C 388 36.07 12.34 -5.11
C ASN C 388 34.75 11.62 -4.94
N SER C 389 34.77 10.29 -4.98
CA SER C 389 33.54 9.51 -4.66
C SER C 389 33.97 8.25 -3.91
N PHE C 390 33.29 7.95 -2.82
CA PHE C 390 33.62 6.76 -2.02
C PHE C 390 32.34 6.01 -1.74
N GLY C 391 32.46 4.71 -1.53
CA GLY C 391 31.29 3.92 -1.23
C GLY C 391 31.55 2.93 -0.11
N PHE C 392 30.45 2.46 0.52
CA PHE C 392 30.52 1.31 1.44
C PHE C 392 31.26 0.17 0.80
N GLY C 393 31.94 -0.59 1.63
CA GLY C 393 32.85 -1.62 1.14
C GLY C 393 34.26 -1.07 0.93
N GLY C 394 34.52 0.19 1.28
CA GLY C 394 35.89 0.72 1.09
C GLY C 394 36.28 0.87 -0.38
N THR C 395 35.35 1.39 -1.18
CA THR C 395 35.60 1.56 -2.61
C THR C 395 35.78 3.05 -2.92
N ASN C 396 36.86 3.35 -3.64
CA ASN C 396 37.28 4.73 -3.85
C ASN C 396 37.46 5.04 -5.33
N ALA C 397 36.98 6.23 -5.70
CA ALA C 397 37.19 6.78 -7.04
C ALA C 397 37.55 8.26 -6.95
N THR C 398 38.47 8.67 -7.82
CA THR C 398 38.79 10.11 -8.01
C THR C 398 38.91 10.38 -9.49
N LEU C 399 38.33 11.49 -9.90
CA LEU C 399 38.46 11.93 -11.27
C LEU C 399 39.13 13.31 -11.29
N VAL C 400 40.09 13.50 -12.20
CA VAL C 400 40.70 14.84 -12.38
C VAL C 400 40.45 15.28 -13.80
N MET C 401 39.98 16.53 -13.94
CA MET C 401 39.51 17.07 -15.20
C MET C 401 40.22 18.39 -15.47
N ARG C 402 40.70 18.58 -16.70
CA ARG C 402 41.45 19.79 -17.02
C ARG C 402 41.00 20.37 -18.36
N LYS C 403 40.85 21.70 -18.35
CA LYS C 403 40.58 22.44 -19.58
C LYS C 403 41.65 22.22 -20.63
N LEU C 404 41.26 22.17 -21.90
CA LEU C 404 42.23 22.19 -22.99
C LEU C 404 42.41 23.63 -23.51
N LYS C 405 43.55 23.87 -24.16
CA LYS C 405 43.83 25.16 -24.83
C LYS C 405 42.94 25.28 -26.06
N ASP C 406 42.51 26.49 -26.37
CA ASP C 406 41.70 26.71 -27.57
C ASP C 406 42.37 27.76 -28.45
C MET D 1 50.98 -6.62 -22.94
N LYS D 2 50.61 -6.40 -21.68
CA LYS D 2 50.76 -7.43 -20.66
C LYS D 2 49.74 -8.52 -20.90
N ARG D 3 50.14 -9.76 -20.58
CA ARG D 3 49.32 -10.93 -20.76
C ARG D 3 48.76 -11.36 -19.41
N ALA D 4 47.55 -11.91 -19.47
CA ALA D 4 46.81 -12.31 -18.26
C ALA D 4 46.55 -13.78 -18.29
N VAL D 5 46.86 -14.42 -17.16
CA VAL D 5 46.63 -15.85 -16.98
C VAL D 5 45.77 -16.14 -15.77
N ILE D 6 45.17 -17.33 -15.74
CA ILE D 6 44.36 -17.74 -14.59
C ILE D 6 45.23 -18.70 -13.76
N THR D 7 45.46 -18.36 -12.50
CA THR D 7 46.38 -19.11 -11.65
C THR D 7 45.73 -19.75 -10.42
N GLY D 8 44.40 -19.67 -10.31
CA GLY D 8 43.68 -20.30 -9.23
C GLY D 8 42.19 -20.18 -9.48
N LEU D 9 41.44 -21.15 -9.04
CA LEU D 9 39.98 -21.02 -9.15
C LEU D 9 39.27 -21.57 -7.94
N GLY D 10 38.00 -21.19 -7.78
CA GLY D 10 37.19 -21.61 -6.63
C GLY D 10 35.74 -21.53 -7.07
N ILE D 11 34.91 -22.41 -6.55
CA ILE D 11 33.56 -22.50 -7.05
C ILE D 11 32.64 -23.16 -6.02
N VAL D 12 31.42 -22.63 -5.88
CA VAL D 12 30.37 -23.23 -5.10
C VAL D 12 29.17 -23.28 -6.04
N SER D 13 28.78 -24.49 -6.43
CA SER D 13 27.82 -24.64 -7.54
C SER D 13 26.79 -25.70 -7.21
N SER D 14 25.72 -25.74 -8.00
CA SER D 14 24.70 -26.77 -7.82
C SER D 14 25.28 -28.17 -8.08
N ILE D 15 26.38 -28.24 -8.81
CA ILE D 15 27.02 -29.55 -9.09
C ILE D 15 28.31 -29.82 -8.30
N GLY D 16 28.63 -28.99 -7.31
CA GLY D 16 29.75 -29.34 -6.44
C GLY D 16 30.20 -28.11 -5.68
N ASN D 17 30.73 -28.36 -4.48
CA ASN D 17 31.15 -27.30 -3.54
C ASN D 17 32.63 -26.90 -3.64
N ASN D 18 33.28 -27.48 -4.62
CA ASN D 18 34.68 -27.17 -4.94
C ASN D 18 35.00 -27.74 -6.30
N GLN D 19 36.21 -27.48 -6.79
CA GLN D 19 36.54 -27.88 -8.13
C GLN D 19 36.58 -29.40 -8.33
N GLN D 20 36.90 -30.14 -7.27
CA GLN D 20 36.94 -31.59 -7.40
C GLN D 20 35.53 -32.17 -7.55
N GLU D 21 34.59 -31.70 -6.73
CA GLU D 21 33.18 -32.15 -6.83
C GLU D 21 32.59 -31.76 -8.18
N VAL D 22 32.90 -30.53 -8.62
CA VAL D 22 32.43 -30.05 -9.89
C VAL D 22 32.98 -30.90 -11.02
N LEU D 23 34.28 -31.20 -10.99
CA LEU D 23 34.91 -32.07 -11.99
C LEU D 23 34.19 -33.43 -12.06
N ALA D 24 33.93 -34.01 -10.90
CA ALA D 24 33.27 -35.34 -10.78
C ALA D 24 31.90 -35.26 -11.46
N SER D 25 31.20 -34.17 -11.22
CA SER D 25 29.85 -34.00 -11.76
C SER D 25 29.85 -33.80 -13.27
N LEU D 26 30.77 -32.96 -13.75
CA LEU D 26 30.91 -32.69 -15.19
C LEU D 26 31.19 -33.98 -15.96
N ARG D 27 32.09 -34.80 -15.42
CA ARG D 27 32.47 -36.05 -16.08
C ARG D 27 31.30 -37.02 -16.15
N GLU D 28 30.46 -37.00 -15.11
CA GLU D 28 29.34 -37.92 -14.97
C GLU D 28 28.09 -37.44 -15.75
N GLY D 29 28.08 -36.17 -16.18
CA GLY D 29 26.83 -35.52 -16.69
C GLY D 29 25.77 -35.46 -15.61
N ARG D 30 26.18 -35.21 -14.36
CA ARG D 30 25.29 -35.26 -13.22
C ARG D 30 24.51 -33.97 -13.08
N SER D 31 23.21 -34.08 -12.88
CA SER D 31 22.37 -32.89 -12.71
C SER D 31 22.51 -32.31 -11.30
N GLY D 32 22.50 -30.97 -11.20
CA GLY D 32 22.42 -30.30 -9.90
C GLY D 32 21.03 -29.81 -9.52
N ILE D 33 20.03 -30.21 -10.31
CA ILE D 33 18.68 -29.65 -10.20
C ILE D 33 17.83 -30.50 -9.30
N THR D 34 17.14 -29.84 -8.38
CA THR D 34 16.23 -30.49 -7.44
C THR D 34 14.89 -29.79 -7.39
N PHE D 35 13.88 -30.52 -6.89
CA PHE D 35 12.60 -29.93 -6.56
C PHE D 35 12.73 -28.91 -5.39
N SER D 36 12.06 -27.76 -5.51
CA SER D 36 12.09 -26.74 -4.48
C SER D 36 10.70 -26.53 -3.88
N GLN D 37 10.52 -26.93 -2.63
CA GLN D 37 9.29 -26.62 -1.92
C GLN D 37 9.11 -25.12 -1.75
N GLU D 38 10.22 -24.40 -1.54
CA GLU D 38 10.18 -22.95 -1.36
C GLU D 38 9.56 -22.30 -2.62
N LEU D 39 10.03 -22.69 -3.80
CA LEU D 39 9.49 -22.08 -5.01
C LEU D 39 8.01 -22.43 -5.14
N LYS D 40 7.67 -23.70 -4.89
CA LYS D 40 6.24 -24.09 -5.00
C LYS D 40 5.36 -23.33 -4.01
N ASP D 41 5.81 -23.24 -2.77
CA ASP D 41 5.03 -22.58 -1.73
C ASP D 41 4.76 -21.11 -2.04
N SER D 42 5.66 -20.48 -2.81
CA SER D 42 5.57 -19.06 -3.09
C SER D 42 4.45 -18.76 -4.11
N GLY D 43 3.96 -19.81 -4.77
CA GLY D 43 2.94 -19.64 -5.81
C GLY D 43 3.46 -19.71 -7.23
N MET D 44 4.76 -19.99 -7.37
CA MET D 44 5.38 -20.06 -8.69
C MET D 44 4.91 -21.27 -9.48
N ARG D 45 5.08 -21.18 -10.79
CA ARG D 45 4.83 -22.29 -11.72
C ARG D 45 6.07 -23.18 -11.93
N SER D 46 7.26 -22.59 -11.73
CA SER D 46 8.52 -23.36 -11.82
C SER D 46 8.84 -23.80 -10.41
N HIS D 47 9.04 -25.12 -10.24
CA HIS D 47 9.27 -25.67 -8.90
C HIS D 47 10.61 -26.39 -8.80
N VAL D 48 11.57 -26.00 -9.64
CA VAL D 48 12.85 -26.70 -9.73
C VAL D 48 13.96 -25.64 -9.65
N TRP D 49 15.08 -25.98 -9.02
CA TRP D 49 16.20 -25.01 -9.00
C TRP D 49 17.55 -25.74 -8.88
N GLY D 50 18.61 -25.00 -9.17
CA GLY D 50 19.98 -25.51 -9.05
C GLY D 50 20.53 -24.96 -7.75
N ASN D 51 20.28 -25.67 -6.65
CA ASN D 51 20.64 -25.19 -5.32
C ASN D 51 22.05 -25.59 -4.92
N VAL D 52 22.67 -24.75 -4.11
CA VAL D 52 23.95 -25.10 -3.48
C VAL D 52 23.63 -26.01 -2.29
N LYS D 53 24.29 -27.17 -2.28
CA LYS D 53 24.07 -28.21 -1.26
C LYS D 53 25.23 -28.18 -0.29
N LEU D 54 25.17 -27.17 0.55
CA LEU D 54 26.28 -26.86 1.49
C LEU D 54 25.67 -26.09 2.65
N ASP D 55 25.92 -26.59 3.84
CA ASP D 55 25.58 -25.86 5.05
C ASP D 55 26.71 -24.85 5.30
N THR D 56 26.42 -23.57 5.09
CA THR D 56 27.44 -22.50 5.20
C THR D 56 27.60 -21.98 6.62
N THR D 57 26.84 -22.56 7.56
CA THR D 57 26.88 -22.14 8.97
C THR D 57 28.28 -22.24 9.47
N GLY D 58 28.77 -21.11 9.99
CA GLY D 58 30.05 -21.08 10.67
C GLY D 58 31.29 -21.12 9.79
N LEU D 59 31.12 -21.10 8.46
CA LEU D 59 32.28 -21.11 7.57
C LEU D 59 32.95 -19.75 7.43
N ILE D 60 32.21 -18.70 7.80
CA ILE D 60 32.70 -17.32 7.71
C ILE D 60 32.59 -16.68 9.07
N ASP D 61 33.65 -15.99 9.49
CA ASP D 61 33.64 -15.30 10.80
C ASP D 61 32.35 -14.47 11.02
N ARG D 62 31.81 -14.55 12.24
CA ARG D 62 30.59 -13.86 12.63
C ARG D 62 30.58 -12.39 12.25
N LYS D 63 31.68 -11.68 12.50
CA LYS D 63 31.69 -10.22 12.28
C LYS D 63 31.83 -9.84 10.81
N VAL D 64 32.23 -10.82 9.98
CA VAL D 64 32.32 -10.63 8.55
C VAL D 64 30.99 -11.01 7.89
N VAL D 65 30.44 -12.17 8.28
CA VAL D 65 29.26 -12.68 7.56
C VAL D 65 28.00 -11.85 7.87
N ARG D 66 28.04 -11.04 8.94
CA ARG D 66 26.84 -10.30 9.35
C ARG D 66 26.50 -9.24 8.28
N PHE D 67 27.49 -8.86 7.46
CA PHE D 67 27.22 -7.83 6.43
C PHE D 67 26.76 -8.48 5.12
N MET D 68 26.76 -9.83 5.04
CA MET D 68 26.66 -10.52 3.76
C MET D 68 25.30 -11.13 3.44
N SER D 69 24.91 -11.03 2.19
CA SER D 69 23.83 -11.85 1.66
C SER D 69 24.39 -13.14 1.00
N ASP D 70 23.53 -14.04 0.53
CA ASP D 70 24.07 -15.30 0.01
C ASP D 70 24.99 -15.17 -1.21
N ALA D 71 24.73 -14.20 -2.10
CA ALA D 71 25.61 -14.04 -3.26
C ALA D 71 27.03 -13.79 -2.76
N SER D 72 27.13 -12.92 -1.76
CA SER D 72 28.44 -12.61 -1.16
C SER D 72 29.03 -13.81 -0.43
N ILE D 73 28.22 -14.57 0.31
CA ILE D 73 28.74 -15.79 0.97
C ILE D 73 29.33 -16.77 -0.09
N TYR D 74 28.61 -17.02 -1.19
CA TYR D 74 29.10 -17.97 -2.18
C TYR D 74 30.37 -17.45 -2.82
N ALA D 75 30.39 -16.15 -3.14
CA ALA D 75 31.59 -15.59 -3.76
C ALA D 75 32.78 -15.62 -2.77
N PHE D 76 32.54 -15.35 -1.49
CA PHE D 76 33.62 -15.33 -0.50
C PHE D 76 34.22 -16.75 -0.38
N LEU D 77 33.36 -17.76 -0.28
CA LEU D 77 33.86 -19.16 -0.16
C LEU D 77 34.64 -19.52 -1.42
N SER D 78 34.14 -19.10 -2.57
CA SER D 78 34.87 -19.32 -3.80
C SER D 78 36.23 -18.63 -3.82
N MET D 79 36.29 -17.41 -3.26
CA MET D 79 37.56 -16.67 -3.23
C MET D 79 38.54 -17.35 -2.27
N GLU D 80 38.07 -17.80 -1.11
CA GLU D 80 38.96 -18.59 -0.21
C GLU D 80 39.55 -19.77 -0.96
N GLN D 81 38.71 -20.48 -1.73
CA GLN D 81 39.22 -21.66 -2.48
C GLN D 81 40.25 -21.19 -3.51
N ALA D 82 39.98 -20.06 -4.17
CA ALA D 82 40.83 -19.63 -5.28
C ALA D 82 42.18 -19.14 -4.75
N ILE D 83 42.17 -18.43 -3.61
CA ILE D 83 43.44 -18.01 -2.97
C ILE D 83 44.32 -19.24 -2.70
N ALA D 84 43.73 -20.25 -2.04
CA ALA D 84 44.52 -21.45 -1.69
C ALA D 84 44.99 -22.13 -2.96
N ASP D 85 44.09 -22.28 -3.94
CA ASP D 85 44.42 -22.95 -5.20
C ASP D 85 45.53 -22.24 -5.97
N ALA D 86 45.60 -20.91 -5.77
CA ALA D 86 46.64 -20.10 -6.44
C ALA D 86 47.98 -20.15 -5.67
N GLY D 87 47.93 -20.64 -4.44
CA GLY D 87 49.16 -20.74 -3.62
C GLY D 87 49.54 -19.41 -3.02
N LEU D 88 48.56 -18.51 -2.86
CA LEU D 88 48.81 -17.15 -2.33
C LEU D 88 48.54 -17.08 -0.84
N SER D 89 49.41 -16.34 -0.15
CA SER D 89 49.25 -16.13 1.28
C SER D 89 49.06 -14.64 1.58
N PRO D 90 48.52 -14.34 2.76
CA PRO D 90 48.23 -12.91 3.03
C PRO D 90 49.38 -11.92 2.77
N GLU D 91 50.61 -12.28 3.12
CA GLU D 91 51.74 -11.38 2.83
C GLU D 91 51.84 -10.92 1.37
N ALA D 92 51.38 -11.77 0.45
CA ALA D 92 51.49 -11.53 -0.98
C ALA D 92 50.29 -10.74 -1.51
N TYR D 93 49.09 -11.01 -1.01
CA TYR D 93 47.90 -10.44 -1.64
C TYR D 93 47.17 -9.38 -0.81
N GLN D 94 47.37 -9.36 0.49
CA GLN D 94 46.69 -8.40 1.38
C GLN D 94 47.48 -7.09 1.49
N ASN D 95 46.76 -5.97 1.61
CA ASN D 95 47.36 -4.66 1.82
C ASN D 95 48.35 -4.34 0.71
N ASN D 96 47.98 -4.74 -0.51
CA ASN D 96 48.84 -4.67 -1.66
C ASN D 96 48.14 -3.88 -2.75
N PRO D 97 48.57 -2.64 -3.00
CA PRO D 97 47.87 -1.83 -4.01
C PRO D 97 47.83 -2.41 -5.42
N ARG D 98 48.70 -3.41 -5.70
CA ARG D 98 48.68 -4.04 -7.04
C ARG D 98 47.75 -5.26 -7.11
N VAL D 99 46.95 -5.51 -6.06
CA VAL D 99 46.03 -6.66 -6.09
C VAL D 99 44.62 -6.13 -5.86
N GLY D 100 43.72 -6.50 -6.74
CA GLY D 100 42.35 -5.99 -6.67
C GLY D 100 41.28 -7.05 -6.78
N LEU D 101 40.03 -6.58 -6.87
CA LEU D 101 38.88 -7.50 -6.88
C LEU D 101 37.76 -6.88 -7.72
N ILE D 102 37.28 -7.64 -8.72
CA ILE D 102 36.16 -7.24 -9.52
C ILE D 102 35.19 -8.43 -9.58
N ALA D 103 34.06 -8.28 -8.90
CA ALA D 103 33.14 -9.41 -8.78
C ALA D 103 31.75 -8.88 -8.52
N GLY D 104 30.74 -9.50 -9.14
CA GLY D 104 29.40 -8.95 -9.07
C GLY D 104 28.30 -10.01 -9.02
N SER D 105 27.07 -9.52 -8.95
CA SER D 105 25.87 -10.35 -9.01
C SER D 105 24.92 -9.72 -10.02
N GLY D 106 24.03 -10.54 -10.57
CA GLY D 106 23.00 -9.97 -11.46
C GLY D 106 21.91 -9.25 -10.69
N GLY D 107 21.59 -9.73 -9.48
CA GLY D 107 20.40 -9.24 -8.76
C GLY D 107 20.62 -8.55 -7.43
N GLY D 108 21.85 -8.57 -6.91
CA GLY D 108 22.10 -8.07 -5.54
C GLY D 108 21.50 -9.03 -4.56
N SER D 109 20.57 -8.54 -3.75
CA SER D 109 19.83 -9.43 -2.85
C SER D 109 18.38 -8.99 -2.74
N PRO D 110 17.55 -9.45 -3.67
CA PRO D 110 16.09 -9.30 -3.49
C PRO D 110 15.62 -9.84 -2.14
N ARG D 111 16.24 -10.92 -1.64
CA ARG D 111 15.81 -11.45 -0.36
C ARG D 111 16.00 -10.44 0.73
N PHE D 112 17.18 -9.81 0.80
CA PHE D 112 17.39 -8.86 1.89
C PHE D 112 16.74 -7.49 1.70
N GLN D 113 16.53 -7.12 0.44
CA GLN D 113 15.74 -5.91 0.15
C GLN D 113 14.32 -6.13 0.66
N VAL D 114 13.75 -7.28 0.33
CA VAL D 114 12.40 -7.63 0.80
C VAL D 114 12.32 -7.78 2.32
N PHE D 115 13.33 -8.41 2.92
CA PHE D 115 13.44 -8.47 4.35
C PHE D 115 13.40 -7.07 4.99
N GLY D 116 14.20 -6.15 4.44
CA GLY D 116 14.24 -4.79 4.94
C GLY D 116 12.87 -4.13 4.92
N ALA D 117 12.19 -4.23 3.79
CA ALA D 117 10.89 -3.60 3.62
C ALA D 117 9.85 -4.26 4.50
N ASP D 118 9.87 -5.60 4.59
CA ASP D 118 8.90 -6.29 5.48
C ASP D 118 9.12 -5.91 6.93
N ALA D 119 10.38 -5.88 7.35
CA ALA D 119 10.70 -5.56 8.74
C ALA D 119 10.29 -4.12 9.04
N MET D 120 10.61 -3.21 8.12
CA MET D 120 10.28 -1.80 8.32
C MET D 120 8.77 -1.59 8.51
N ARG D 121 8.00 -2.38 7.77
CA ARG D 121 6.54 -2.23 7.71
C ARG D 121 5.84 -2.83 8.94
N GLY D 122 6.60 -3.54 9.78
CA GLY D 122 6.06 -4.09 11.02
C GLY D 122 6.23 -3.12 12.18
N PRO D 123 5.78 -3.56 13.37
CA PRO D 123 5.65 -2.59 14.46
C PRO D 123 6.96 -2.04 15.00
N ARG D 124 8.08 -2.70 14.68
CA ARG D 124 9.40 -2.28 15.19
C ARG D 124 10.21 -1.40 14.22
N GLY D 125 9.72 -1.25 12.99
CA GLY D 125 10.36 -0.35 12.03
C GLY D 125 11.88 -0.51 11.95
N LEU D 126 12.58 0.61 12.16
CA LEU D 126 14.05 0.65 11.99
C LEU D 126 14.77 -0.39 12.83
N LYS D 127 14.25 -0.65 14.04
CA LYS D 127 14.90 -1.61 14.94
C LYS D 127 14.79 -3.01 14.39
N ALA D 128 13.68 -3.32 13.70
CA ALA D 128 13.56 -4.64 13.06
C ALA D 128 14.46 -4.77 11.82
N VAL D 129 14.65 -3.65 11.10
CA VAL D 129 15.51 -3.68 9.89
C VAL D 129 16.95 -4.01 10.30
N GLY D 130 17.43 -3.31 11.33
CA GLY D 130 18.81 -3.47 11.83
C GLY D 130 19.79 -2.78 10.88
N PRO D 131 21.08 -2.74 11.28
CA PRO D 131 22.11 -1.97 10.55
C PRO D 131 22.88 -2.67 9.44
N TYR D 132 22.48 -3.89 9.06
CA TYR D 132 23.22 -4.65 8.06
C TYR D 132 22.56 -4.79 6.70
N VAL D 133 21.40 -4.16 6.47
CA VAL D 133 20.72 -4.40 5.21
C VAL D 133 21.33 -3.73 3.97
N VAL D 134 21.93 -2.53 4.11
CA VAL D 134 22.51 -1.91 2.89
C VAL D 134 23.57 -2.77 2.26
N THR D 135 24.47 -3.32 3.08
CA THR D 135 25.60 -4.07 2.54
C THR D 135 25.11 -5.42 2.01
N LYS D 136 24.03 -5.93 2.59
CA LYS D 136 23.39 -7.15 2.07
C LYS D 136 22.71 -6.89 0.74
N ALA D 137 22.00 -5.76 0.63
CA ALA D 137 21.12 -5.49 -0.51
C ALA D 137 21.67 -4.62 -1.64
N MET D 138 22.78 -3.91 -1.42
CA MET D 138 23.25 -3.01 -2.49
C MET D 138 23.81 -3.86 -3.62
N ALA D 139 23.76 -3.29 -4.82
CA ALA D 139 24.14 -3.94 -6.05
C ALA D 139 25.60 -4.44 -5.95
N SER D 140 26.47 -3.71 -5.21
CA SER D 140 27.91 -4.05 -5.18
C SER D 140 28.26 -4.93 -3.96
N GLY D 141 27.28 -5.55 -3.30
CA GLY D 141 27.58 -6.39 -2.13
C GLY D 141 28.69 -7.38 -2.35
N VAL D 142 28.69 -8.07 -3.49
CA VAL D 142 29.69 -9.12 -3.74
C VAL D 142 31.13 -8.57 -3.73
N SER D 143 31.36 -7.38 -4.28
CA SER D 143 32.72 -6.84 -4.22
C SER D 143 32.99 -6.25 -2.83
N ALA D 144 32.07 -5.42 -2.33
CA ALA D 144 32.25 -4.78 -1.00
C ALA D 144 32.56 -5.79 0.11
N CYS D 145 31.76 -6.85 0.14
CA CYS D 145 31.86 -7.82 1.24
C CYS D 145 33.07 -8.73 1.15
N LEU D 146 33.74 -8.76 0.00
CA LEU D 146 34.99 -9.56 -0.18
C LEU D 146 36.22 -8.67 -0.06
N ALA D 147 36.22 -7.53 -0.74
CA ALA D 147 37.41 -6.69 -0.74
C ALA D 147 37.75 -6.28 0.69
N THR D 148 36.72 -6.04 1.49
CA THR D 148 36.98 -5.55 2.83
C THR D 148 37.71 -6.59 3.73
N PRO D 149 37.10 -7.78 3.96
CA PRO D 149 37.77 -8.73 4.86
C PRO D 149 39.04 -9.33 4.24
N PHE D 150 39.14 -9.40 2.90
CA PHE D 150 40.40 -9.92 2.30
C PHE D 150 41.52 -8.86 2.23
N LYS D 151 41.22 -7.67 2.75
CA LYS D 151 42.23 -6.60 2.84
C LYS D 151 42.76 -6.20 1.47
N ILE D 152 41.85 -6.10 0.50
CA ILE D 152 42.25 -5.74 -0.85
C ILE D 152 42.50 -4.24 -0.93
N HIS D 153 43.64 -3.86 -1.54
CA HIS D 153 43.97 -2.44 -1.70
C HIS D 153 43.87 -1.88 -3.10
N GLY D 154 43.79 -2.75 -4.12
CA GLY D 154 43.76 -2.30 -5.51
C GLY D 154 42.34 -1.94 -5.94
N VAL D 155 41.99 -2.29 -7.19
CA VAL D 155 40.63 -1.97 -7.65
C VAL D 155 39.61 -2.74 -6.80
N ASN D 156 38.41 -2.18 -6.64
CA ASN D 156 37.35 -2.81 -5.86
C ASN D 156 36.05 -2.27 -6.38
N TYR D 157 35.36 -3.08 -7.17
CA TYR D 157 34.01 -2.75 -7.64
C TYR D 157 33.40 -3.98 -8.28
N SER D 158 32.10 -3.87 -8.55
CA SER D 158 31.37 -4.92 -9.23
C SER D 158 31.08 -4.45 -10.66
N ILE D 159 31.11 -5.36 -11.62
CA ILE D 159 30.45 -5.10 -12.90
C ILE D 159 29.11 -5.83 -12.75
N SER D 160 28.05 -5.24 -13.28
CA SER D 160 26.79 -5.90 -13.32
C SER D 160 26.26 -5.81 -14.76
N SER D 161 25.85 -6.95 -15.31
CA SER D 161 25.36 -7.04 -16.68
C SER D 161 24.47 -8.26 -16.75
N ALA D 162 23.60 -8.38 -15.74
CA ALA D 162 22.58 -9.41 -15.71
C ALA D 162 23.27 -10.78 -15.91
N CYS D 163 22.81 -11.60 -16.86
CA CYS D 163 23.36 -12.95 -16.98
C CYS D 163 24.79 -13.01 -17.59
N ALA D 164 25.36 -11.86 -17.93
CA ALA D 164 26.77 -11.74 -18.39
C ALA D 164 27.72 -11.25 -17.27
N THR D 165 27.16 -10.94 -16.11
CA THR D 165 27.89 -10.21 -15.08
C THR D 165 29.33 -10.69 -14.84
N SER D 166 29.48 -11.96 -14.45
CA SER D 166 30.79 -12.39 -13.99
C SER D 166 31.77 -12.64 -15.14
N ALA D 167 31.25 -12.77 -16.37
CA ALA D 167 32.12 -12.82 -17.55
C ALA D 167 32.73 -11.43 -17.77
N HIS D 168 31.90 -10.39 -17.70
CA HIS D 168 32.48 -9.05 -17.81
C HIS D 168 33.42 -8.74 -16.63
N CYS D 169 33.13 -9.23 -15.43
CA CYS D 169 34.12 -9.07 -14.35
C CYS D 169 35.50 -9.63 -14.74
N ILE D 170 35.50 -10.86 -15.29
CA ILE D 170 36.78 -11.48 -15.69
C ILE D 170 37.44 -10.64 -16.78
N GLY D 171 36.65 -10.21 -17.79
CA GLY D 171 37.25 -9.42 -18.87
C GLY D 171 37.81 -8.07 -18.37
N ASN D 172 37.07 -7.38 -17.48
CA ASN D 172 37.59 -6.15 -16.91
C ASN D 172 38.86 -6.40 -16.07
N ALA D 173 38.93 -7.56 -15.39
CA ALA D 173 40.15 -7.90 -14.63
C ALA D 173 41.33 -8.01 -15.61
N VAL D 174 41.09 -8.69 -16.76
CA VAL D 174 42.12 -8.80 -17.78
C VAL D 174 42.57 -7.42 -18.26
N GLU D 175 41.60 -6.52 -18.47
CA GLU D 175 41.97 -5.13 -18.85
C GLU D 175 42.83 -4.43 -17.79
N GLN D 176 42.58 -4.66 -16.49
CA GLN D 176 43.46 -4.07 -15.49
C GLN D 176 44.92 -4.56 -15.61
N ILE D 177 45.06 -5.85 -15.92
CA ILE D 177 46.40 -6.42 -16.16
C ILE D 177 47.01 -5.77 -17.42
N GLN D 178 46.21 -5.66 -18.49
CA GLN D 178 46.75 -5.14 -19.75
C GLN D 178 47.13 -3.68 -19.61
N LEU D 179 46.38 -2.92 -18.83
CA LEU D 179 46.73 -1.52 -18.60
C LEU D 179 47.92 -1.29 -17.66
N GLY D 180 48.48 -2.38 -17.12
CA GLY D 180 49.60 -2.31 -16.17
C GLY D 180 49.23 -1.85 -14.77
N LYS D 181 47.92 -1.79 -14.49
CA LYS D 181 47.47 -1.20 -13.23
C LYS D 181 47.47 -2.17 -12.06
N GLN D 182 47.35 -3.48 -12.35
CA GLN D 182 47.27 -4.49 -11.30
C GLN D 182 48.11 -5.69 -11.75
N ASP D 183 48.65 -6.40 -10.76
CA ASP D 183 49.37 -7.68 -10.98
C ASP D 183 48.46 -8.88 -10.81
N ILE D 184 47.48 -8.76 -9.91
CA ILE D 184 46.49 -9.83 -9.66
C ILE D 184 45.16 -9.14 -9.44
N VAL D 185 44.12 -9.66 -10.10
CA VAL D 185 42.75 -9.28 -9.77
C VAL D 185 41.92 -10.55 -9.56
N PHE D 186 41.30 -10.65 -8.38
CA PHE D 186 40.33 -11.72 -8.13
C PHE D 186 39.05 -11.34 -8.86
N ALA D 187 38.54 -12.22 -9.74
CA ALA D 187 37.37 -11.87 -10.54
C ALA D 187 36.34 -12.97 -10.52
N GLY D 188 35.08 -12.58 -10.45
CA GLY D 188 34.04 -13.58 -10.54
C GLY D 188 32.69 -13.05 -10.09
N GLY D 189 31.97 -13.83 -9.29
CA GLY D 189 30.66 -13.38 -8.89
C GLY D 189 29.91 -14.34 -8.00
N GLY D 190 28.70 -13.95 -7.68
CA GLY D 190 27.85 -14.77 -6.82
C GLY D 190 26.40 -14.44 -7.11
N GLU D 191 25.50 -15.37 -6.77
CA GLU D 191 24.05 -15.12 -6.93
C GLU D 191 23.29 -15.91 -5.91
N GLU D 192 22.40 -15.23 -5.20
CA GLU D 192 21.53 -15.94 -4.26
C GLU D 192 20.44 -16.66 -5.04
N LEU D 193 19.82 -17.61 -4.34
CA LEU D 193 18.71 -18.41 -4.91
C LEU D 193 17.53 -18.26 -3.99
N CYS D 194 16.42 -17.70 -4.48
CA CYS D 194 15.31 -17.35 -3.59
C CYS D 194 14.04 -17.11 -4.43
N TRP D 195 12.88 -17.39 -3.82
CA TRP D 195 11.61 -17.13 -4.50
C TRP D 195 11.47 -15.61 -4.82
N GLU D 196 12.01 -14.77 -3.92
CA GLU D 196 11.86 -13.32 -4.09
C GLU D 196 12.34 -12.86 -5.47
N MET D 197 13.50 -13.36 -5.90
CA MET D 197 14.00 -13.04 -7.22
C MET D 197 13.44 -13.99 -8.28
N ALA D 198 13.36 -15.28 -7.97
CA ALA D 198 12.97 -16.21 -9.01
C ALA D 198 11.57 -15.90 -9.54
N CYS D 199 10.69 -15.40 -8.66
CA CYS D 199 9.30 -15.17 -9.13
C CYS D 199 9.24 -14.09 -10.24
N GLU D 200 10.25 -13.20 -10.29
CA GLU D 200 10.29 -12.14 -11.27
C GLU D 200 10.51 -12.80 -12.66
N PHE D 201 11.37 -13.84 -12.68
CA PHE D 201 11.65 -14.51 -13.95
C PHE D 201 10.46 -15.40 -14.36
N ASP D 202 9.81 -16.04 -13.39
CA ASP D 202 8.64 -16.87 -13.70
C ASP D 202 7.53 -15.99 -14.27
N ALA D 203 7.41 -14.77 -13.73
CA ALA D 203 6.34 -13.85 -14.16
C ALA D 203 6.51 -13.36 -15.59
N MET D 204 7.74 -13.43 -16.11
CA MET D 204 8.02 -13.16 -17.51
C MET D 204 8.00 -14.40 -18.42
N GLY D 205 7.68 -15.56 -17.83
CA GLY D 205 7.55 -16.81 -18.57
C GLY D 205 8.93 -17.37 -18.91
N ALA D 206 9.96 -16.98 -18.15
CA ALA D 206 11.33 -17.33 -18.54
C ALA D 206 11.80 -18.69 -18.01
N LEU D 207 11.13 -19.19 -16.98
CA LEU D 207 11.52 -20.42 -16.27
C LEU D 207 10.74 -21.64 -16.76
N SER D 208 11.44 -22.79 -16.71
CA SER D 208 10.80 -24.09 -17.02
C SER D 208 9.67 -24.40 -16.04
N THR D 209 8.53 -24.85 -16.58
CA THR D 209 7.36 -25.16 -15.76
C THR D 209 6.72 -26.54 -16.02
N LYS D 210 7.13 -27.20 -17.10
CA LYS D 210 6.48 -28.46 -17.52
C LYS D 210 7.12 -29.73 -16.98
N TYR D 211 8.20 -29.58 -16.21
CA TYR D 211 9.02 -30.72 -15.81
C TYR D 211 9.24 -30.82 -14.30
N ASN D 212 8.35 -30.20 -13.53
CA ASN D 212 8.52 -30.17 -12.08
C ASN D 212 8.53 -31.56 -11.42
N ASP D 213 7.90 -32.53 -12.09
CA ASP D 213 7.82 -33.89 -11.57
C ASP D 213 9.10 -34.66 -11.87
N THR D 214 9.88 -34.16 -12.81
CA THR D 214 11.19 -34.73 -13.12
C THR D 214 12.27 -33.64 -13.15
N PRO D 215 12.66 -33.15 -11.97
CA PRO D 215 13.52 -31.93 -11.94
C PRO D 215 14.82 -32.06 -12.71
N GLU D 216 15.43 -33.24 -12.75
CA GLU D 216 16.71 -33.38 -13.47
C GLU D 216 16.60 -33.31 -14.97
N LYS D 217 15.36 -33.30 -15.48
CA LYS D 217 15.06 -33.24 -16.90
C LYS D 217 14.60 -31.88 -17.38
N ALA D 218 14.36 -30.98 -16.42
CA ALA D 218 13.78 -29.67 -16.75
C ALA D 218 14.70 -28.82 -17.64
N SER D 219 16.00 -28.82 -17.34
CA SER D 219 16.95 -28.02 -18.07
C SER D 219 17.50 -28.88 -19.20
N ARG D 220 17.30 -28.43 -20.42
CA ARG D 220 17.44 -29.36 -21.59
C ARG D 220 17.78 -28.60 -22.84
N THR D 221 18.85 -27.79 -22.74
CA THR D 221 19.29 -26.93 -23.82
C THR D 221 19.36 -27.71 -25.14
N TYR D 222 18.75 -27.14 -26.18
CA TYR D 222 18.73 -27.68 -27.56
C TYR D 222 17.71 -28.78 -27.75
N ASP D 223 17.06 -29.23 -26.67
CA ASP D 223 15.98 -30.20 -26.80
C ASP D 223 14.73 -29.53 -27.37
N ALA D 224 14.05 -30.23 -28.26
CA ALA D 224 12.90 -29.63 -28.94
C ALA D 224 11.76 -29.28 -27.98
N HIS D 225 11.75 -29.86 -26.76
CA HIS D 225 10.69 -29.59 -25.79
C HIS D 225 11.11 -28.74 -24.59
N ARG D 226 12.22 -28.05 -24.77
CA ARG D 226 12.67 -27.11 -23.73
C ARG D 226 11.63 -26.02 -23.53
N ASP D 227 11.51 -25.51 -22.30
CA ASP D 227 10.45 -24.54 -22.04
C ASP D 227 10.92 -23.48 -21.01
N GLY D 228 12.20 -23.12 -21.11
CA GLY D 228 12.72 -22.10 -20.19
C GLY D 228 13.84 -22.58 -19.31
N PHE D 229 14.54 -21.63 -18.71
CA PHE D 229 15.68 -22.03 -17.89
C PHE D 229 15.28 -22.46 -16.49
N VAL D 230 16.23 -23.14 -15.84
CA VAL D 230 16.06 -23.54 -14.46
C VAL D 230 16.98 -22.65 -13.63
N ILE D 231 16.39 -21.88 -12.74
CA ILE D 231 17.17 -20.89 -11.98
C ILE D 231 18.08 -21.58 -10.98
N ALA D 232 19.26 -20.97 -10.77
CA ALA D 232 20.22 -21.54 -9.83
C ALA D 232 20.95 -20.45 -9.04
N GLY D 233 21.69 -20.87 -8.02
CA GLY D 233 22.51 -19.93 -7.26
C GLY D 233 23.91 -20.50 -7.05
N GLY D 234 24.82 -19.65 -6.59
CA GLY D 234 26.17 -20.09 -6.26
C GLY D 234 27.18 -19.00 -6.56
N GLY D 235 28.45 -19.40 -6.65
CA GLY D 235 29.54 -18.42 -6.78
C GLY D 235 30.71 -19.03 -7.49
N GLY D 236 31.59 -18.18 -7.99
CA GLY D 236 32.87 -18.62 -8.55
C GLY D 236 33.86 -17.49 -8.52
N MET D 237 35.15 -17.82 -8.45
CA MET D 237 36.17 -16.77 -8.46
C MET D 237 37.37 -17.36 -9.20
N VAL D 238 38.01 -16.56 -10.01
CA VAL D 238 39.31 -16.94 -10.59
C VAL D 238 40.36 -15.91 -10.24
N VAL D 239 41.61 -16.35 -10.20
CA VAL D 239 42.70 -15.41 -9.94
C VAL D 239 43.30 -15.01 -11.29
N VAL D 240 43.09 -13.75 -11.68
CA VAL D 240 43.61 -13.26 -12.95
C VAL D 240 44.95 -12.56 -12.66
N GLU D 241 46.02 -12.99 -13.33
CA GLU D 241 47.35 -12.54 -12.91
C GLU D 241 48.22 -12.20 -14.12
N GLU D 242 49.06 -11.16 -13.97
CA GLU D 242 49.99 -10.82 -15.04
C GLU D 242 50.99 -11.94 -15.25
N LEU D 243 51.28 -12.24 -16.51
CA LEU D 243 52.06 -13.47 -16.86
C LEU D 243 53.44 -13.50 -16.18
N GLU D 244 54.22 -12.45 -16.33
CA GLU D 244 55.59 -12.50 -15.74
C GLU D 244 55.56 -12.67 -14.22
N HIS D 245 54.60 -12.03 -13.57
CA HIS D 245 54.41 -12.17 -12.13
C HIS D 245 54.12 -13.61 -11.72
N ALA D 246 53.24 -14.28 -12.49
CA ALA D 246 52.85 -15.66 -12.26
C ALA D 246 54.07 -16.55 -12.44
N LEU D 247 54.80 -16.34 -13.53
CA LEU D 247 55.96 -17.21 -13.84
C LEU D 247 57.02 -17.05 -12.74
N ALA D 248 57.24 -15.81 -12.31
CA ALA D 248 58.30 -15.51 -11.35
C ALA D 248 58.06 -16.22 -10.02
N ARG D 249 56.79 -16.45 -9.68
CA ARG D 249 56.51 -17.13 -8.39
C ARG D 249 56.25 -18.63 -8.56
N GLY D 250 56.42 -19.15 -9.78
CA GLY D 250 56.14 -20.56 -10.03
C GLY D 250 54.67 -20.90 -9.82
N ALA D 251 53.81 -19.98 -10.23
CA ALA D 251 52.37 -20.29 -10.17
C ALA D 251 52.00 -21.47 -11.06
N HIS D 252 50.92 -22.15 -10.71
CA HIS D 252 50.27 -23.07 -11.63
C HIS D 252 49.34 -22.24 -12.50
N ILE D 253 49.49 -22.37 -13.81
CA ILE D 253 48.72 -21.58 -14.78
C ILE D 253 47.77 -22.51 -15.51
N TYR D 254 46.46 -22.28 -15.32
CA TYR D 254 45.47 -23.06 -16.04
C TYR D 254 45.47 -22.69 -17.53
N ALA D 255 45.46 -21.38 -17.82
CA ALA D 255 45.32 -20.91 -19.20
C ALA D 255 45.58 -19.41 -19.21
N GLU D 256 45.86 -18.92 -20.40
CA GLU D 256 45.96 -17.50 -20.68
C GLU D 256 44.57 -17.05 -21.17
N ILE D 257 44.15 -15.86 -20.77
CA ILE D 257 42.93 -15.31 -21.40
C ILE D 257 43.43 -14.58 -22.64
N VAL D 258 43.24 -15.23 -23.80
CA VAL D 258 43.77 -14.69 -25.06
C VAL D 258 42.74 -13.85 -25.81
N GLY D 259 41.51 -13.85 -25.33
CA GLY D 259 40.47 -13.09 -26.01
C GLY D 259 39.36 -12.71 -25.05
N TYR D 260 38.88 -11.47 -25.22
CA TYR D 260 37.74 -10.98 -24.43
C TYR D 260 36.90 -10.08 -25.31
N GLY D 261 35.69 -10.53 -25.60
CA GLY D 261 34.71 -9.74 -26.36
C GLY D 261 33.65 -9.19 -25.42
N ALA D 262 33.24 -7.95 -25.66
CA ALA D 262 32.12 -7.32 -24.94
C ALA D 262 31.40 -6.41 -25.93
N THR D 263 30.12 -6.72 -26.23
CA THR D 263 29.35 -5.94 -27.19
C THR D 263 27.94 -5.73 -26.68
N SER D 264 27.12 -5.08 -27.52
CA SER D 264 25.77 -4.69 -27.15
C SER D 264 24.88 -4.91 -28.38
N ASP D 265 23.68 -5.45 -28.19
CA ASP D 265 22.77 -5.65 -29.34
C ASP D 265 22.13 -4.34 -29.78
N GLY D 266 21.77 -3.48 -28.82
CA GLY D 266 21.03 -2.24 -29.19
C GLY D 266 19.71 -2.55 -29.88
N ALA D 267 19.00 -3.57 -29.39
CA ALA D 267 17.85 -4.14 -30.15
C ALA D 267 16.65 -4.42 -29.25
N ASP D 268 16.59 -5.60 -28.63
CA ASP D 268 15.48 -5.96 -27.77
C ASP D 268 15.95 -6.17 -26.34
N MET D 269 15.10 -5.83 -25.39
CA MET D 269 15.44 -5.99 -23.97
C MET D 269 15.57 -7.46 -23.52
N VAL D 270 14.66 -8.33 -23.98
CA VAL D 270 14.57 -9.68 -23.42
C VAL D 270 14.70 -10.81 -24.45
N ALA D 271 15.12 -10.42 -25.66
CA ALA D 271 15.46 -11.39 -26.71
C ALA D 271 16.74 -10.96 -27.41
N PRO D 272 17.66 -11.92 -27.64
CA PRO D 272 18.93 -11.57 -28.29
C PRO D 272 18.80 -11.34 -29.80
N SER D 273 19.62 -10.46 -30.36
CA SER D 273 19.58 -10.18 -31.82
C SER D 273 20.44 -11.15 -32.64
N GLY D 274 21.36 -11.81 -31.97
CA GLY D 274 22.32 -12.68 -32.66
C GLY D 274 23.49 -11.89 -33.21
N GLU D 275 23.18 -10.74 -33.81
CA GLU D 275 24.19 -9.86 -34.44
C GLU D 275 25.26 -9.41 -33.42
N GLY D 276 24.80 -9.08 -32.21
CA GLY D 276 25.71 -8.68 -31.14
C GLY D 276 26.65 -9.81 -30.73
N ALA D 277 26.09 -11.02 -30.66
CA ALA D 277 26.87 -12.21 -30.29
C ALA D 277 27.93 -12.53 -31.35
N VAL D 278 27.58 -12.33 -32.62
CA VAL D 278 28.50 -12.58 -33.71
C VAL D 278 29.73 -11.66 -33.54
N ARG D 279 29.50 -10.36 -33.30
CA ARG D 279 30.61 -9.44 -33.13
C ARG D 279 31.42 -9.73 -31.86
N CYS D 280 30.71 -10.15 -30.82
CA CYS D 280 31.35 -10.51 -29.56
C CYS D 280 32.35 -11.68 -29.70
N MET D 281 31.86 -12.77 -30.29
CA MET D 281 32.74 -13.91 -30.54
C MET D 281 33.92 -13.55 -31.43
N LYS D 282 33.66 -12.84 -32.53
CA LYS D 282 34.73 -12.40 -33.39
C LYS D 282 35.76 -11.53 -32.67
N MET D 283 35.28 -10.61 -31.84
CA MET D 283 36.18 -9.76 -31.09
C MET D 283 37.08 -10.62 -30.20
N ALA D 284 36.50 -11.63 -29.55
CA ALA D 284 37.30 -12.45 -28.62
C ALA D 284 38.30 -13.34 -29.37
N MET D 285 38.04 -13.59 -30.65
CA MET D 285 38.90 -14.48 -31.45
C MET D 285 39.97 -13.69 -32.19
N HIS D 286 39.89 -12.37 -32.13
CA HIS D 286 40.80 -11.57 -32.92
C HIS D 286 42.24 -11.79 -32.51
N GLY D 287 43.09 -12.10 -33.49
CA GLY D 287 44.50 -12.35 -33.20
C GLY D 287 44.80 -13.67 -32.49
N VAL D 288 43.78 -14.50 -32.30
CA VAL D 288 43.99 -15.86 -31.74
C VAL D 288 44.32 -16.81 -32.91
N ASP D 289 45.57 -17.31 -32.91
CA ASP D 289 46.11 -18.03 -34.07
C ASP D 289 45.88 -19.55 -34.00
N THR D 290 45.01 -19.97 -33.08
CA THR D 290 44.65 -21.38 -32.92
C THR D 290 43.13 -21.53 -33.03
N PRO D 291 42.65 -22.70 -33.53
CA PRO D 291 41.21 -22.94 -33.63
C PRO D 291 40.57 -23.06 -32.25
N ILE D 292 39.27 -22.77 -32.17
CA ILE D 292 38.53 -23.04 -30.96
C ILE D 292 38.16 -24.52 -30.95
N ASP D 293 38.65 -25.23 -29.94
CA ASP D 293 38.41 -26.66 -29.81
C ASP D 293 37.08 -27.01 -29.15
N TYR D 294 36.59 -26.10 -28.28
CA TYR D 294 35.39 -26.38 -27.51
C TYR D 294 34.76 -25.02 -27.16
N LEU D 295 33.44 -24.97 -27.28
CA LEU D 295 32.65 -23.75 -26.96
C LEU D 295 31.60 -24.13 -25.92
N ASN D 296 31.68 -23.51 -24.73
CA ASN D 296 30.69 -23.64 -23.69
C ASN D 296 29.66 -22.57 -23.98
N SER D 297 28.51 -22.99 -24.47
CA SER D 297 27.53 -22.01 -24.96
C SER D 297 26.84 -21.34 -23.79
N HIS D 298 26.26 -20.16 -24.02
CA HIS D 298 25.38 -19.65 -22.97
C HIS D 298 24.16 -20.57 -22.72
N GLY D 299 23.50 -20.98 -23.82
CA GLY D 299 22.66 -22.19 -23.82
C GLY D 299 21.80 -22.39 -22.59
N THR D 300 20.78 -21.51 -22.44
CA THR D 300 19.96 -21.47 -21.23
C THR D 300 18.76 -22.44 -21.17
N SER D 301 18.42 -23.08 -22.30
CA SER D 301 17.24 -23.99 -22.40
C SER D 301 15.96 -23.20 -22.71
N THR D 302 16.15 -22.13 -23.47
CA THR D 302 15.08 -21.20 -23.86
C THR D 302 14.78 -21.39 -25.35
N PRO D 303 13.48 -21.48 -25.73
CA PRO D 303 13.15 -21.71 -27.16
C PRO D 303 13.92 -20.77 -28.15
N VAL D 304 13.78 -19.46 -28.00
CA VAL D 304 14.45 -18.51 -28.90
C VAL D 304 15.98 -18.43 -28.72
N GLY D 305 16.41 -18.18 -27.48
CA GLY D 305 17.81 -17.94 -27.18
C GLY D 305 18.75 -19.05 -27.64
N ASP D 306 18.32 -20.31 -27.42
CA ASP D 306 19.25 -21.40 -27.67
C ASP D 306 19.67 -21.37 -29.13
N VAL D 307 18.68 -21.23 -30.01
CA VAL D 307 18.92 -21.32 -31.47
C VAL D 307 19.43 -20.00 -32.06
N LYS D 308 19.10 -18.88 -31.40
CA LYS D 308 19.73 -17.62 -31.80
C LYS D 308 21.26 -17.70 -31.65
N GLU D 309 21.72 -18.26 -30.53
CA GLU D 309 23.14 -18.36 -30.31
C GLU D 309 23.77 -19.34 -31.30
N LEU D 310 23.10 -20.45 -31.59
CA LEU D 310 23.63 -21.39 -32.60
C LEU D 310 23.77 -20.72 -33.98
N ALA D 311 22.77 -19.90 -34.35
CA ALA D 311 22.86 -19.19 -35.62
C ALA D 311 24.07 -18.26 -35.61
N ALA D 312 24.32 -17.62 -34.46
CA ALA D 312 25.48 -16.75 -34.37
C ALA D 312 26.78 -17.55 -34.51
N ILE D 313 26.80 -18.74 -33.90
CA ILE D 313 27.98 -19.60 -33.96
C ILE D 313 28.26 -20.04 -35.41
N ARG D 314 27.19 -20.41 -36.12
CA ARG D 314 27.34 -20.75 -37.54
C ARG D 314 27.92 -19.60 -38.34
N GLU D 315 27.44 -18.39 -38.05
CA GLU D 315 27.89 -17.25 -38.80
C GLU D 315 29.38 -16.99 -38.55
N VAL D 316 29.82 -17.15 -37.31
CA VAL D 316 31.21 -16.91 -36.98
C VAL D 316 32.14 -17.96 -37.59
N PHE D 317 31.76 -19.23 -37.46
CA PHE D 317 32.68 -20.35 -37.73
C PHE D 317 32.48 -20.98 -39.12
N GLY D 318 31.30 -20.82 -39.70
CA GLY D 318 31.00 -21.45 -41.00
C GLY D 318 30.98 -22.96 -40.84
N ASP D 319 31.57 -23.67 -41.81
CA ASP D 319 31.59 -25.14 -41.80
C ASP D 319 32.38 -25.70 -40.61
N LYS D 320 33.45 -25.00 -40.25
CA LYS D 320 34.41 -25.47 -39.25
C LYS D 320 34.08 -24.98 -37.83
N SER D 321 32.93 -25.39 -37.32
CA SER D 321 32.49 -25.00 -35.98
C SER D 321 33.02 -25.95 -34.89
N PRO D 322 33.23 -25.41 -33.67
CA PRO D 322 33.80 -26.25 -32.60
C PRO D 322 32.81 -27.22 -31.98
N ALA D 323 33.32 -28.20 -31.22
CA ALA D 323 32.49 -28.98 -30.31
C ALA D 323 31.78 -27.99 -29.37
N ILE D 324 30.50 -28.24 -29.09
CA ILE D 324 29.70 -27.36 -28.26
C ILE D 324 29.02 -28.19 -27.19
N SER D 325 28.99 -27.68 -25.96
CA SER D 325 28.02 -28.20 -25.01
C SER D 325 27.50 -27.09 -24.11
N ALA D 326 26.26 -27.28 -23.68
CA ALA D 326 25.62 -26.36 -22.77
C ALA D 326 25.55 -26.97 -21.38
N THR D 327 26.46 -26.52 -20.50
CA THR D 327 26.52 -27.08 -19.17
C THR D 327 25.32 -26.72 -18.28
N LYS D 328 24.54 -25.71 -18.70
CA LYS D 328 23.36 -25.35 -17.90
C LYS D 328 22.30 -26.48 -17.87
N ALA D 329 22.40 -27.39 -18.84
CA ALA D 329 21.47 -28.53 -18.81
C ALA D 329 21.74 -29.37 -17.54
N MET D 330 22.98 -29.38 -17.05
CA MET D 330 23.31 -30.00 -15.75
C MET D 330 23.10 -29.06 -14.58
N THR D 331 23.53 -27.81 -14.74
CA THR D 331 23.77 -26.95 -13.57
C THR D 331 22.62 -25.98 -13.25
N GLY D 332 21.78 -25.74 -14.27
CA GLY D 332 20.83 -24.61 -14.18
C GLY D 332 21.59 -23.31 -14.46
N HIS D 333 20.83 -22.22 -14.35
CA HIS D 333 21.29 -20.90 -14.76
C HIS D 333 21.49 -20.03 -13.54
N SER D 334 22.76 -19.80 -13.18
CA SER D 334 23.08 -19.06 -11.96
C SER D 334 23.19 -17.57 -12.22
N LEU D 335 22.63 -17.11 -13.35
CA LEU D 335 22.45 -15.68 -13.59
C LEU D 335 23.82 -14.98 -13.60
N GLY D 336 24.04 -14.06 -12.66
CA GLY D 336 25.29 -13.30 -12.62
C GLY D 336 26.51 -14.16 -12.34
N ALA D 337 26.29 -15.34 -11.74
CA ALA D 337 27.40 -16.27 -11.44
C ALA D 337 27.72 -17.19 -12.59
N ALA D 338 26.88 -17.18 -13.61
CA ALA D 338 27.04 -18.16 -14.69
C ALA D 338 28.36 -18.01 -15.46
N GLY D 339 28.73 -16.76 -15.75
CA GLY D 339 29.95 -16.50 -16.54
C GLY D 339 31.20 -17.10 -15.90
N VAL D 340 31.41 -16.82 -14.62
CA VAL D 340 32.62 -17.32 -13.96
C VAL D 340 32.51 -18.83 -13.75
N GLN D 341 31.32 -19.31 -13.38
CA GLN D 341 31.22 -20.78 -13.14
C GLN D 341 31.51 -21.50 -14.46
N GLU D 342 30.97 -21.00 -15.55
CA GLU D 342 31.20 -21.66 -16.86
C GLU D 342 32.62 -21.48 -17.39
N ALA D 343 33.27 -20.35 -17.07
CA ALA D 343 34.71 -20.19 -17.35
C ALA D 343 35.45 -21.29 -16.61
N ILE D 344 35.07 -21.53 -15.35
CA ILE D 344 35.74 -22.58 -14.55
C ILE D 344 35.45 -23.97 -15.14
N TYR D 345 34.19 -24.27 -15.51
CA TYR D 345 33.94 -25.59 -16.18
C TYR D 345 34.82 -25.72 -17.40
N SER D 346 34.93 -24.66 -18.18
CA SER D 346 35.74 -24.67 -19.40
C SER D 346 37.22 -24.89 -19.06
N LEU D 347 37.70 -24.24 -18.00
CA LEU D 347 39.08 -24.42 -17.55
C LEU D 347 39.31 -25.83 -17.06
N LEU D 348 38.32 -26.41 -16.38
CA LEU D 348 38.42 -27.83 -15.91
C LEU D 348 38.52 -28.79 -17.12
N MET D 349 37.75 -28.49 -18.17
CA MET D 349 37.77 -29.32 -19.38
C MET D 349 39.11 -29.19 -20.06
N LEU D 350 39.65 -27.97 -20.08
CA LEU D 350 40.96 -27.72 -20.68
C LEU D 350 42.07 -28.42 -19.88
N GLU D 351 42.00 -28.29 -18.55
CA GLU D 351 43.00 -28.84 -17.63
C GLU D 351 42.99 -30.37 -17.58
N HIS D 352 41.80 -30.97 -17.68
CA HIS D 352 41.65 -32.41 -17.55
C HIS D 352 41.38 -33.14 -18.87
N GLY D 353 41.39 -32.43 -19.99
CA GLY D 353 41.31 -33.09 -21.33
C GLY D 353 40.00 -33.81 -21.59
N PHE D 354 38.87 -33.12 -21.40
CA PHE D 354 37.60 -33.75 -21.77
C PHE D 354 36.57 -32.66 -22.07
N ILE D 355 35.53 -33.07 -22.80
CA ILE D 355 34.35 -32.21 -23.06
C ILE D 355 33.19 -32.76 -22.25
N ALA D 356 32.56 -31.90 -21.44
CA ALA D 356 31.41 -32.31 -20.64
C ALA D 356 30.17 -32.41 -21.55
N PRO D 357 29.25 -33.34 -21.24
CA PRO D 357 28.11 -33.57 -22.15
C PRO D 357 27.04 -32.46 -22.05
N SER D 358 26.38 -32.22 -23.19
CA SER D 358 25.16 -31.42 -23.21
C SER D 358 24.02 -32.43 -22.99
N ILE D 359 23.48 -32.46 -21.77
CA ILE D 359 22.54 -33.52 -21.36
C ILE D 359 21.07 -33.21 -21.71
N ASN D 360 20.21 -34.23 -21.59
CA ASN D 360 18.76 -34.09 -21.77
C ASN D 360 18.30 -33.72 -23.18
N ILE D 361 19.15 -33.92 -24.17
CA ILE D 361 18.69 -33.73 -25.54
C ILE D 361 18.00 -35.04 -26.01
N GLU D 362 16.69 -35.10 -25.78
CA GLU D 362 15.94 -36.32 -26.11
C GLU D 362 15.54 -36.27 -27.57
N GLU D 363 15.33 -35.05 -28.07
CA GLU D 363 15.13 -34.80 -29.49
C GLU D 363 15.79 -33.48 -29.86
N LEU D 364 16.82 -33.55 -30.71
CA LEU D 364 17.56 -32.34 -31.09
C LEU D 364 16.73 -31.37 -31.92
N ASP D 365 16.73 -30.12 -31.50
CA ASP D 365 16.04 -29.07 -32.24
C ASP D 365 16.44 -29.04 -33.71
N GLU D 366 15.45 -28.88 -34.60
CA GLU D 366 15.70 -28.75 -36.04
C GLU D 366 16.75 -27.68 -36.36
N GLN D 367 16.67 -26.55 -35.68
CA GLN D 367 17.58 -25.44 -35.94
C GLN D 367 18.99 -25.65 -35.35
N ALA D 368 19.23 -26.85 -34.82
CA ALA D 368 20.51 -27.19 -34.19
C ALA D 368 21.24 -28.29 -34.98
N ALA D 369 20.80 -28.50 -36.22
CA ALA D 369 21.38 -29.50 -37.11
C ALA D 369 22.69 -28.99 -37.68
N GLY D 370 23.58 -29.91 -38.09
CA GLY D 370 24.85 -29.53 -38.72
C GLY D 370 25.93 -29.00 -37.79
N LEU D 371 25.73 -29.13 -36.48
CA LEU D 371 26.72 -28.67 -35.53
C LEU D 371 27.24 -29.85 -34.73
N ASN D 372 28.29 -29.61 -33.96
CA ASN D 372 28.92 -30.65 -33.17
C ASN D 372 28.55 -30.48 -31.71
N ILE D 373 27.28 -30.74 -31.39
CA ILE D 373 26.83 -30.72 -30.01
C ILE D 373 27.13 -32.05 -29.31
N VAL D 374 28.01 -31.99 -28.32
CA VAL D 374 28.55 -33.17 -27.67
C VAL D 374 27.57 -33.59 -26.59
N THR D 375 27.06 -34.82 -26.69
CA THR D 375 26.04 -35.30 -25.75
C THR D 375 26.50 -36.41 -24.79
N GLU D 376 27.77 -36.80 -24.94
CA GLU D 376 28.42 -37.77 -24.04
C GLU D 376 29.79 -37.24 -23.63
N THR D 377 30.18 -37.50 -22.37
CA THR D 377 31.50 -37.12 -21.88
C THR D 377 32.54 -37.66 -22.87
N THR D 378 33.42 -36.79 -23.35
CA THR D 378 34.35 -37.12 -24.41
C THR D 378 35.77 -36.71 -24.06
N ASP D 379 36.66 -37.69 -23.93
CA ASP D 379 38.06 -37.36 -23.67
C ASP D 379 38.63 -36.77 -24.93
N ARG D 380 39.35 -35.66 -24.77
CA ARG D 380 39.96 -34.99 -25.88
C ARG D 380 40.99 -33.99 -25.39
N GLU D 381 42.14 -33.96 -26.05
CA GLU D 381 43.16 -32.94 -25.79
C GLU D 381 42.66 -31.59 -26.33
N LEU D 382 42.25 -30.70 -25.44
CA LEU D 382 41.84 -29.35 -25.84
C LEU D 382 43.00 -28.39 -25.64
N THR D 383 43.07 -27.36 -26.47
CA THR D 383 44.07 -26.29 -26.34
C THR D 383 43.45 -24.89 -26.17
N THR D 384 42.36 -24.63 -26.90
CA THR D 384 41.73 -23.32 -26.91
C THR D 384 40.24 -23.52 -26.72
N VAL D 385 39.65 -22.82 -25.74
CA VAL D 385 38.22 -22.96 -25.44
C VAL D 385 37.58 -21.56 -25.41
N MET D 386 36.28 -21.55 -25.70
CA MET D 386 35.50 -20.29 -25.75
C MET D 386 34.26 -20.43 -24.86
N SER D 387 33.89 -19.35 -24.15
CA SER D 387 32.72 -19.40 -23.31
C SER D 387 31.93 -18.07 -23.52
N ASN D 388 30.66 -18.22 -23.90
CA ASN D 388 29.74 -17.11 -24.10
C ASN D 388 28.81 -16.85 -22.91
N SER D 389 28.57 -15.56 -22.62
CA SER D 389 27.55 -15.18 -21.65
C SER D 389 26.77 -13.99 -22.20
N PHE D 390 25.44 -14.07 -22.11
CA PHE D 390 24.63 -12.94 -22.55
C PHE D 390 23.67 -12.55 -21.45
N GLY D 391 23.13 -11.35 -21.52
CA GLY D 391 22.21 -10.92 -20.49
C GLY D 391 21.12 -10.04 -21.06
N PHE D 392 19.99 -10.02 -20.37
CA PHE D 392 18.91 -9.04 -20.67
C PHE D 392 19.48 -7.67 -20.86
N GLY D 393 18.86 -6.90 -21.76
CA GLY D 393 19.44 -5.65 -22.17
C GLY D 393 20.41 -5.74 -23.32
N GLY D 394 20.55 -6.95 -23.88
CA GLY D 394 21.42 -7.16 -25.03
C GLY D 394 22.88 -6.93 -24.72
N THR D 395 23.33 -7.47 -23.57
CA THR D 395 24.72 -7.35 -23.17
C THR D 395 25.44 -8.66 -23.46
N ASN D 396 26.58 -8.60 -24.17
CA ASN D 396 27.30 -9.83 -24.57
C ASN D 396 28.72 -9.86 -24.09
N ALA D 397 29.15 -11.06 -23.61
CA ALA D 397 30.56 -11.26 -23.26
C ALA D 397 31.02 -12.61 -23.83
N THR D 398 32.27 -12.64 -24.31
CA THR D 398 32.88 -13.92 -24.69
C THR D 398 34.30 -13.94 -24.15
N LEU D 399 34.70 -15.07 -23.59
CA LEU D 399 36.06 -15.26 -23.11
C LEU D 399 36.68 -16.41 -23.91
N VAL D 400 37.92 -16.20 -24.33
CA VAL D 400 38.69 -17.28 -24.97
C VAL D 400 39.92 -17.55 -24.13
N MET D 401 40.08 -18.83 -23.79
CA MET D 401 41.16 -19.24 -22.86
C MET D 401 42.00 -20.31 -23.56
N ARG D 402 43.32 -20.20 -23.42
CA ARG D 402 44.23 -21.11 -24.14
C ARG D 402 45.35 -21.56 -23.22
N LYS D 403 45.72 -22.83 -23.37
CA LYS D 403 46.93 -23.31 -22.71
C LYS D 403 48.16 -22.49 -23.05
N LEU D 404 49.06 -22.30 -22.08
CA LEU D 404 50.34 -21.66 -22.38
C LEU D 404 51.26 -22.57 -23.18
S1 TLM E . -31.48 -6.73 -1.61
C1 TLM E . -30.04 -6.39 -2.43
C2 TLM E . -29.41 -7.43 -2.96
C3 TLM E . -30.04 -8.59 -2.78
C4 TLM E . -31.39 -8.46 -2.12
C5 TLM E . -31.41 -9.42 -0.91
C6 TLM E . -32.29 -9.43 0.12
C7 TLM E . -32.11 -10.44 1.21
C8 TLM E . -32.88 -10.54 2.30
O1 TLM E . -29.66 -5.22 -2.52
C9 TLM E . -28.11 -7.28 -3.71
O2 TLM E . -29.56 -9.77 -3.16
C10 TLM E . -32.46 -8.76 -3.20
C11 TLM E . -33.44 -8.47 0.19
CL CL F . -37.25 19.40 -19.29
S1 TLM G . -19.73 11.45 23.94
C1 TLM G . -18.70 10.16 24.31
C2 TLM G . -17.42 10.50 24.56
C3 TLM G . -17.21 11.82 24.41
C4 TLM G . -18.44 12.65 24.16
C5 TLM G . -18.21 13.52 22.91
C6 TLM G . -19.17 14.21 22.26
C7 TLM G . -18.78 14.98 21.06
C8 TLM G . -19.60 15.74 20.31
O1 TLM G . -19.11 8.99 24.34
C9 TLM G . -16.32 9.55 24.92
O2 TLM G . -16.01 12.38 24.50
C10 TLM G . -18.69 13.55 25.38
C11 TLM G . -20.62 14.23 22.68
CL CL H . -34.87 -7.09 45.45
S1 TLM I . 31.02 7.03 1.57
C1 TLM I . 29.44 7.55 1.69
C2 TLM I . 28.98 7.62 2.96
C3 TLM I . 29.90 7.31 3.88
C4 TLM I . 31.26 6.94 3.35
C5 TLM I . 31.64 5.54 3.83
C6 TLM I . 32.63 4.72 3.37
C7 TLM I . 32.84 3.38 3.99
C8 TLM I . 33.83 2.50 3.68
O1 TLM I . 28.78 7.82 0.66
C9 TLM I . 27.58 8.05 3.34
O2 TLM I . 29.68 7.30 5.19
C10 TLM I . 32.27 8.01 3.83
C11 TLM I . 33.53 5.09 2.23
S1 TLM J . 20.43 -14.32 -22.08
C1 TLM J . 19.75 -15.25 -20.85
C2 TLM J . 18.47 -15.59 -21.02
C3 TLM J . 17.99 -15.22 -22.21
C4 TLM J . 18.97 -14.48 -23.10
C5 TLM J . 18.39 -13.11 -23.46
C6 TLM J . 19.05 -12.04 -23.94
C7 TLM J . 18.30 -10.79 -24.19
C8 TLM J . 18.78 -9.68 -24.77
O1 TLM J . 20.42 -15.57 -19.85
C9 TLM J . 17.68 -16.32 -19.95
O2 TLM J . 16.72 -15.42 -22.59
C10 TLM J . 19.28 -15.27 -24.39
C11 TLM J . 20.54 -12.04 -24.21
#